data_5S8S
# 
_entry.id   5S8S 
# 
_audit_conform.dict_name       mmcif_pdbx.dic 
_audit_conform.dict_version    5.387 
_audit_conform.dict_location   http://mmcif.pdb.org/dictionaries/ascii/mmcif_pdbx.dic 
# 
loop_
_database_2.database_id 
_database_2.database_code 
_database_2.pdbx_database_accession 
_database_2.pdbx_DOI 
PDB   5S8S         pdb_00005s8s 10.2210/pdb5s8s/pdb 
WWPDB D_1001404201 ?            ?                   
# 
loop_
_pdbx_audit_revision_history.ordinal 
_pdbx_audit_revision_history.data_content_type 
_pdbx_audit_revision_history.major_revision 
_pdbx_audit_revision_history.minor_revision 
_pdbx_audit_revision_history.revision_date 
1 'Structure model' 1 0 2021-02-17 
2 'Structure model' 1 1 2024-03-06 
# 
_pdbx_audit_revision_details.ordinal             1 
_pdbx_audit_revision_details.revision_ordinal    1 
_pdbx_audit_revision_details.data_content_type   'Structure model' 
_pdbx_audit_revision_details.provider            repository 
_pdbx_audit_revision_details.type                'Initial release' 
_pdbx_audit_revision_details.description         ? 
_pdbx_audit_revision_details.details             ? 
# 
loop_
_pdbx_audit_revision_group.ordinal 
_pdbx_audit_revision_group.revision_ordinal 
_pdbx_audit_revision_group.data_content_type 
_pdbx_audit_revision_group.group 
1 2 'Structure model' 'Data collection'     
2 2 'Structure model' 'Database references' 
# 
loop_
_pdbx_audit_revision_category.ordinal 
_pdbx_audit_revision_category.revision_ordinal 
_pdbx_audit_revision_category.data_content_type 
_pdbx_audit_revision_category.category 
1 2 'Structure model' chem_comp_atom 
2 2 'Structure model' chem_comp_bond 
3 2 'Structure model' database_2     
# 
loop_
_pdbx_audit_revision_item.ordinal 
_pdbx_audit_revision_item.revision_ordinal 
_pdbx_audit_revision_item.data_content_type 
_pdbx_audit_revision_item.item 
1 2 'Structure model' '_database_2.pdbx_DOI'                
2 2 'Structure model' '_database_2.pdbx_database_accession' 
# 
_pdbx_database_status.entry_id                        5S8S 
_pdbx_database_status.status_code                     REL 
_pdbx_database_status.status_code_sf                  REL 
_pdbx_database_status.status_code_mr                  ? 
_pdbx_database_status.status_code_cs                  ? 
_pdbx_database_status.recvd_initial_deposition_date   2021-01-22 
_pdbx_database_status.status_code_nmr_data            ? 
_pdbx_database_status.deposit_site                    RCSB 
_pdbx_database_status.process_site                    RCSB 
_pdbx_database_status.SG_entry                        ? 
_pdbx_database_status.pdb_format_compatible           Y 
_pdbx_database_status.methods_development_category    ? 
# 
loop_
_audit_author.name 
_audit_author.pdbx_ordinal 
_audit_author.identifier_ORCID 
'Grosjean, H.'     1  ? 
'Aimon, A.'        2  ? 
'Hassel-Hart , S.' 3  ? 
'Krojer, T.'       4  ? 
'Talon, R.'        5  ? 
'Douangamath, A.'  6  ? 
'Koekemoer, L.'    7  ? 
'Biggin, P.C.'     8  ? 
'Spencer, J.'      9  ? 
'von Delft, F.'    10 ? 
# 
_citation.id                        primary 
_citation.title                     
;Crystal Structures of the second bromodomain of Pleckstrin homology domain interacting protein (PHIP) in space group C2 soaked with crude reaction mixtures
;
_citation.journal_abbrev            'To Be Published' 
_citation.journal_volume            ? 
_citation.page_first                ? 
_citation.page_last                 ? 
_citation.year                      ? 
_citation.journal_id_ASTM           ? 
_citation.country                   ? 
_citation.journal_id_ISSN           ? 
_citation.journal_id_CSD            0353 
_citation.book_publisher            ? 
_citation.pdbx_database_id_PubMed   ? 
_citation.pdbx_database_id_DOI      ? 
# 
loop_
_citation_author.citation_id 
_citation_author.name 
_citation_author.identifier_ORCID 
_citation_author.ordinal 
primary 'Grosjean, H.'    ? 1  
primary 'Aimon, A.'       ? 2  
primary 'Hart , S.'       ? 3  
primary 'Krojer, T.'      ? 4  
primary 'Talon, R.'       ? 5  
primary 'Douangamath, A.' ? 6  
primary 'Koekemoer, L.'   ? 7  
primary 'Biggin, P.C.'    ? 8  
primary 'Spencer, J.'     ? 9  
primary 'von Delft, F.'   ? 10 
# 
loop_
_entity.id 
_entity.type 
_entity.src_method 
_entity.pdbx_description 
_entity.formula_weight 
_entity.pdbx_number_of_molecules 
_entity.pdbx_ec 
_entity.pdbx_mutation 
_entity.pdbx_fragment 
_entity.details 
1 polymer     man 'PH-interacting protein'                                                    17627.859 1   ? ? ? ? 
2 non-polymer syn 'N-(2-fluoro-4-methoxyphenyl)-4-(furan-2-carbonyl)piperazine-1-carboxamide' 347.341   1   ? ? ? ? 
3 water       nat water                                                                       18.015    189 ? ? ? ? 
# 
_entity_name_com.entity_id   1 
_entity_name_com.name        
'PHIP,DDB1- and CUL4-associated factor 14,IRS-1 PH domain-binding protein,WD repeat-containing protein 11' 
# 
_entity_poly.entity_id                      1 
_entity_poly.type                           'polypeptide(L)' 
_entity_poly.nstd_linkage                   no 
_entity_poly.nstd_monomer                   no 
_entity_poly.pdbx_seq_one_letter_code       
;MHHHHHHSSGVDLGTENLYFQSMSYDIQAWKKQCEELLNLIFQCEDSEPFRQPVDLLEYPDYRDIIDTPMDFATVRETLE
AGNYESPMELCKDVRLIFSNSKAYTPSKRSRIYSMSLRLSAFFEEHISSVLSDYKSALRFHKRNTITKR
;
_entity_poly.pdbx_seq_one_letter_code_can   
;MHHHHHHSSGVDLGTENLYFQSMSYDIQAWKKQCEELLNLIFQCEDSEPFRQPVDLLEYPDYRDIIDTPMDFATVRETLE
AGNYESPMELCKDVRLIFSNSKAYTPSKRSRIYSMSLRLSAFFEEHISSVLSDYKSALRFHKRNTITKR
;
_entity_poly.pdbx_strand_id                 A 
_entity_poly.pdbx_target_identifier         ? 
# 
loop_
_pdbx_entity_nonpoly.entity_id 
_pdbx_entity_nonpoly.name 
_pdbx_entity_nonpoly.comp_id 
2 'N-(2-fluoro-4-methoxyphenyl)-4-(furan-2-carbonyl)piperazine-1-carboxamide' Y0G 
3 water                                                                       HOH 
# 
loop_
_entity_poly_seq.entity_id 
_entity_poly_seq.num 
_entity_poly_seq.mon_id 
_entity_poly_seq.hetero 
1 1   MET n 
1 2   HIS n 
1 3   HIS n 
1 4   HIS n 
1 5   HIS n 
1 6   HIS n 
1 7   HIS n 
1 8   SER n 
1 9   SER n 
1 10  GLY n 
1 11  VAL n 
1 12  ASP n 
1 13  LEU n 
1 14  GLY n 
1 15  THR n 
1 16  GLU n 
1 17  ASN n 
1 18  LEU n 
1 19  TYR n 
1 20  PHE n 
1 21  GLN n 
1 22  SER n 
1 23  MET n 
1 24  SER n 
1 25  TYR n 
1 26  ASP n 
1 27  ILE n 
1 28  GLN n 
1 29  ALA n 
1 30  TRP n 
1 31  LYS n 
1 32  LYS n 
1 33  GLN n 
1 34  CYS n 
1 35  GLU n 
1 36  GLU n 
1 37  LEU n 
1 38  LEU n 
1 39  ASN n 
1 40  LEU n 
1 41  ILE n 
1 42  PHE n 
1 43  GLN n 
1 44  CYS n 
1 45  GLU n 
1 46  ASP n 
1 47  SER n 
1 48  GLU n 
1 49  PRO n 
1 50  PHE n 
1 51  ARG n 
1 52  GLN n 
1 53  PRO n 
1 54  VAL n 
1 55  ASP n 
1 56  LEU n 
1 57  LEU n 
1 58  GLU n 
1 59  TYR n 
1 60  PRO n 
1 61  ASP n 
1 62  TYR n 
1 63  ARG n 
1 64  ASP n 
1 65  ILE n 
1 66  ILE n 
1 67  ASP n 
1 68  THR n 
1 69  PRO n 
1 70  MET n 
1 71  ASP n 
1 72  PHE n 
1 73  ALA n 
1 74  THR n 
1 75  VAL n 
1 76  ARG n 
1 77  GLU n 
1 78  THR n 
1 79  LEU n 
1 80  GLU n 
1 81  ALA n 
1 82  GLY n 
1 83  ASN n 
1 84  TYR n 
1 85  GLU n 
1 86  SER n 
1 87  PRO n 
1 88  MET n 
1 89  GLU n 
1 90  LEU n 
1 91  CYS n 
1 92  LYS n 
1 93  ASP n 
1 94  VAL n 
1 95  ARG n 
1 96  LEU n 
1 97  ILE n 
1 98  PHE n 
1 99  SER n 
1 100 ASN n 
1 101 SER n 
1 102 LYS n 
1 103 ALA n 
1 104 TYR n 
1 105 THR n 
1 106 PRO n 
1 107 SER n 
1 108 LYS n 
1 109 ARG n 
1 110 SER n 
1 111 ARG n 
1 112 ILE n 
1 113 TYR n 
1 114 SER n 
1 115 MET n 
1 116 SER n 
1 117 LEU n 
1 118 ARG n 
1 119 LEU n 
1 120 SER n 
1 121 ALA n 
1 122 PHE n 
1 123 PHE n 
1 124 GLU n 
1 125 GLU n 
1 126 HIS n 
1 127 ILE n 
1 128 SER n 
1 129 SER n 
1 130 VAL n 
1 131 LEU n 
1 132 SER n 
1 133 ASP n 
1 134 TYR n 
1 135 LYS n 
1 136 SER n 
1 137 ALA n 
1 138 LEU n 
1 139 ARG n 
1 140 PHE n 
1 141 HIS n 
1 142 LYS n 
1 143 ARG n 
1 144 ASN n 
1 145 THR n 
1 146 ILE n 
1 147 THR n 
1 148 LYS n 
1 149 ARG n 
# 
_entity_src_gen.entity_id                          1 
_entity_src_gen.pdbx_src_id                        1 
_entity_src_gen.pdbx_alt_source_flag               sample 
_entity_src_gen.pdbx_seq_type                      'Biological sequence' 
_entity_src_gen.pdbx_beg_seq_num                   1 
_entity_src_gen.pdbx_end_seq_num                   149 
_entity_src_gen.gene_src_common_name               Human 
_entity_src_gen.gene_src_genus                     ? 
_entity_src_gen.pdbx_gene_src_gene                 'PHIP, DCAF14, WDR11' 
_entity_src_gen.gene_src_species                   ? 
_entity_src_gen.gene_src_strain                    ? 
_entity_src_gen.gene_src_tissue                    ? 
_entity_src_gen.gene_src_tissue_fraction           ? 
_entity_src_gen.gene_src_details                   ? 
_entity_src_gen.pdbx_gene_src_fragment             ? 
_entity_src_gen.pdbx_gene_src_scientific_name      'Homo sapiens' 
_entity_src_gen.pdbx_gene_src_ncbi_taxonomy_id     9606 
_entity_src_gen.pdbx_gene_src_variant              ? 
_entity_src_gen.pdbx_gene_src_cell_line            ? 
_entity_src_gen.pdbx_gene_src_atcc                 ? 
_entity_src_gen.pdbx_gene_src_organ                ? 
_entity_src_gen.pdbx_gene_src_organelle            ? 
_entity_src_gen.pdbx_gene_src_cell                 ? 
_entity_src_gen.pdbx_gene_src_cellular_location    ? 
_entity_src_gen.host_org_common_name               ? 
_entity_src_gen.pdbx_host_org_scientific_name      'Escherichia coli' 
_entity_src_gen.pdbx_host_org_ncbi_taxonomy_id     562 
_entity_src_gen.host_org_genus                     ? 
_entity_src_gen.pdbx_host_org_gene                 ? 
_entity_src_gen.pdbx_host_org_organ                ? 
_entity_src_gen.host_org_species                   ? 
_entity_src_gen.pdbx_host_org_tissue               ? 
_entity_src_gen.pdbx_host_org_tissue_fraction      ? 
_entity_src_gen.pdbx_host_org_strain               ? 
_entity_src_gen.pdbx_host_org_variant              ? 
_entity_src_gen.pdbx_host_org_cell_line            ? 
_entity_src_gen.pdbx_host_org_atcc                 ? 
_entity_src_gen.pdbx_host_org_culture_collection   ? 
_entity_src_gen.pdbx_host_org_cell                 ? 
_entity_src_gen.pdbx_host_org_organelle            ? 
_entity_src_gen.pdbx_host_org_cellular_location    ? 
_entity_src_gen.pdbx_host_org_vector_type          ? 
_entity_src_gen.pdbx_host_org_vector               ? 
_entity_src_gen.host_org_details                   ? 
_entity_src_gen.expression_system_id               ? 
_entity_src_gen.plasmid_name                       ? 
_entity_src_gen.plasmid_details                    ? 
_entity_src_gen.pdbx_description                   ? 
# 
loop_
_chem_comp.id 
_chem_comp.type 
_chem_comp.mon_nstd_flag 
_chem_comp.name 
_chem_comp.pdbx_synonyms 
_chem_comp.formula 
_chem_comp.formula_weight 
ALA 'L-peptide linking' y ALANINE                                                                     ? 'C3 H7 N O2'      89.093  
ARG 'L-peptide linking' y ARGININE                                                                    ? 'C6 H15 N4 O2 1'  175.209 
ASN 'L-peptide linking' y ASPARAGINE                                                                  ? 'C4 H8 N2 O3'     132.118 
ASP 'L-peptide linking' y 'ASPARTIC ACID'                                                             ? 'C4 H7 N O4'      133.103 
CYS 'L-peptide linking' y CYSTEINE                                                                    ? 'C3 H7 N O2 S'    121.158 
GLN 'L-peptide linking' y GLUTAMINE                                                                   ? 'C5 H10 N2 O3'    146.144 
GLU 'L-peptide linking' y 'GLUTAMIC ACID'                                                             ? 'C5 H9 N O4'      147.129 
GLY 'peptide linking'   y GLYCINE                                                                     ? 'C2 H5 N O2'      75.067  
HIS 'L-peptide linking' y HISTIDINE                                                                   ? 'C6 H10 N3 O2 1'  156.162 
HOH non-polymer         . WATER                                                                       ? 'H2 O'            18.015  
ILE 'L-peptide linking' y ISOLEUCINE                                                                  ? 'C6 H13 N O2'     131.173 
LEU 'L-peptide linking' y LEUCINE                                                                     ? 'C6 H13 N O2'     131.173 
LYS 'L-peptide linking' y LYSINE                                                                      ? 'C6 H15 N2 O2 1'  147.195 
MET 'L-peptide linking' y METHIONINE                                                                  ? 'C5 H11 N O2 S'   149.211 
PHE 'L-peptide linking' y PHENYLALANINE                                                               ? 'C9 H11 N O2'     165.189 
PRO 'L-peptide linking' y PROLINE                                                                     ? 'C5 H9 N O2'      115.130 
SER 'L-peptide linking' y SERINE                                                                      ? 'C3 H7 N O3'      105.093 
THR 'L-peptide linking' y THREONINE                                                                   ? 'C4 H9 N O3'      119.119 
TRP 'L-peptide linking' y TRYPTOPHAN                                                                  ? 'C11 H12 N2 O2'   204.225 
TYR 'L-peptide linking' y TYROSINE                                                                    ? 'C9 H11 N O3'     181.189 
VAL 'L-peptide linking' y VALINE                                                                      ? 'C5 H11 N O2'     117.146 
Y0G non-polymer         . 'N-(2-fluoro-4-methoxyphenyl)-4-(furan-2-carbonyl)piperazine-1-carboxamide' ? 'C17 H18 F N3 O4' 347.341 
# 
loop_
_pdbx_poly_seq_scheme.asym_id 
_pdbx_poly_seq_scheme.entity_id 
_pdbx_poly_seq_scheme.seq_id 
_pdbx_poly_seq_scheme.mon_id 
_pdbx_poly_seq_scheme.ndb_seq_num 
_pdbx_poly_seq_scheme.pdb_seq_num 
_pdbx_poly_seq_scheme.auth_seq_num 
_pdbx_poly_seq_scheme.pdb_mon_id 
_pdbx_poly_seq_scheme.auth_mon_id 
_pdbx_poly_seq_scheme.pdb_strand_id 
_pdbx_poly_seq_scheme.pdb_ins_code 
_pdbx_poly_seq_scheme.hetero 
A 1 1   MET 1   1292 ?    ?   ?   A . n 
A 1 2   HIS 2   1293 ?    ?   ?   A . n 
A 1 3   HIS 3   1294 ?    ?   ?   A . n 
A 1 4   HIS 4   1295 ?    ?   ?   A . n 
A 1 5   HIS 5   1296 ?    ?   ?   A . n 
A 1 6   HIS 6   1297 ?    ?   ?   A . n 
A 1 7   HIS 7   1298 ?    ?   ?   A . n 
A 1 8   SER 8   1299 ?    ?   ?   A . n 
A 1 9   SER 9   1300 ?    ?   ?   A . n 
A 1 10  GLY 10  1301 ?    ?   ?   A . n 
A 1 11  VAL 11  1302 ?    ?   ?   A . n 
A 1 12  ASP 12  1303 ?    ?   ?   A . n 
A 1 13  LEU 13  1304 ?    ?   ?   A . n 
A 1 14  GLY 14  1305 ?    ?   ?   A . n 
A 1 15  THR 15  1306 ?    ?   ?   A . n 
A 1 16  GLU 16  1307 ?    ?   ?   A . n 
A 1 17  ASN 17  1308 ?    ?   ?   A . n 
A 1 18  LEU 18  1309 ?    ?   ?   A . n 
A 1 19  TYR 19  1310 ?    ?   ?   A . n 
A 1 20  PHE 20  1311 ?    ?   ?   A . n 
A 1 21  GLN 21  1312 ?    ?   ?   A . n 
A 1 22  SER 22  1313 ?    ?   ?   A . n 
A 1 23  MET 23  1314 ?    ?   ?   A . n 
A 1 24  SER 24  1315 ?    ?   ?   A . n 
A 1 25  TYR 25  1316 1316 TYR TYR A . n 
A 1 26  ASP 26  1317 1317 ASP ASP A . n 
A 1 27  ILE 27  1318 1318 ILE ILE A . n 
A 1 28  GLN 28  1319 1319 GLN GLN A . n 
A 1 29  ALA 29  1320 1320 ALA ALA A . n 
A 1 30  TRP 30  1321 1321 TRP TRP A . n 
A 1 31  LYS 31  1322 1322 LYS LYS A . n 
A 1 32  LYS 32  1323 1323 LYS LYS A . n 
A 1 33  GLN 33  1324 1324 GLN GLN A . n 
A 1 34  CYS 34  1325 1325 CYS CYS A . n 
A 1 35  GLU 35  1326 1326 GLU GLU A . n 
A 1 36  GLU 36  1327 1327 GLU GLU A . n 
A 1 37  LEU 37  1328 1328 LEU LEU A . n 
A 1 38  LEU 38  1329 1329 LEU LEU A . n 
A 1 39  ASN 39  1330 1330 ASN ASN A . n 
A 1 40  LEU 40  1331 1331 LEU LEU A . n 
A 1 41  ILE 41  1332 1332 ILE ILE A . n 
A 1 42  PHE 42  1333 1333 PHE PHE A . n 
A 1 43  GLN 43  1334 1334 GLN GLN A . n 
A 1 44  CYS 44  1335 1335 CYS CYS A . n 
A 1 45  GLU 45  1336 1336 GLU GLU A . n 
A 1 46  ASP 46  1337 1337 ASP ASP A . n 
A 1 47  SER 47  1338 1338 SER SER A . n 
A 1 48  GLU 48  1339 1339 GLU GLU A . n 
A 1 49  PRO 49  1340 1340 PRO PRO A . n 
A 1 50  PHE 50  1341 1341 PHE PHE A . n 
A 1 51  ARG 51  1342 1342 ARG ARG A . n 
A 1 52  GLN 52  1343 1343 GLN GLN A . n 
A 1 53  PRO 53  1344 1344 PRO PRO A . n 
A 1 54  VAL 54  1345 1345 VAL VAL A . n 
A 1 55  ASP 55  1346 1346 ASP ASP A . n 
A 1 56  LEU 56  1347 1347 LEU LEU A . n 
A 1 57  LEU 57  1348 1348 LEU LEU A . n 
A 1 58  GLU 58  1349 1349 GLU GLU A . n 
A 1 59  TYR 59  1350 1350 TYR TYR A . n 
A 1 60  PRO 60  1351 1351 PRO PRO A . n 
A 1 61  ASP 61  1352 1352 ASP ASP A . n 
A 1 62  TYR 62  1353 1353 TYR TYR A . n 
A 1 63  ARG 63  1354 1354 ARG ARG A . n 
A 1 64  ASP 64  1355 1355 ASP ASP A . n 
A 1 65  ILE 65  1356 1356 ILE ILE A . n 
A 1 66  ILE 66  1357 1357 ILE ILE A . n 
A 1 67  ASP 67  1358 1358 ASP ASP A . n 
A 1 68  THR 68  1359 1359 THR THR A . n 
A 1 69  PRO 69  1360 1360 PRO PRO A . n 
A 1 70  MET 70  1361 1361 MET MET A . n 
A 1 71  ASP 71  1362 1362 ASP ASP A . n 
A 1 72  PHE 72  1363 1363 PHE PHE A . n 
A 1 73  ALA 73  1364 1364 ALA ALA A . n 
A 1 74  THR 74  1365 1365 THR THR A . n 
A 1 75  VAL 75  1366 1366 VAL VAL A . n 
A 1 76  ARG 76  1367 1367 ARG ARG A . n 
A 1 77  GLU 77  1368 1368 GLU GLU A . n 
A 1 78  THR 78  1369 1369 THR THR A . n 
A 1 79  LEU 79  1370 1370 LEU LEU A . n 
A 1 80  GLU 80  1371 1371 GLU GLU A . n 
A 1 81  ALA 81  1372 1372 ALA ALA A . n 
A 1 82  GLY 82  1373 1373 GLY GLY A . n 
A 1 83  ASN 83  1374 1374 ASN ASN A . n 
A 1 84  TYR 84  1375 1375 TYR TYR A . n 
A 1 85  GLU 85  1376 1376 GLU GLU A . n 
A 1 86  SER 86  1377 1377 SER SER A . n 
A 1 87  PRO 87  1378 1378 PRO PRO A . n 
A 1 88  MET 88  1379 1379 MET MET A . n 
A 1 89  GLU 89  1380 1380 GLU GLU A . n 
A 1 90  LEU 90  1381 1381 LEU LEU A . n 
A 1 91  CYS 91  1382 1382 CYS CYS A . n 
A 1 92  LYS 92  1383 1383 LYS LYS A . n 
A 1 93  ASP 93  1384 1384 ASP ASP A . n 
A 1 94  VAL 94  1385 1385 VAL VAL A . n 
A 1 95  ARG 95  1386 1386 ARG ARG A . n 
A 1 96  LEU 96  1387 1387 LEU LEU A . n 
A 1 97  ILE 97  1388 1388 ILE ILE A . n 
A 1 98  PHE 98  1389 1389 PHE PHE A . n 
A 1 99  SER 99  1390 1390 SER SER A . n 
A 1 100 ASN 100 1391 1391 ASN ASN A . n 
A 1 101 SER 101 1392 1392 SER SER A . n 
A 1 102 LYS 102 1393 1393 LYS LYS A . n 
A 1 103 ALA 103 1394 1394 ALA ALA A . n 
A 1 104 TYR 104 1395 1395 TYR TYR A . n 
A 1 105 THR 105 1396 1396 THR THR A . n 
A 1 106 PRO 106 1397 1397 PRO PRO A . n 
A 1 107 SER 107 1398 1398 SER SER A . n 
A 1 108 LYS 108 1399 1399 LYS LYS A . n 
A 1 109 ARG 109 1400 1400 ARG ARG A . n 
A 1 110 SER 110 1401 1401 SER SER A . n 
A 1 111 ARG 111 1402 1402 ARG ARG A . n 
A 1 112 ILE 112 1403 1403 ILE ILE A . n 
A 1 113 TYR 113 1404 1404 TYR TYR A . n 
A 1 114 SER 114 1405 1405 SER SER A . n 
A 1 115 MET 115 1406 1406 MET MET A . n 
A 1 116 SER 116 1407 1407 SER SER A . n 
A 1 117 LEU 117 1408 1408 LEU LEU A . n 
A 1 118 ARG 118 1409 1409 ARG ARG A . n 
A 1 119 LEU 119 1410 1410 LEU LEU A . n 
A 1 120 SER 120 1411 1411 SER SER A . n 
A 1 121 ALA 121 1412 1412 ALA ALA A . n 
A 1 122 PHE 122 1413 1413 PHE PHE A . n 
A 1 123 PHE 123 1414 1414 PHE PHE A . n 
A 1 124 GLU 124 1415 1415 GLU GLU A . n 
A 1 125 GLU 125 1416 1416 GLU GLU A . n 
A 1 126 HIS 126 1417 1417 HIS HIS A . n 
A 1 127 ILE 127 1418 1418 ILE ILE A . n 
A 1 128 SER 128 1419 1419 SER SER A . n 
A 1 129 SER 129 1420 1420 SER SER A . n 
A 1 130 VAL 130 1421 1421 VAL VAL A . n 
A 1 131 LEU 131 1422 1422 LEU LEU A . n 
A 1 132 SER 132 1423 1423 SER SER A . n 
A 1 133 ASP 133 1424 1424 ASP ASP A . n 
A 1 134 TYR 134 1425 1425 TYR TYR A . n 
A 1 135 LYS 135 1426 1426 LYS LYS A . n 
A 1 136 SER 136 1427 1427 SER SER A . n 
A 1 137 ALA 137 1428 1428 ALA ALA A . n 
A 1 138 LEU 138 1429 1429 LEU LEU A . n 
A 1 139 ARG 139 1430 1430 ARG ARG A . n 
A 1 140 PHE 140 1431 1431 PHE PHE A . n 
A 1 141 HIS 141 1432 1432 HIS HIS A . n 
A 1 142 LYS 142 1433 1433 LYS LYS A . n 
A 1 143 ARG 143 1434 1434 ARG ARG A . n 
A 1 144 ASN 144 1435 ?    ?   ?   A . n 
A 1 145 THR 145 1436 ?    ?   ?   A . n 
A 1 146 ILE 146 1437 ?    ?   ?   A . n 
A 1 147 THR 147 1438 ?    ?   ?   A . n 
A 1 148 LYS 148 1439 ?    ?   ?   A . n 
A 1 149 ARG 149 1440 ?    ?   ?   A . n 
# 
loop_
_pdbx_nonpoly_scheme.asym_id 
_pdbx_nonpoly_scheme.entity_id 
_pdbx_nonpoly_scheme.mon_id 
_pdbx_nonpoly_scheme.ndb_seq_num 
_pdbx_nonpoly_scheme.pdb_seq_num 
_pdbx_nonpoly_scheme.auth_seq_num 
_pdbx_nonpoly_scheme.pdb_mon_id 
_pdbx_nonpoly_scheme.auth_mon_id 
_pdbx_nonpoly_scheme.pdb_strand_id 
_pdbx_nonpoly_scheme.pdb_ins_code 
B 2 Y0G 1   1501 1501 Y0G LIG A . 
C 3 HOH 1   1601 151  HOH HOH A . 
C 3 HOH 2   1602 195  HOH HOH A . 
C 3 HOH 3   1603 167  HOH HOH A . 
C 3 HOH 4   1604 124  HOH HOH A . 
C 3 HOH 5   1605 16   HOH HOH A . 
C 3 HOH 6   1606 187  HOH HOH A . 
C 3 HOH 7   1607 7    HOH HOH A . 
C 3 HOH 8   1608 142  HOH HOH A . 
C 3 HOH 9   1609 174  HOH HOH A . 
C 3 HOH 10  1610 183  HOH HOH A . 
C 3 HOH 11  1611 89   HOH HOH A . 
C 3 HOH 12  1612 55   HOH HOH A . 
C 3 HOH 13  1613 98   HOH HOH A . 
C 3 HOH 14  1614 25   HOH HOH A . 
C 3 HOH 15  1615 94   HOH HOH A . 
C 3 HOH 16  1616 121  HOH HOH A . 
C 3 HOH 17  1617 83   HOH HOH A . 
C 3 HOH 18  1618 17   HOH HOH A . 
C 3 HOH 19  1619 85   HOH HOH A . 
C 3 HOH 20  1620 75   HOH HOH A . 
C 3 HOH 21  1621 65   HOH HOH A . 
C 3 HOH 22  1622 70   HOH HOH A . 
C 3 HOH 23  1623 36   HOH HOH A . 
C 3 HOH 24  1624 154  HOH HOH A . 
C 3 HOH 25  1625 162  HOH HOH A . 
C 3 HOH 26  1626 149  HOH HOH A . 
C 3 HOH 27  1627 146  HOH HOH A . 
C 3 HOH 28  1628 144  HOH HOH A . 
C 3 HOH 29  1629 76   HOH HOH A . 
C 3 HOH 30  1630 4    HOH HOH A . 
C 3 HOH 31  1631 12   HOH HOH A . 
C 3 HOH 32  1632 184  HOH HOH A . 
C 3 HOH 33  1633 10   HOH HOH A . 
C 3 HOH 34  1634 9    HOH HOH A . 
C 3 HOH 35  1635 84   HOH HOH A . 
C 3 HOH 36  1636 41   HOH HOH A . 
C 3 HOH 37  1637 20   HOH HOH A . 
C 3 HOH 38  1638 106  HOH HOH A . 
C 3 HOH 39  1639 60   HOH HOH A . 
C 3 HOH 40  1640 62   HOH HOH A . 
C 3 HOH 41  1641 166  HOH HOH A . 
C 3 HOH 42  1642 33   HOH HOH A . 
C 3 HOH 43  1643 18   HOH HOH A . 
C 3 HOH 44  1644 50   HOH HOH A . 
C 3 HOH 45  1645 31   HOH HOH A . 
C 3 HOH 46  1646 139  HOH HOH A . 
C 3 HOH 47  1647 140  HOH HOH A . 
C 3 HOH 48  1648 191  HOH HOH A . 
C 3 HOH 49  1649 59   HOH HOH A . 
C 3 HOH 50  1650 180  HOH HOH A . 
C 3 HOH 51  1651 3    HOH HOH A . 
C 3 HOH 52  1652 64   HOH HOH A . 
C 3 HOH 53  1653 182  HOH HOH A . 
C 3 HOH 54  1654 92   HOH HOH A . 
C 3 HOH 55  1655 52   HOH HOH A . 
C 3 HOH 56  1656 1    HOH HOH A . 
C 3 HOH 57  1657 160  HOH HOH A . 
C 3 HOH 58  1658 45   HOH HOH A . 
C 3 HOH 59  1659 28   HOH HOH A . 
C 3 HOH 60  1660 179  HOH HOH A . 
C 3 HOH 61  1661 108  HOH HOH A . 
C 3 HOH 62  1662 14   HOH HOH A . 
C 3 HOH 63  1663 39   HOH HOH A . 
C 3 HOH 64  1664 130  HOH HOH A . 
C 3 HOH 65  1665 35   HOH HOH A . 
C 3 HOH 66  1666 143  HOH HOH A . 
C 3 HOH 67  1667 44   HOH HOH A . 
C 3 HOH 68  1668 77   HOH HOH A . 
C 3 HOH 69  1669 138  HOH HOH A . 
C 3 HOH 70  1670 48   HOH HOH A . 
C 3 HOH 71  1671 158  HOH HOH A . 
C 3 HOH 72  1672 69   HOH HOH A . 
C 3 HOH 73  1673 157  HOH HOH A . 
C 3 HOH 74  1674 141  HOH HOH A . 
C 3 HOH 75  1675 159  HOH HOH A . 
C 3 HOH 76  1676 82   HOH HOH A . 
C 3 HOH 77  1677 23   HOH HOH A . 
C 3 HOH 78  1678 6    HOH HOH A . 
C 3 HOH 79  1679 40   HOH HOH A . 
C 3 HOH 80  1680 119  HOH HOH A . 
C 3 HOH 81  1681 19   HOH HOH A . 
C 3 HOH 82  1682 129  HOH HOH A . 
C 3 HOH 83  1683 135  HOH HOH A . 
C 3 HOH 84  1684 5    HOH HOH A . 
C 3 HOH 85  1685 113  HOH HOH A . 
C 3 HOH 86  1686 27   HOH HOH A . 
C 3 HOH 87  1687 150  HOH HOH A . 
C 3 HOH 88  1688 63   HOH HOH A . 
C 3 HOH 89  1689 56   HOH HOH A . 
C 3 HOH 90  1690 15   HOH HOH A . 
C 3 HOH 91  1691 105  HOH HOH A . 
C 3 HOH 92  1692 71   HOH HOH A . 
C 3 HOH 93  1693 54   HOH HOH A . 
C 3 HOH 94  1694 29   HOH HOH A . 
C 3 HOH 95  1695 101  HOH HOH A . 
C 3 HOH 96  1696 152  HOH HOH A . 
C 3 HOH 97  1697 90   HOH HOH A . 
C 3 HOH 98  1698 11   HOH HOH A . 
C 3 HOH 99  1699 80   HOH HOH A . 
C 3 HOH 100 1700 38   HOH HOH A . 
C 3 HOH 101 1701 86   HOH HOH A . 
C 3 HOH 102 1702 74   HOH HOH A . 
C 3 HOH 103 1703 137  HOH HOH A . 
C 3 HOH 104 1704 72   HOH HOH A . 
C 3 HOH 105 1705 42   HOH HOH A . 
C 3 HOH 106 1706 173  HOH HOH A . 
C 3 HOH 107 1707 131  HOH HOH A . 
C 3 HOH 108 1708 116  HOH HOH A . 
C 3 HOH 109 1709 120  HOH HOH A . 
C 3 HOH 110 1710 163  HOH HOH A . 
C 3 HOH 111 1711 96   HOH HOH A . 
C 3 HOH 112 1712 67   HOH HOH A . 
C 3 HOH 113 1713 88   HOH HOH A . 
C 3 HOH 114 1714 95   HOH HOH A . 
C 3 HOH 115 1715 81   HOH HOH A . 
C 3 HOH 116 1716 37   HOH HOH A . 
C 3 HOH 117 1717 126  HOH HOH A . 
C 3 HOH 118 1718 176  HOH HOH A . 
C 3 HOH 119 1719 127  HOH HOH A . 
C 3 HOH 120 1720 22   HOH HOH A . 
C 3 HOH 121 1721 122  HOH HOH A . 
C 3 HOH 122 1722 164  HOH HOH A . 
C 3 HOH 123 1723 53   HOH HOH A . 
C 3 HOH 124 1724 136  HOH HOH A . 
C 3 HOH 125 1725 181  HOH HOH A . 
C 3 HOH 126 1726 197  HOH HOH A . 
C 3 HOH 127 1727 13   HOH HOH A . 
C 3 HOH 128 1728 165  HOH HOH A . 
C 3 HOH 129 1729 118  HOH HOH A . 
C 3 HOH 130 1730 49   HOH HOH A . 
C 3 HOH 131 1731 91   HOH HOH A . 
C 3 HOH 132 1732 57   HOH HOH A . 
C 3 HOH 133 1733 202  HOH HOH A . 
C 3 HOH 134 1734 109  HOH HOH A . 
C 3 HOH 135 1735 34   HOH HOH A . 
C 3 HOH 136 1736 134  HOH HOH A . 
C 3 HOH 137 1737 117  HOH HOH A . 
C 3 HOH 138 1738 145  HOH HOH A . 
C 3 HOH 139 1739 2    HOH HOH A . 
C 3 HOH 140 1740 125  HOH HOH A . 
C 3 HOH 141 1741 123  HOH HOH A . 
C 3 HOH 142 1742 133  HOH HOH A . 
C 3 HOH 143 1743 172  HOH HOH A . 
C 3 HOH 144 1744 175  HOH HOH A . 
C 3 HOH 145 1745 30   HOH HOH A . 
C 3 HOH 146 1746 177  HOH HOH A . 
C 3 HOH 147 1747 161  HOH HOH A . 
C 3 HOH 148 1748 153  HOH HOH A . 
C 3 HOH 149 1749 178  HOH HOH A . 
C 3 HOH 150 1750 93   HOH HOH A . 
C 3 HOH 151 1751 115  HOH HOH A . 
C 3 HOH 152 1752 114  HOH HOH A . 
C 3 HOH 153 1753 185  HOH HOH A . 
C 3 HOH 154 1754 186  HOH HOH A . 
C 3 HOH 155 1755 8    HOH HOH A . 
C 3 HOH 156 1756 104  HOH HOH A . 
C 3 HOH 157 1757 156  HOH HOH A . 
C 3 HOH 158 1758 199  HOH HOH A . 
C 3 HOH 159 1759 107  HOH HOH A . 
C 3 HOH 160 1760 198  HOH HOH A . 
C 3 HOH 161 1761 61   HOH HOH A . 
C 3 HOH 162 1762 132  HOH HOH A . 
C 3 HOH 163 1763 51   HOH HOH A . 
C 3 HOH 164 1764 112  HOH HOH A . 
C 3 HOH 165 1765 148  HOH HOH A . 
C 3 HOH 166 1766 190  HOH HOH A . 
C 3 HOH 167 1767 78   HOH HOH A . 
C 3 HOH 168 1768 110  HOH HOH A . 
C 3 HOH 169 1769 193  HOH HOH A . 
C 3 HOH 170 1770 103  HOH HOH A . 
C 3 HOH 171 1771 68   HOH HOH A . 
C 3 HOH 172 1772 102  HOH HOH A . 
C 3 HOH 173 1773 99   HOH HOH A . 
C 3 HOH 174 1774 188  HOH HOH A . 
C 3 HOH 175 1775 46   HOH HOH A . 
C 3 HOH 176 1776 170  HOH HOH A . 
C 3 HOH 177 1777 73   HOH HOH A . 
C 3 HOH 178 1778 168  HOH HOH A . 
C 3 HOH 179 1779 196  HOH HOH A . 
C 3 HOH 180 1780 100  HOH HOH A . 
C 3 HOH 181 1781 200  HOH HOH A . 
C 3 HOH 182 1782 201  HOH HOH A . 
C 3 HOH 183 1783 111  HOH HOH A . 
C 3 HOH 184 1784 189  HOH HOH A . 
C 3 HOH 185 1785 192  HOH HOH A . 
C 3 HOH 186 1786 87   HOH HOH A . 
C 3 HOH 187 1787 97   HOH HOH A . 
C 3 HOH 188 1788 203  HOH HOH A . 
C 3 HOH 189 1789 79   HOH HOH A . 
# 
loop_
_pdbx_unobs_or_zero_occ_atoms.id 
_pdbx_unobs_or_zero_occ_atoms.PDB_model_num 
_pdbx_unobs_or_zero_occ_atoms.polymer_flag 
_pdbx_unobs_or_zero_occ_atoms.occupancy_flag 
_pdbx_unobs_or_zero_occ_atoms.auth_asym_id 
_pdbx_unobs_or_zero_occ_atoms.auth_comp_id 
_pdbx_unobs_or_zero_occ_atoms.auth_seq_id 
_pdbx_unobs_or_zero_occ_atoms.PDB_ins_code 
_pdbx_unobs_or_zero_occ_atoms.auth_atom_id 
_pdbx_unobs_or_zero_occ_atoms.label_alt_id 
_pdbx_unobs_or_zero_occ_atoms.label_asym_id 
_pdbx_unobs_or_zero_occ_atoms.label_comp_id 
_pdbx_unobs_or_zero_occ_atoms.label_seq_id 
_pdbx_unobs_or_zero_occ_atoms.label_atom_id 
1 1 Y 1 A LYS 1323 ? CE ? A LYS 32 CE 
2 1 Y 1 A LYS 1323 ? NZ ? A LYS 32 NZ 
# 
loop_
_software.pdbx_ordinal 
_software.name 
_software.version 
_software.date 
_software.type 
_software.contact_author 
_software.contact_author_email 
_software.classification 
_software.location 
_software.language 
_software.citation_id 
1 REFMAC      5.8.0267 ?               program 'Garib N. Murshudov' garib@ysbl.york.ac.uk    refinement        
http://www.ccp4.ac.uk/dist/html/refmac5.html        Fortran_77 ? 
2 Aimless     .        ?               program 'Phil Evans'         ?                        'data scaling'    
http://www.mrc-lmb.cam.ac.uk/harry/pre/aimless.html ?          ? 
3 PDB_EXTRACT 3.23     'SEP. 23, 2016' package PDB                  deposit@deposit.rcsb.org 'data extraction' 
http://sw-tools.pdb.org/apps/PDB_EXTRACT/           C++        ? 
4 XDS         .        ?               program ?                    ?                        'data reduction'  ? ?          ? 
5 REFMAC      .        ?               program ?                    ?                        phasing           ? ?          ? 
# 
_cell.entry_id           5S8S 
_cell.length_a           81.727 
_cell.length_b           27.107 
_cell.length_c           55.917 
_cell.angle_alpha        90.000 
_cell.angle_beta         100.020 
_cell.angle_gamma        90.000 
_cell.Z_PDB              4 
_cell.pdbx_unique_axis   ? 
# 
_symmetry.entry_id                         5S8S 
_symmetry.space_group_name_H-M             'C 1 2 1' 
_symmetry.pdbx_full_space_group_name_H-M   ? 
_symmetry.cell_setting                     ? 
_symmetry.Int_Tables_number                5 
# 
_exptl.crystals_number   1 
_exptl.entry_id          5S8S 
_exptl.method            'X-RAY DIFFRACTION' 
# 
_exptl_crystal.id                    1 
_exptl_crystal.density_meas          ? 
_exptl_crystal.density_Matthews      1.73 
_exptl_crystal.density_percent_sol   28.90 
_exptl_crystal.description           ? 
_exptl_crystal.preparation           ? 
# 
_exptl_crystal_grow.crystal_id      1 
_exptl_crystal_grow.method          'VAPOR DIFFUSION, SITTING DROP' 
_exptl_crystal_grow.pH              5.6 
_exptl_crystal_grow.temp            277 
_exptl_crystal_grow.pdbx_details    '20% PEG 8000, 0.04M POTASSIUM PHOSPHATE' 
_exptl_crystal_grow.temp_details    ? 
_exptl_crystal_grow.pdbx_pH_range   ? 
# 
_diffrn.id                               1 
_diffrn.ambient_temp                     100 
_diffrn.crystal_id                       1 
_diffrn.ambient_temp_details             ? 
_diffrn.pdbx_serial_crystal_experiment   ? 
# 
_diffrn_detector.detector               PIXEL 
_diffrn_detector.type                   'DECTRIS PILATUS 6M' 
_diffrn_detector.pdbx_collection_date   2019-04-08 
_diffrn_detector.diffrn_id              1 
_diffrn_detector.details                ? 
# 
_diffrn_radiation.diffrn_id                        1 
_diffrn_radiation.wavelength_id                    1 
_diffrn_radiation.pdbx_diffrn_protocol             'SINGLE WAVELENGTH' 
_diffrn_radiation.pdbx_monochromatic_or_laue_m_l   ? 
_diffrn_radiation.monochromator                    ? 
_diffrn_radiation.pdbx_scattering_type             x-ray 
# 
_diffrn_radiation_wavelength.id           1 
_diffrn_radiation_wavelength.wavelength   0.9159 
_diffrn_radiation_wavelength.wt           1.0 
# 
_diffrn_source.diffrn_id                   1 
_diffrn_source.source                      SYNCHROTRON 
_diffrn_source.type                        'DIAMOND BEAMLINE I04-1' 
_diffrn_source.pdbx_wavelength_list        0.9159 
_diffrn_source.pdbx_synchrotron_site       Diamond 
_diffrn_source.pdbx_synchrotron_beamline   I04-1 
_diffrn_source.pdbx_wavelength             ? 
# 
_reflns.entry_id                     5S8S 
_reflns.pdbx_diffrn_id               1 
_reflns.pdbx_ordinal                 1 
_reflns.observed_criterion_sigma_I   ? 
_reflns.observed_criterion_sigma_F   ? 
_reflns.d_resolution_low             55.064 
_reflns.d_resolution_high            1.22 
_reflns.number_obs                   21906 
_reflns.number_all                   ? 
_reflns.percent_possible_obs         82.000 
_reflns.pdbx_Rmerge_I_obs            ? 
_reflns.pdbx_Rsym_value              ? 
_reflns.pdbx_netI_over_sigmaI        12.200 
_reflns.B_iso_Wilson_estimate        ? 
_reflns.pdbx_redundancy              3.000 
_reflns.pdbx_Rrim_I_all              0.053 
_reflns.pdbx_Rpim_I_all              0.029 
_reflns.pdbx_CC_half                 0.998 
_reflns.pdbx_netI_over_av_sigmaI     ? 
_reflns.pdbx_number_measured_all     65640 
_reflns.pdbx_scaling_rejects         ? 
_reflns.pdbx_chi_squared             ? 
_reflns.Rmerge_F_all                 ? 
_reflns.Rmerge_F_obs                 ? 
_reflns.observed_criterion_F_max     ? 
_reflns.observed_criterion_F_min     ? 
_reflns.observed_criterion_I_max     ? 
_reflns.observed_criterion_I_min     ? 
_reflns.pdbx_d_res_high_opt          ? 
_reflns.pdbx_d_res_low_opt           ? 
_reflns.details                      ? 
_reflns.pdbx_CC_star                 ? 
# 
loop_
_reflns_shell.pdbx_diffrn_id 
_reflns_shell.pdbx_ordinal 
_reflns_shell.d_res_high 
_reflns_shell.d_res_low 
_reflns_shell.number_measured_obs 
_reflns_shell.number_measured_all 
_reflns_shell.number_unique_obs 
_reflns_shell.pdbx_rejects 
_reflns_shell.Rmerge_I_obs 
_reflns_shell.meanI_over_sigI_obs 
_reflns_shell.pdbx_Rsym_value 
_reflns_shell.pdbx_chi_squared 
_reflns_shell.pdbx_redundancy 
_reflns_shell.percent_possible_obs 
_reflns_shell.pdbx_netI_over_sigmaI_obs 
_reflns_shell.number_possible 
_reflns_shell.number_unique_all 
_reflns_shell.Rmerge_F_all 
_reflns_shell.Rmerge_F_obs 
_reflns_shell.Rmerge_I_all 
_reflns_shell.meanI_over_sigI_all 
_reflns_shell.percent_possible_all 
_reflns_shell.pdbx_Rrim_I_all 
_reflns_shell.pdbx_Rpim_I_all 
_reflns_shell.pdbx_CC_half 
_reflns_shell.pdbx_CC_star 
1 1 1.22  1.383  ? 2317 ? ? ? ? ? ? 2.100 ? 1.600  ? 1096 ? ? ? ? 37.100 0.585 0.371 0.828 ? 
1 2 3.990 40.241 ? 3528 ? ? ? ? ? ? 3.200 ? 29.200 ? 1094 ? ? ? ? 98.000 0.036 0.020 0.998 ? 
# 
_refine.entry_id                                 5S8S 
_refine.pdbx_refine_id                           'X-RAY DIFFRACTION' 
_refine.ls_d_res_high                            1.2200 
_refine.ls_d_res_low                             55.0600 
_refine.pdbx_ls_sigma_F                          0.000 
_refine.pdbx_data_cutoff_high_absF               ? 
_refine.pdbx_data_cutoff_low_absF                ? 
_refine.ls_percent_reflns_obs                    60.5800 
_refine.ls_number_reflns_obs                     20812 
_refine.ls_number_reflns_all                     ? 
_refine.pdbx_ls_cross_valid_method               THROUGHOUT 
_refine.ls_matrix_type                           ? 
_refine.pdbx_R_Free_selection_details            RANDOM 
_refine.details                                  
'HYDROGENS HAVE BEEN ADDED IN THE RIDING POSITIONS U VALUES      : REFINED INDIVIDUALLY' 
_refine.ls_R_factor_all                          ? 
_refine.ls_R_factor_obs                          0.1760 
_refine.ls_R_factor_R_work                       0.1739 
_refine.ls_wR_factor_R_work                      ? 
_refine.ls_R_factor_R_free                       0.2143 
_refine.ls_wR_factor_R_free                      ? 
_refine.ls_percent_reflns_R_free                 5.0000 
_refine.ls_number_reflns_R_free                  1810 
_refine.ls_number_reflns_R_work                  ? 
_refine.ls_R_factor_R_free_error                 ? 
_refine.B_iso_mean                               15.9620 
_refine.solvent_model_param_bsol                 ? 
_refine.solvent_model_param_ksol                 ? 
_refine.pdbx_isotropic_thermal_model             ? 
_refine.aniso_B[1][1]                            0.0500 
_refine.aniso_B[2][2]                            0.0200 
_refine.aniso_B[3][3]                            -0.1300 
_refine.aniso_B[1][2]                            -0.0000 
_refine.aniso_B[1][3]                            0.2100 
_refine.aniso_B[2][3]                            -0.0000 
_refine.correlation_coeff_Fo_to_Fc               0.9660 
_refine.correlation_coeff_Fo_to_Fc_free          0.9500 
_refine.overall_SU_R_Cruickshank_DPI             ? 
_refine.pdbx_overall_SU_R_free_Cruickshank_DPI   ? 
_refine.pdbx_overall_SU_R_Blow_DPI               ? 
_refine.pdbx_overall_SU_R_free_Blow_DPI          ? 
_refine.overall_SU_R_free                        ? 
_refine.pdbx_overall_ESU_R                       0.0960 
_refine.pdbx_overall_ESU_R_Free                  0.0950 
_refine.overall_SU_ML                            0.0610 
_refine.overall_SU_B                             1.4720 
_refine.solvent_model_details                    MASK 
_refine.pdbx_solvent_vdw_probe_radii             1.2000 
_refine.pdbx_solvent_ion_probe_radii             0.8000 
_refine.pdbx_solvent_shrinkage_radii             0.8000 
_refine.ls_number_parameters                     ? 
_refine.ls_number_restraints                     ? 
_refine.pdbx_starting_model                      5RJI 
_refine.pdbx_method_to_determine_struct          'FOURIER SYNTHESIS' 
_refine.pdbx_stereochemistry_target_values       'MAXIMUM LIKELIHOOD' 
_refine.pdbx_stereochem_target_val_spec_case     ? 
_refine.overall_FOM_work_R_set                   ? 
_refine.B_iso_max                                72.560 
_refine.B_iso_min                                7.700 
_refine.pdbx_overall_phase_error                 ? 
_refine.occupancy_max                            ? 
_refine.occupancy_min                            ? 
_refine.pdbx_diffrn_id                           1 
_refine.pdbx_TLS_residual_ADP_flag               ? 
_refine.pdbx_ls_sigma_I                          ? 
_refine.pdbx_data_cutoff_high_rms_absF           ? 
_refine.ls_R_factor_R_free_error_details         ? 
# 
_refine_hist.cycle_id                         final 
_refine_hist.pdbx_refine_id                   'X-RAY DIFFRACTION' 
_refine_hist.d_res_high                       1.2200 
_refine_hist.d_res_low                        55.0600 
_refine_hist.pdbx_number_atoms_ligand         25 
_refine_hist.number_atoms_solvent             189 
_refine_hist.number_atoms_total               1204 
_refine_hist.pdbx_number_residues_total       119 
_refine_hist.pdbx_B_iso_mean_ligand           22.21 
_refine_hist.pdbx_B_iso_mean_solvent          28.42 
_refine_hist.pdbx_number_atoms_protein        990 
_refine_hist.pdbx_number_atoms_nucleic_acid   0 
# 
loop_
_refine_ls_restr.pdbx_refine_id 
_refine_ls_restr.type 
_refine_ls_restr.number 
_refine_ls_restr.dev_ideal 
_refine_ls_restr.dev_ideal_target 
_refine_ls_restr.weight 
_refine_ls_restr.pdbx_restraint_function 
'X-RAY DIFFRACTION' r_bond_refined_d       2324 0.009  0.015  ? ? 
'X-RAY DIFFRACTION' r_bond_other_d         1536 0.001  0.017  ? ? 
'X-RAY DIFFRACTION' r_angle_refined_deg    2414 1.528  1.685  ? ? 
'X-RAY DIFFRACTION' r_angle_other_deg      3592 1.478  1.610  ? ? 
'X-RAY DIFFRACTION' r_dihedral_angle_1_deg 232  4.979  5.000  ? ? 
'X-RAY DIFFRACTION' r_dihedral_angle_2_deg 98   24.560 20.918 ? ? 
'X-RAY DIFFRACTION' r_dihedral_angle_3_deg 300  15.009 15.000 ? ? 
'X-RAY DIFFRACTION' r_dihedral_angle_4_deg 15   10.000 15.000 ? ? 
'X-RAY DIFFRACTION' r_chiral_restr         210  0.081  0.200  ? ? 
'X-RAY DIFFRACTION' r_gen_planes_refined   2270 0.007  0.020  ? ? 
'X-RAY DIFFRACTION' r_gen_planes_other     436  0.001  0.020  ? ? 
'X-RAY DIFFRACTION' r_mcbond_it            1092 0.880  1.471  ? ? 
'X-RAY DIFFRACTION' r_mcbond_other         1076 0.886  1.451  ? ? 
'X-RAY DIFFRACTION' r_mcangle_it           1084 1.547  2.120  ? ? 
# 
_refine_ls_shell.d_res_high                       1.2220 
_refine_ls_shell.d_res_low                        1.2540 
_refine_ls_shell.pdbx_total_number_of_bins_used   20 
_refine_ls_shell.percent_reflns_obs               2.0100 
_refine_ls_shell.number_reflns_R_work             52 
_refine_ls_shell.R_factor_all                     ? 
_refine_ls_shell.R_factor_R_work                  0.3000 
_refine_ls_shell.R_factor_R_free                  0.6580 
_refine_ls_shell.percent_reflns_R_free            ? 
_refine_ls_shell.number_reflns_R_free             1 
_refine_ls_shell.R_factor_R_free_error            ? 
_refine_ls_shell.number_reflns_all                53 
_refine_ls_shell.number_reflns_obs                ? 
_refine_ls_shell.pdbx_refine_id                   'X-RAY DIFFRACTION' 
_refine_ls_shell.R_factor_obs                     ? 
# 
_struct.entry_id                  5S8S 
_struct.title                     
'PanDDA analysis group deposition -- Crystal Structure of PHIP in complex with Z198194396 synthetic derivative' 
_struct.pdbx_model_details        ? 
_struct.pdbx_CASP_flag            ? 
_struct.pdbx_model_type_details   ? 
# 
_struct_keywords.entry_id        5S8S 
_struct_keywords.text            
;SGC - Diamond I04-1 fragment screening, PanDDA, XChemExplorer, Robotic chemistry, Crystal soaking, Reaction crudes, SIGNALING PROTEIN
;
_struct_keywords.pdbx_keywords   'SIGNALING PROTEIN' 
# 
loop_
_struct_asym.id 
_struct_asym.pdbx_blank_PDB_chainid_flag 
_struct_asym.pdbx_modified 
_struct_asym.entity_id 
_struct_asym.details 
A N N 1 ? 
B N N 2 ? 
C N N 3 ? 
# 
_struct_ref.id                         1 
_struct_ref.db_name                    UNP 
_struct_ref.db_code                    PHIP_HUMAN 
_struct_ref.pdbx_db_accession          Q8WWQ0 
_struct_ref.pdbx_db_isoform            ? 
_struct_ref.entity_id                  1 
_struct_ref.pdbx_seq_one_letter_code   
;SYDIQAWKKQCEELLNLIFQCEDSEPFRQPVDLLEYPDYRDIIDTPMDFATVRETLEAGNYESPMELCKDVRLIFSNSKA
YTPSKRSRIYSMSLRLSAFFEEHISSVLSDYKSALRFHKRNTITKR
;
_struct_ref.pdbx_align_begin           1315 
# 
_struct_ref_seq.align_id                      1 
_struct_ref_seq.ref_id                        1 
_struct_ref_seq.pdbx_PDB_id_code              5S8S 
_struct_ref_seq.pdbx_strand_id                A 
_struct_ref_seq.seq_align_beg                 24 
_struct_ref_seq.pdbx_seq_align_beg_ins_code   ? 
_struct_ref_seq.seq_align_end                 149 
_struct_ref_seq.pdbx_seq_align_end_ins_code   ? 
_struct_ref_seq.pdbx_db_accession             Q8WWQ0 
_struct_ref_seq.db_align_beg                  1315 
_struct_ref_seq.pdbx_db_align_beg_ins_code    ? 
_struct_ref_seq.db_align_end                  1440 
_struct_ref_seq.pdbx_db_align_end_ins_code    ? 
_struct_ref_seq.pdbx_auth_seq_align_beg       1315 
_struct_ref_seq.pdbx_auth_seq_align_end       1440 
# 
loop_
_struct_ref_seq_dif.align_id 
_struct_ref_seq_dif.pdbx_pdb_id_code 
_struct_ref_seq_dif.mon_id 
_struct_ref_seq_dif.pdbx_pdb_strand_id 
_struct_ref_seq_dif.seq_num 
_struct_ref_seq_dif.pdbx_pdb_ins_code 
_struct_ref_seq_dif.pdbx_seq_db_name 
_struct_ref_seq_dif.pdbx_seq_db_accession_code 
_struct_ref_seq_dif.db_mon_id 
_struct_ref_seq_dif.pdbx_seq_db_seq_num 
_struct_ref_seq_dif.details 
_struct_ref_seq_dif.pdbx_auth_seq_num 
_struct_ref_seq_dif.pdbx_ordinal 
1 5S8S MET A 1  ? UNP Q8WWQ0 ? ? 'initiating methionine' 1292 1  
1 5S8S HIS A 2  ? UNP Q8WWQ0 ? ? 'expression tag'        1293 2  
1 5S8S HIS A 3  ? UNP Q8WWQ0 ? ? 'expression tag'        1294 3  
1 5S8S HIS A 4  ? UNP Q8WWQ0 ? ? 'expression tag'        1295 4  
1 5S8S HIS A 5  ? UNP Q8WWQ0 ? ? 'expression tag'        1296 5  
1 5S8S HIS A 6  ? UNP Q8WWQ0 ? ? 'expression tag'        1297 6  
1 5S8S HIS A 7  ? UNP Q8WWQ0 ? ? 'expression tag'        1298 7  
1 5S8S SER A 8  ? UNP Q8WWQ0 ? ? 'expression tag'        1299 8  
1 5S8S SER A 9  ? UNP Q8WWQ0 ? ? 'expression tag'        1300 9  
1 5S8S GLY A 10 ? UNP Q8WWQ0 ? ? 'expression tag'        1301 10 
1 5S8S VAL A 11 ? UNP Q8WWQ0 ? ? 'expression tag'        1302 11 
1 5S8S ASP A 12 ? UNP Q8WWQ0 ? ? 'expression tag'        1303 12 
1 5S8S LEU A 13 ? UNP Q8WWQ0 ? ? 'expression tag'        1304 13 
1 5S8S GLY A 14 ? UNP Q8WWQ0 ? ? 'expression tag'        1305 14 
1 5S8S THR A 15 ? UNP Q8WWQ0 ? ? 'expression tag'        1306 15 
1 5S8S GLU A 16 ? UNP Q8WWQ0 ? ? 'expression tag'        1307 16 
1 5S8S ASN A 17 ? UNP Q8WWQ0 ? ? 'expression tag'        1308 17 
1 5S8S LEU A 18 ? UNP Q8WWQ0 ? ? 'expression tag'        1309 18 
1 5S8S TYR A 19 ? UNP Q8WWQ0 ? ? 'expression tag'        1310 19 
1 5S8S PHE A 20 ? UNP Q8WWQ0 ? ? 'expression tag'        1311 20 
1 5S8S GLN A 21 ? UNP Q8WWQ0 ? ? 'expression tag'        1312 21 
1 5S8S SER A 22 ? UNP Q8WWQ0 ? ? 'expression tag'        1313 22 
1 5S8S MET A 23 ? UNP Q8WWQ0 ? ? 'expression tag'        1314 23 
# 
_pdbx_struct_assembly.id                   1 
_pdbx_struct_assembly.details              author_and_software_defined_assembly 
_pdbx_struct_assembly.method_details       PISA 
_pdbx_struct_assembly.oligomeric_details   monomeric 
_pdbx_struct_assembly.oligomeric_count     1 
# 
_pdbx_struct_assembly_gen.assembly_id       1 
_pdbx_struct_assembly_gen.oper_expression   1 
_pdbx_struct_assembly_gen.asym_id_list      A,B,C 
# 
_pdbx_struct_oper_list.id                   1 
_pdbx_struct_oper_list.type                 'identity operation' 
_pdbx_struct_oper_list.name                 1_555 
_pdbx_struct_oper_list.symmetry_operation   x,y,z 
_pdbx_struct_oper_list.matrix[1][1]         1.0000000000 
_pdbx_struct_oper_list.matrix[1][2]         0.0000000000 
_pdbx_struct_oper_list.matrix[1][3]         0.0000000000 
_pdbx_struct_oper_list.vector[1]            0.0000000000 
_pdbx_struct_oper_list.matrix[2][1]         0.0000000000 
_pdbx_struct_oper_list.matrix[2][2]         1.0000000000 
_pdbx_struct_oper_list.matrix[2][3]         0.0000000000 
_pdbx_struct_oper_list.vector[2]            0.0000000000 
_pdbx_struct_oper_list.matrix[3][1]         0.0000000000 
_pdbx_struct_oper_list.matrix[3][2]         0.0000000000 
_pdbx_struct_oper_list.matrix[3][3]         1.0000000000 
_pdbx_struct_oper_list.vector[3]            0.0000000000 
# 
loop_
_struct_conf.conf_type_id 
_struct_conf.id 
_struct_conf.pdbx_PDB_helix_id 
_struct_conf.beg_label_comp_id 
_struct_conf.beg_label_asym_id 
_struct_conf.beg_label_seq_id 
_struct_conf.pdbx_beg_PDB_ins_code 
_struct_conf.end_label_comp_id 
_struct_conf.end_label_asym_id 
_struct_conf.end_label_seq_id 
_struct_conf.pdbx_end_PDB_ins_code 
_struct_conf.beg_auth_comp_id 
_struct_conf.beg_auth_asym_id 
_struct_conf.beg_auth_seq_id 
_struct_conf.end_auth_comp_id 
_struct_conf.end_auth_asym_id 
_struct_conf.end_auth_seq_id 
_struct_conf.pdbx_PDB_helix_class 
_struct_conf.details 
_struct_conf.pdbx_PDB_helix_length 
HELX_P HELX_P1 AA1 ALA A 29  ? CYS A 44  ? ALA A 1320 CYS A 1335 1 ? 16 
HELX_P HELX_P2 AA2 GLU A 45  ? ARG A 51  ? GLU A 1336 ARG A 1342 5 ? 7  
HELX_P HELX_P3 AA3 ASP A 61  ? ILE A 66  ? ASP A 1352 ILE A 1357 1 ? 6  
HELX_P HELX_P4 AA4 ASP A 71  ? ALA A 81  ? ASP A 1362 ALA A 1372 1 ? 11 
HELX_P HELX_P5 AA5 SER A 86  ? THR A 105 ? SER A 1377 THR A 1396 1 ? 20 
HELX_P HELX_P6 AA6 SER A 110 ? LYS A 142 ? SER A 1401 LYS A 1433 1 ? 33 
# 
_struct_conf_type.id          HELX_P 
_struct_conf_type.criteria    ? 
_struct_conf_type.reference   ? 
# 
_struct_site.id                   AC1 
_struct_site.pdbx_evidence_code   Software 
_struct_site.pdbx_auth_asym_id    A 
_struct_site.pdbx_auth_comp_id    Y0G 
_struct_site.pdbx_auth_seq_id     1501 
_struct_site.pdbx_auth_ins_code   ? 
_struct_site.pdbx_num_residues    10 
_struct_site.details              'binding site for residue Y0G A 1501' 
# 
loop_
_struct_site_gen.id 
_struct_site_gen.site_id 
_struct_site_gen.pdbx_num_res 
_struct_site_gen.label_comp_id 
_struct_site_gen.label_asym_id 
_struct_site_gen.label_seq_id 
_struct_site_gen.pdbx_auth_ins_code 
_struct_site_gen.auth_comp_id 
_struct_site_gen.auth_asym_id 
_struct_site_gen.auth_seq_id 
_struct_site_gen.label_atom_id 
_struct_site_gen.label_alt_id 
_struct_site_gen.symmetry 
_struct_site_gen.details 
1  AC1 10 PRO A 49  ? PRO A 1340 . ? 1_555 ? 
2  AC1 10 VAL A 54  ? VAL A 1345 . ? 1_555 ? 
3  AC1 10 GLU A 58  ? GLU A 1349 . ? 1_555 ? 
4  AC1 10 TYR A 59  ? TYR A 1350 . ? 1_555 ? 
5  AC1 10 SER A 101 ? SER A 1392 . ? 1_555 ? 
6  AC1 10 THR A 105 ? THR A 1396 . ? 1_555 ? 
7  AC1 10 ARG A 109 ? ARG A 1400 . ? 4_456 ? 
8  AC1 10 SER A 110 ? SER A 1401 . ? 1_555 ? 
9  AC1 10 ILE A 112 ? ILE A 1403 . ? 1_555 ? 
10 AC1 10 HOH C .   ? HOH A 1618 . ? 1_555 ? 
# 
loop_
_pdbx_validate_close_contact.id 
_pdbx_validate_close_contact.PDB_model_num 
_pdbx_validate_close_contact.auth_atom_id_1 
_pdbx_validate_close_contact.auth_asym_id_1 
_pdbx_validate_close_contact.auth_comp_id_1 
_pdbx_validate_close_contact.auth_seq_id_1 
_pdbx_validate_close_contact.PDB_ins_code_1 
_pdbx_validate_close_contact.label_alt_id_1 
_pdbx_validate_close_contact.auth_atom_id_2 
_pdbx_validate_close_contact.auth_asym_id_2 
_pdbx_validate_close_contact.auth_comp_id_2 
_pdbx_validate_close_contact.auth_seq_id_2 
_pdbx_validate_close_contact.PDB_ins_code_2 
_pdbx_validate_close_contact.label_alt_id_2 
_pdbx_validate_close_contact.dist 
1 1 O A HOH 1648 ? ? O A HOH 1669 ? ? 1.81 
2 1 O A HOH 1649 ? ? O A HOH 1747 ? ? 1.87 
3 1 O A HOH 1710 ? ? O A HOH 1719 ? ? 2.04 
# 
loop_
_pdbx_struct_special_symmetry.id 
_pdbx_struct_special_symmetry.PDB_model_num 
_pdbx_struct_special_symmetry.auth_asym_id 
_pdbx_struct_special_symmetry.auth_comp_id 
_pdbx_struct_special_symmetry.auth_seq_id 
_pdbx_struct_special_symmetry.PDB_ins_code 
_pdbx_struct_special_symmetry.label_asym_id 
_pdbx_struct_special_symmetry.label_comp_id 
_pdbx_struct_special_symmetry.label_seq_id 
1 1 A HOH 1638 ? C HOH . 
2 1 A HOH 1783 ? C HOH . 
# 
_phasing.method   MR 
# 
loop_
_pdbx_unobs_or_zero_occ_residues.id 
_pdbx_unobs_or_zero_occ_residues.PDB_model_num 
_pdbx_unobs_or_zero_occ_residues.polymer_flag 
_pdbx_unobs_or_zero_occ_residues.occupancy_flag 
_pdbx_unobs_or_zero_occ_residues.auth_asym_id 
_pdbx_unobs_or_zero_occ_residues.auth_comp_id 
_pdbx_unobs_or_zero_occ_residues.auth_seq_id 
_pdbx_unobs_or_zero_occ_residues.PDB_ins_code 
_pdbx_unobs_or_zero_occ_residues.label_asym_id 
_pdbx_unobs_or_zero_occ_residues.label_comp_id 
_pdbx_unobs_or_zero_occ_residues.label_seq_id 
1  1 Y 1 A MET 1292 ? A MET 1   
2  1 Y 1 A HIS 1293 ? A HIS 2   
3  1 Y 1 A HIS 1294 ? A HIS 3   
4  1 Y 1 A HIS 1295 ? A HIS 4   
5  1 Y 1 A HIS 1296 ? A HIS 5   
6  1 Y 1 A HIS 1297 ? A HIS 6   
7  1 Y 1 A HIS 1298 ? A HIS 7   
8  1 Y 1 A SER 1299 ? A SER 8   
9  1 Y 1 A SER 1300 ? A SER 9   
10 1 Y 1 A GLY 1301 ? A GLY 10  
11 1 Y 1 A VAL 1302 ? A VAL 11  
12 1 Y 1 A ASP 1303 ? A ASP 12  
13 1 Y 1 A LEU 1304 ? A LEU 13  
14 1 Y 1 A GLY 1305 ? A GLY 14  
15 1 Y 1 A THR 1306 ? A THR 15  
16 1 Y 1 A GLU 1307 ? A GLU 16  
17 1 Y 1 A ASN 1308 ? A ASN 17  
18 1 Y 1 A LEU 1309 ? A LEU 18  
19 1 Y 1 A TYR 1310 ? A TYR 19  
20 1 Y 1 A PHE 1311 ? A PHE 20  
21 1 Y 1 A GLN 1312 ? A GLN 21  
22 1 Y 1 A SER 1313 ? A SER 22  
23 1 Y 1 A MET 1314 ? A MET 23  
24 1 Y 1 A SER 1315 ? A SER 24  
25 1 Y 1 A ASN 1435 ? A ASN 144 
26 1 Y 1 A THR 1436 ? A THR 145 
27 1 Y 1 A ILE 1437 ? A ILE 146 
28 1 Y 1 A THR 1438 ? A THR 147 
29 1 Y 1 A LYS 1439 ? A LYS 148 
30 1 Y 1 A ARG 1440 ? A ARG 149 
# 
loop_
_chem_comp_atom.comp_id 
_chem_comp_atom.atom_id 
_chem_comp_atom.type_symbol 
_chem_comp_atom.pdbx_aromatic_flag 
_chem_comp_atom.pdbx_stereo_config 
_chem_comp_atom.pdbx_ordinal 
ALA N    N N N 1   
ALA CA   C N S 2   
ALA C    C N N 3   
ALA O    O N N 4   
ALA CB   C N N 5   
ALA OXT  O N N 6   
ALA H    H N N 7   
ALA H2   H N N 8   
ALA HA   H N N 9   
ALA HB1  H N N 10  
ALA HB2  H N N 11  
ALA HB3  H N N 12  
ALA HXT  H N N 13  
ARG N    N N N 14  
ARG CA   C N S 15  
ARG C    C N N 16  
ARG O    O N N 17  
ARG CB   C N N 18  
ARG CG   C N N 19  
ARG CD   C N N 20  
ARG NE   N N N 21  
ARG CZ   C N N 22  
ARG NH1  N N N 23  
ARG NH2  N N N 24  
ARG OXT  O N N 25  
ARG H    H N N 26  
ARG H2   H N N 27  
ARG HA   H N N 28  
ARG HB2  H N N 29  
ARG HB3  H N N 30  
ARG HG2  H N N 31  
ARG HG3  H N N 32  
ARG HD2  H N N 33  
ARG HD3  H N N 34  
ARG HE   H N N 35  
ARG HH11 H N N 36  
ARG HH12 H N N 37  
ARG HH21 H N N 38  
ARG HH22 H N N 39  
ARG HXT  H N N 40  
ASN N    N N N 41  
ASN CA   C N S 42  
ASN C    C N N 43  
ASN O    O N N 44  
ASN CB   C N N 45  
ASN CG   C N N 46  
ASN OD1  O N N 47  
ASN ND2  N N N 48  
ASN OXT  O N N 49  
ASN H    H N N 50  
ASN H2   H N N 51  
ASN HA   H N N 52  
ASN HB2  H N N 53  
ASN HB3  H N N 54  
ASN HD21 H N N 55  
ASN HD22 H N N 56  
ASN HXT  H N N 57  
ASP N    N N N 58  
ASP CA   C N S 59  
ASP C    C N N 60  
ASP O    O N N 61  
ASP CB   C N N 62  
ASP CG   C N N 63  
ASP OD1  O N N 64  
ASP OD2  O N N 65  
ASP OXT  O N N 66  
ASP H    H N N 67  
ASP H2   H N N 68  
ASP HA   H N N 69  
ASP HB2  H N N 70  
ASP HB3  H N N 71  
ASP HD2  H N N 72  
ASP HXT  H N N 73  
CYS N    N N N 74  
CYS CA   C N R 75  
CYS C    C N N 76  
CYS O    O N N 77  
CYS CB   C N N 78  
CYS SG   S N N 79  
CYS OXT  O N N 80  
CYS H    H N N 81  
CYS H2   H N N 82  
CYS HA   H N N 83  
CYS HB2  H N N 84  
CYS HB3  H N N 85  
CYS HG   H N N 86  
CYS HXT  H N N 87  
GLN N    N N N 88  
GLN CA   C N S 89  
GLN C    C N N 90  
GLN O    O N N 91  
GLN CB   C N N 92  
GLN CG   C N N 93  
GLN CD   C N N 94  
GLN OE1  O N N 95  
GLN NE2  N N N 96  
GLN OXT  O N N 97  
GLN H    H N N 98  
GLN H2   H N N 99  
GLN HA   H N N 100 
GLN HB2  H N N 101 
GLN HB3  H N N 102 
GLN HG2  H N N 103 
GLN HG3  H N N 104 
GLN HE21 H N N 105 
GLN HE22 H N N 106 
GLN HXT  H N N 107 
GLU N    N N N 108 
GLU CA   C N S 109 
GLU C    C N N 110 
GLU O    O N N 111 
GLU CB   C N N 112 
GLU CG   C N N 113 
GLU CD   C N N 114 
GLU OE1  O N N 115 
GLU OE2  O N N 116 
GLU OXT  O N N 117 
GLU H    H N N 118 
GLU H2   H N N 119 
GLU HA   H N N 120 
GLU HB2  H N N 121 
GLU HB3  H N N 122 
GLU HG2  H N N 123 
GLU HG3  H N N 124 
GLU HE2  H N N 125 
GLU HXT  H N N 126 
GLY N    N N N 127 
GLY CA   C N N 128 
GLY C    C N N 129 
GLY O    O N N 130 
GLY OXT  O N N 131 
GLY H    H N N 132 
GLY H2   H N N 133 
GLY HA2  H N N 134 
GLY HA3  H N N 135 
GLY HXT  H N N 136 
HIS N    N N N 137 
HIS CA   C N S 138 
HIS C    C N N 139 
HIS O    O N N 140 
HIS CB   C N N 141 
HIS CG   C Y N 142 
HIS ND1  N Y N 143 
HIS CD2  C Y N 144 
HIS CE1  C Y N 145 
HIS NE2  N Y N 146 
HIS OXT  O N N 147 
HIS H    H N N 148 
HIS H2   H N N 149 
HIS HA   H N N 150 
HIS HB2  H N N 151 
HIS HB3  H N N 152 
HIS HD1  H N N 153 
HIS HD2  H N N 154 
HIS HE1  H N N 155 
HIS HE2  H N N 156 
HIS HXT  H N N 157 
HOH O    O N N 158 
HOH H1   H N N 159 
HOH H2   H N N 160 
ILE N    N N N 161 
ILE CA   C N S 162 
ILE C    C N N 163 
ILE O    O N N 164 
ILE CB   C N S 165 
ILE CG1  C N N 166 
ILE CG2  C N N 167 
ILE CD1  C N N 168 
ILE OXT  O N N 169 
ILE H    H N N 170 
ILE H2   H N N 171 
ILE HA   H N N 172 
ILE HB   H N N 173 
ILE HG12 H N N 174 
ILE HG13 H N N 175 
ILE HG21 H N N 176 
ILE HG22 H N N 177 
ILE HG23 H N N 178 
ILE HD11 H N N 179 
ILE HD12 H N N 180 
ILE HD13 H N N 181 
ILE HXT  H N N 182 
LEU N    N N N 183 
LEU CA   C N S 184 
LEU C    C N N 185 
LEU O    O N N 186 
LEU CB   C N N 187 
LEU CG   C N N 188 
LEU CD1  C N N 189 
LEU CD2  C N N 190 
LEU OXT  O N N 191 
LEU H    H N N 192 
LEU H2   H N N 193 
LEU HA   H N N 194 
LEU HB2  H N N 195 
LEU HB3  H N N 196 
LEU HG   H N N 197 
LEU HD11 H N N 198 
LEU HD12 H N N 199 
LEU HD13 H N N 200 
LEU HD21 H N N 201 
LEU HD22 H N N 202 
LEU HD23 H N N 203 
LEU HXT  H N N 204 
LYS N    N N N 205 
LYS CA   C N S 206 
LYS C    C N N 207 
LYS O    O N N 208 
LYS CB   C N N 209 
LYS CG   C N N 210 
LYS CD   C N N 211 
LYS CE   C N N 212 
LYS NZ   N N N 213 
LYS OXT  O N N 214 
LYS H    H N N 215 
LYS H2   H N N 216 
LYS HA   H N N 217 
LYS HB2  H N N 218 
LYS HB3  H N N 219 
LYS HG2  H N N 220 
LYS HG3  H N N 221 
LYS HD2  H N N 222 
LYS HD3  H N N 223 
LYS HE2  H N N 224 
LYS HE3  H N N 225 
LYS HZ1  H N N 226 
LYS HZ2  H N N 227 
LYS HZ3  H N N 228 
LYS HXT  H N N 229 
MET N    N N N 230 
MET CA   C N S 231 
MET C    C N N 232 
MET O    O N N 233 
MET CB   C N N 234 
MET CG   C N N 235 
MET SD   S N N 236 
MET CE   C N N 237 
MET OXT  O N N 238 
MET H    H N N 239 
MET H2   H N N 240 
MET HA   H N N 241 
MET HB2  H N N 242 
MET HB3  H N N 243 
MET HG2  H N N 244 
MET HG3  H N N 245 
MET HE1  H N N 246 
MET HE2  H N N 247 
MET HE3  H N N 248 
MET HXT  H N N 249 
PHE N    N N N 250 
PHE CA   C N S 251 
PHE C    C N N 252 
PHE O    O N N 253 
PHE CB   C N N 254 
PHE CG   C Y N 255 
PHE CD1  C Y N 256 
PHE CD2  C Y N 257 
PHE CE1  C Y N 258 
PHE CE2  C Y N 259 
PHE CZ   C Y N 260 
PHE OXT  O N N 261 
PHE H    H N N 262 
PHE H2   H N N 263 
PHE HA   H N N 264 
PHE HB2  H N N 265 
PHE HB3  H N N 266 
PHE HD1  H N N 267 
PHE HD2  H N N 268 
PHE HE1  H N N 269 
PHE HE2  H N N 270 
PHE HZ   H N N 271 
PHE HXT  H N N 272 
PRO N    N N N 273 
PRO CA   C N S 274 
PRO C    C N N 275 
PRO O    O N N 276 
PRO CB   C N N 277 
PRO CG   C N N 278 
PRO CD   C N N 279 
PRO OXT  O N N 280 
PRO H    H N N 281 
PRO HA   H N N 282 
PRO HB2  H N N 283 
PRO HB3  H N N 284 
PRO HG2  H N N 285 
PRO HG3  H N N 286 
PRO HD2  H N N 287 
PRO HD3  H N N 288 
PRO HXT  H N N 289 
SER N    N N N 290 
SER CA   C N S 291 
SER C    C N N 292 
SER O    O N N 293 
SER CB   C N N 294 
SER OG   O N N 295 
SER OXT  O N N 296 
SER H    H N N 297 
SER H2   H N N 298 
SER HA   H N N 299 
SER HB2  H N N 300 
SER HB3  H N N 301 
SER HG   H N N 302 
SER HXT  H N N 303 
THR N    N N N 304 
THR CA   C N S 305 
THR C    C N N 306 
THR O    O N N 307 
THR CB   C N R 308 
THR OG1  O N N 309 
THR CG2  C N N 310 
THR OXT  O N N 311 
THR H    H N N 312 
THR H2   H N N 313 
THR HA   H N N 314 
THR HB   H N N 315 
THR HG1  H N N 316 
THR HG21 H N N 317 
THR HG22 H N N 318 
THR HG23 H N N 319 
THR HXT  H N N 320 
TRP N    N N N 321 
TRP CA   C N S 322 
TRP C    C N N 323 
TRP O    O N N 324 
TRP CB   C N N 325 
TRP CG   C Y N 326 
TRP CD1  C Y N 327 
TRP CD2  C Y N 328 
TRP NE1  N Y N 329 
TRP CE2  C Y N 330 
TRP CE3  C Y N 331 
TRP CZ2  C Y N 332 
TRP CZ3  C Y N 333 
TRP CH2  C Y N 334 
TRP OXT  O N N 335 
TRP H    H N N 336 
TRP H2   H N N 337 
TRP HA   H N N 338 
TRP HB2  H N N 339 
TRP HB3  H N N 340 
TRP HD1  H N N 341 
TRP HE1  H N N 342 
TRP HE3  H N N 343 
TRP HZ2  H N N 344 
TRP HZ3  H N N 345 
TRP HH2  H N N 346 
TRP HXT  H N N 347 
TYR N    N N N 348 
TYR CA   C N S 349 
TYR C    C N N 350 
TYR O    O N N 351 
TYR CB   C N N 352 
TYR CG   C Y N 353 
TYR CD1  C Y N 354 
TYR CD2  C Y N 355 
TYR CE1  C Y N 356 
TYR CE2  C Y N 357 
TYR CZ   C Y N 358 
TYR OH   O N N 359 
TYR OXT  O N N 360 
TYR H    H N N 361 
TYR H2   H N N 362 
TYR HA   H N N 363 
TYR HB2  H N N 364 
TYR HB3  H N N 365 
TYR HD1  H N N 366 
TYR HD2  H N N 367 
TYR HE1  H N N 368 
TYR HE2  H N N 369 
TYR HH   H N N 370 
TYR HXT  H N N 371 
VAL N    N N N 372 
VAL CA   C N S 373 
VAL C    C N N 374 
VAL O    O N N 375 
VAL CB   C N N 376 
VAL CG1  C N N 377 
VAL CG2  C N N 378 
VAL OXT  O N N 379 
VAL H    H N N 380 
VAL H2   H N N 381 
VAL HA   H N N 382 
VAL HB   H N N 383 
VAL HG11 H N N 384 
VAL HG12 H N N 385 
VAL HG13 H N N 386 
VAL HG21 H N N 387 
VAL HG22 H N N 388 
VAL HG23 H N N 389 
VAL HXT  H N N 390 
Y0G N1   N N N 391 
Y0G C4   C Y N 392 
Y0G C5   C N N 393 
Y0G C6   C N N 394 
Y0G C7   C N N 395 
Y0G C8   C N N 396 
Y0G C10  C N N 397 
Y0G C13  C Y N 398 
Y0G C15  C Y N 399 
Y0G N    N N N 400 
Y0G C    C N N 401 
Y0G O    O N N 402 
Y0G C1   C Y N 403 
Y0G C11  C Y N 404 
Y0G C12  C Y N 405 
Y0G C14  C Y N 406 
Y0G C16  C Y N 407 
Y0G C2   C Y N 408 
Y0G C3   C Y N 409 
Y0G C9   C N N 410 
Y0G F    F N N 411 
Y0G N2   N N N 412 
Y0G O1   O Y N 413 
Y0G O2   O N N 414 
Y0G O3   O N N 415 
Y0G H5   H N N 416 
Y0G H6   H N N 417 
Y0G H8   H N N 418 
Y0G H7   H N N 419 
Y0G H9   H N N 420 
Y0G H10  H N N 421 
Y0G H14  H N N 422 
Y0G H16  H N N 423 
Y0G H4   H N N 424 
Y0G H    H N N 425 
Y0G H1   H N N 426 
Y0G H2   H N N 427 
Y0G H13  H N N 428 
Y0G H15  H N N 429 
Y0G H17  H N N 430 
Y0G H3   H N N 431 
Y0G H12  H N N 432 
Y0G H11  H N N 433 
# 
loop_
_chem_comp_bond.comp_id 
_chem_comp_bond.atom_id_1 
_chem_comp_bond.atom_id_2 
_chem_comp_bond.value_order 
_chem_comp_bond.pdbx_aromatic_flag 
_chem_comp_bond.pdbx_stereo_config 
_chem_comp_bond.pdbx_ordinal 
ALA N   CA   sing N N 1   
ALA N   H    sing N N 2   
ALA N   H2   sing N N 3   
ALA CA  C    sing N N 4   
ALA CA  CB   sing N N 5   
ALA CA  HA   sing N N 6   
ALA C   O    doub N N 7   
ALA C   OXT  sing N N 8   
ALA CB  HB1  sing N N 9   
ALA CB  HB2  sing N N 10  
ALA CB  HB3  sing N N 11  
ALA OXT HXT  sing N N 12  
ARG N   CA   sing N N 13  
ARG N   H    sing N N 14  
ARG N   H2   sing N N 15  
ARG CA  C    sing N N 16  
ARG CA  CB   sing N N 17  
ARG CA  HA   sing N N 18  
ARG C   O    doub N N 19  
ARG C   OXT  sing N N 20  
ARG CB  CG   sing N N 21  
ARG CB  HB2  sing N N 22  
ARG CB  HB3  sing N N 23  
ARG CG  CD   sing N N 24  
ARG CG  HG2  sing N N 25  
ARG CG  HG3  sing N N 26  
ARG CD  NE   sing N N 27  
ARG CD  HD2  sing N N 28  
ARG CD  HD3  sing N N 29  
ARG NE  CZ   sing N N 30  
ARG NE  HE   sing N N 31  
ARG CZ  NH1  sing N N 32  
ARG CZ  NH2  doub N N 33  
ARG NH1 HH11 sing N N 34  
ARG NH1 HH12 sing N N 35  
ARG NH2 HH21 sing N N 36  
ARG NH2 HH22 sing N N 37  
ARG OXT HXT  sing N N 38  
ASN N   CA   sing N N 39  
ASN N   H    sing N N 40  
ASN N   H2   sing N N 41  
ASN CA  C    sing N N 42  
ASN CA  CB   sing N N 43  
ASN CA  HA   sing N N 44  
ASN C   O    doub N N 45  
ASN C   OXT  sing N N 46  
ASN CB  CG   sing N N 47  
ASN CB  HB2  sing N N 48  
ASN CB  HB3  sing N N 49  
ASN CG  OD1  doub N N 50  
ASN CG  ND2  sing N N 51  
ASN ND2 HD21 sing N N 52  
ASN ND2 HD22 sing N N 53  
ASN OXT HXT  sing N N 54  
ASP N   CA   sing N N 55  
ASP N   H    sing N N 56  
ASP N   H2   sing N N 57  
ASP CA  C    sing N N 58  
ASP CA  CB   sing N N 59  
ASP CA  HA   sing N N 60  
ASP C   O    doub N N 61  
ASP C   OXT  sing N N 62  
ASP CB  CG   sing N N 63  
ASP CB  HB2  sing N N 64  
ASP CB  HB3  sing N N 65  
ASP CG  OD1  doub N N 66  
ASP CG  OD2  sing N N 67  
ASP OD2 HD2  sing N N 68  
ASP OXT HXT  sing N N 69  
CYS N   CA   sing N N 70  
CYS N   H    sing N N 71  
CYS N   H2   sing N N 72  
CYS CA  C    sing N N 73  
CYS CA  CB   sing N N 74  
CYS CA  HA   sing N N 75  
CYS C   O    doub N N 76  
CYS C   OXT  sing N N 77  
CYS CB  SG   sing N N 78  
CYS CB  HB2  sing N N 79  
CYS CB  HB3  sing N N 80  
CYS SG  HG   sing N N 81  
CYS OXT HXT  sing N N 82  
GLN N   CA   sing N N 83  
GLN N   H    sing N N 84  
GLN N   H2   sing N N 85  
GLN CA  C    sing N N 86  
GLN CA  CB   sing N N 87  
GLN CA  HA   sing N N 88  
GLN C   O    doub N N 89  
GLN C   OXT  sing N N 90  
GLN CB  CG   sing N N 91  
GLN CB  HB2  sing N N 92  
GLN CB  HB3  sing N N 93  
GLN CG  CD   sing N N 94  
GLN CG  HG2  sing N N 95  
GLN CG  HG3  sing N N 96  
GLN CD  OE1  doub N N 97  
GLN CD  NE2  sing N N 98  
GLN NE2 HE21 sing N N 99  
GLN NE2 HE22 sing N N 100 
GLN OXT HXT  sing N N 101 
GLU N   CA   sing N N 102 
GLU N   H    sing N N 103 
GLU N   H2   sing N N 104 
GLU CA  C    sing N N 105 
GLU CA  CB   sing N N 106 
GLU CA  HA   sing N N 107 
GLU C   O    doub N N 108 
GLU C   OXT  sing N N 109 
GLU CB  CG   sing N N 110 
GLU CB  HB2  sing N N 111 
GLU CB  HB3  sing N N 112 
GLU CG  CD   sing N N 113 
GLU CG  HG2  sing N N 114 
GLU CG  HG3  sing N N 115 
GLU CD  OE1  doub N N 116 
GLU CD  OE2  sing N N 117 
GLU OE2 HE2  sing N N 118 
GLU OXT HXT  sing N N 119 
GLY N   CA   sing N N 120 
GLY N   H    sing N N 121 
GLY N   H2   sing N N 122 
GLY CA  C    sing N N 123 
GLY CA  HA2  sing N N 124 
GLY CA  HA3  sing N N 125 
GLY C   O    doub N N 126 
GLY C   OXT  sing N N 127 
GLY OXT HXT  sing N N 128 
HIS N   CA   sing N N 129 
HIS N   H    sing N N 130 
HIS N   H2   sing N N 131 
HIS CA  C    sing N N 132 
HIS CA  CB   sing N N 133 
HIS CA  HA   sing N N 134 
HIS C   O    doub N N 135 
HIS C   OXT  sing N N 136 
HIS CB  CG   sing N N 137 
HIS CB  HB2  sing N N 138 
HIS CB  HB3  sing N N 139 
HIS CG  ND1  sing Y N 140 
HIS CG  CD2  doub Y N 141 
HIS ND1 CE1  doub Y N 142 
HIS ND1 HD1  sing N N 143 
HIS CD2 NE2  sing Y N 144 
HIS CD2 HD2  sing N N 145 
HIS CE1 NE2  sing Y N 146 
HIS CE1 HE1  sing N N 147 
HIS NE2 HE2  sing N N 148 
HIS OXT HXT  sing N N 149 
HOH O   H1   sing N N 150 
HOH O   H2   sing N N 151 
ILE N   CA   sing N N 152 
ILE N   H    sing N N 153 
ILE N   H2   sing N N 154 
ILE CA  C    sing N N 155 
ILE CA  CB   sing N N 156 
ILE CA  HA   sing N N 157 
ILE C   O    doub N N 158 
ILE C   OXT  sing N N 159 
ILE CB  CG1  sing N N 160 
ILE CB  CG2  sing N N 161 
ILE CB  HB   sing N N 162 
ILE CG1 CD1  sing N N 163 
ILE CG1 HG12 sing N N 164 
ILE CG1 HG13 sing N N 165 
ILE CG2 HG21 sing N N 166 
ILE CG2 HG22 sing N N 167 
ILE CG2 HG23 sing N N 168 
ILE CD1 HD11 sing N N 169 
ILE CD1 HD12 sing N N 170 
ILE CD1 HD13 sing N N 171 
ILE OXT HXT  sing N N 172 
LEU N   CA   sing N N 173 
LEU N   H    sing N N 174 
LEU N   H2   sing N N 175 
LEU CA  C    sing N N 176 
LEU CA  CB   sing N N 177 
LEU CA  HA   sing N N 178 
LEU C   O    doub N N 179 
LEU C   OXT  sing N N 180 
LEU CB  CG   sing N N 181 
LEU CB  HB2  sing N N 182 
LEU CB  HB3  sing N N 183 
LEU CG  CD1  sing N N 184 
LEU CG  CD2  sing N N 185 
LEU CG  HG   sing N N 186 
LEU CD1 HD11 sing N N 187 
LEU CD1 HD12 sing N N 188 
LEU CD1 HD13 sing N N 189 
LEU CD2 HD21 sing N N 190 
LEU CD2 HD22 sing N N 191 
LEU CD2 HD23 sing N N 192 
LEU OXT HXT  sing N N 193 
LYS N   CA   sing N N 194 
LYS N   H    sing N N 195 
LYS N   H2   sing N N 196 
LYS CA  C    sing N N 197 
LYS CA  CB   sing N N 198 
LYS CA  HA   sing N N 199 
LYS C   O    doub N N 200 
LYS C   OXT  sing N N 201 
LYS CB  CG   sing N N 202 
LYS CB  HB2  sing N N 203 
LYS CB  HB3  sing N N 204 
LYS CG  CD   sing N N 205 
LYS CG  HG2  sing N N 206 
LYS CG  HG3  sing N N 207 
LYS CD  CE   sing N N 208 
LYS CD  HD2  sing N N 209 
LYS CD  HD3  sing N N 210 
LYS CE  NZ   sing N N 211 
LYS CE  HE2  sing N N 212 
LYS CE  HE3  sing N N 213 
LYS NZ  HZ1  sing N N 214 
LYS NZ  HZ2  sing N N 215 
LYS NZ  HZ3  sing N N 216 
LYS OXT HXT  sing N N 217 
MET N   CA   sing N N 218 
MET N   H    sing N N 219 
MET N   H2   sing N N 220 
MET CA  C    sing N N 221 
MET CA  CB   sing N N 222 
MET CA  HA   sing N N 223 
MET C   O    doub N N 224 
MET C   OXT  sing N N 225 
MET CB  CG   sing N N 226 
MET CB  HB2  sing N N 227 
MET CB  HB3  sing N N 228 
MET CG  SD   sing N N 229 
MET CG  HG2  sing N N 230 
MET CG  HG3  sing N N 231 
MET SD  CE   sing N N 232 
MET CE  HE1  sing N N 233 
MET CE  HE2  sing N N 234 
MET CE  HE3  sing N N 235 
MET OXT HXT  sing N N 236 
PHE N   CA   sing N N 237 
PHE N   H    sing N N 238 
PHE N   H2   sing N N 239 
PHE CA  C    sing N N 240 
PHE CA  CB   sing N N 241 
PHE CA  HA   sing N N 242 
PHE C   O    doub N N 243 
PHE C   OXT  sing N N 244 
PHE CB  CG   sing N N 245 
PHE CB  HB2  sing N N 246 
PHE CB  HB3  sing N N 247 
PHE CG  CD1  doub Y N 248 
PHE CG  CD2  sing Y N 249 
PHE CD1 CE1  sing Y N 250 
PHE CD1 HD1  sing N N 251 
PHE CD2 CE2  doub Y N 252 
PHE CD2 HD2  sing N N 253 
PHE CE1 CZ   doub Y N 254 
PHE CE1 HE1  sing N N 255 
PHE CE2 CZ   sing Y N 256 
PHE CE2 HE2  sing N N 257 
PHE CZ  HZ   sing N N 258 
PHE OXT HXT  sing N N 259 
PRO N   CA   sing N N 260 
PRO N   CD   sing N N 261 
PRO N   H    sing N N 262 
PRO CA  C    sing N N 263 
PRO CA  CB   sing N N 264 
PRO CA  HA   sing N N 265 
PRO C   O    doub N N 266 
PRO C   OXT  sing N N 267 
PRO CB  CG   sing N N 268 
PRO CB  HB2  sing N N 269 
PRO CB  HB3  sing N N 270 
PRO CG  CD   sing N N 271 
PRO CG  HG2  sing N N 272 
PRO CG  HG3  sing N N 273 
PRO CD  HD2  sing N N 274 
PRO CD  HD3  sing N N 275 
PRO OXT HXT  sing N N 276 
SER N   CA   sing N N 277 
SER N   H    sing N N 278 
SER N   H2   sing N N 279 
SER CA  C    sing N N 280 
SER CA  CB   sing N N 281 
SER CA  HA   sing N N 282 
SER C   O    doub N N 283 
SER C   OXT  sing N N 284 
SER CB  OG   sing N N 285 
SER CB  HB2  sing N N 286 
SER CB  HB3  sing N N 287 
SER OG  HG   sing N N 288 
SER OXT HXT  sing N N 289 
THR N   CA   sing N N 290 
THR N   H    sing N N 291 
THR N   H2   sing N N 292 
THR CA  C    sing N N 293 
THR CA  CB   sing N N 294 
THR CA  HA   sing N N 295 
THR C   O    doub N N 296 
THR C   OXT  sing N N 297 
THR CB  OG1  sing N N 298 
THR CB  CG2  sing N N 299 
THR CB  HB   sing N N 300 
THR OG1 HG1  sing N N 301 
THR CG2 HG21 sing N N 302 
THR CG2 HG22 sing N N 303 
THR CG2 HG23 sing N N 304 
THR OXT HXT  sing N N 305 
TRP N   CA   sing N N 306 
TRP N   H    sing N N 307 
TRP N   H2   sing N N 308 
TRP CA  C    sing N N 309 
TRP CA  CB   sing N N 310 
TRP CA  HA   sing N N 311 
TRP C   O    doub N N 312 
TRP C   OXT  sing N N 313 
TRP CB  CG   sing N N 314 
TRP CB  HB2  sing N N 315 
TRP CB  HB3  sing N N 316 
TRP CG  CD1  doub Y N 317 
TRP CG  CD2  sing Y N 318 
TRP CD1 NE1  sing Y N 319 
TRP CD1 HD1  sing N N 320 
TRP CD2 CE2  doub Y N 321 
TRP CD2 CE3  sing Y N 322 
TRP NE1 CE2  sing Y N 323 
TRP NE1 HE1  sing N N 324 
TRP CE2 CZ2  sing Y N 325 
TRP CE3 CZ3  doub Y N 326 
TRP CE3 HE3  sing N N 327 
TRP CZ2 CH2  doub Y N 328 
TRP CZ2 HZ2  sing N N 329 
TRP CZ3 CH2  sing Y N 330 
TRP CZ3 HZ3  sing N N 331 
TRP CH2 HH2  sing N N 332 
TRP OXT HXT  sing N N 333 
TYR N   CA   sing N N 334 
TYR N   H    sing N N 335 
TYR N   H2   sing N N 336 
TYR CA  C    sing N N 337 
TYR CA  CB   sing N N 338 
TYR CA  HA   sing N N 339 
TYR C   O    doub N N 340 
TYR C   OXT  sing N N 341 
TYR CB  CG   sing N N 342 
TYR CB  HB2  sing N N 343 
TYR CB  HB3  sing N N 344 
TYR CG  CD1  doub Y N 345 
TYR CG  CD2  sing Y N 346 
TYR CD1 CE1  sing Y N 347 
TYR CD1 HD1  sing N N 348 
TYR CD2 CE2  doub Y N 349 
TYR CD2 HD2  sing N N 350 
TYR CE1 CZ   doub Y N 351 
TYR CE1 HE1  sing N N 352 
TYR CE2 CZ   sing Y N 353 
TYR CE2 HE2  sing N N 354 
TYR CZ  OH   sing N N 355 
TYR OH  HH   sing N N 356 
TYR OXT HXT  sing N N 357 
VAL N   CA   sing N N 358 
VAL N   H    sing N N 359 
VAL N   H2   sing N N 360 
VAL CA  C    sing N N 361 
VAL CA  CB   sing N N 362 
VAL CA  HA   sing N N 363 
VAL C   O    doub N N 364 
VAL C   OXT  sing N N 365 
VAL CB  CG1  sing N N 366 
VAL CB  CG2  sing N N 367 
VAL CB  HB   sing N N 368 
VAL CG1 HG11 sing N N 369 
VAL CG1 HG12 sing N N 370 
VAL CG1 HG13 sing N N 371 
VAL CG2 HG21 sing N N 372 
VAL CG2 HG22 sing N N 373 
VAL CG2 HG23 sing N N 374 
VAL OXT HXT  sing N N 375 
Y0G C   O    sing N N 376 
Y0G O   C1   sing N N 377 
Y0G C1  C2   doub Y N 378 
Y0G C2  C3   sing Y N 379 
Y0G F   C3   sing N N 380 
Y0G C3  C4   doub Y N 381 
Y0G C4  N    sing N N 382 
Y0G N   C5   sing N N 383 
Y0G N1  C5   sing N N 384 
Y0G N1  C6   sing N N 385 
Y0G C6  C7   sing N N 386 
Y0G C7  N2   sing N N 387 
Y0G N2  C8   sing N N 388 
Y0G C8  C9   sing N N 389 
Y0G C9  N1   sing N N 390 
Y0G C10 N2   sing N N 391 
Y0G C11 C10  sing N N 392 
Y0G C11 O1   sing Y N 393 
Y0G O1  C12  sing Y N 394 
Y0G C12 C13  doub Y N 395 
Y0G C13 C14  sing Y N 396 
Y0G C14 C11  doub Y N 397 
Y0G O2  C10  doub N N 398 
Y0G C5  O3   doub N N 399 
Y0G C15 C4   sing Y N 400 
Y0G C16 C15  doub Y N 401 
Y0G C1  C16  sing Y N 402 
Y0G C6  H5   sing N N 403 
Y0G C6  H6   sing N N 404 
Y0G C7  H8   sing N N 405 
Y0G C7  H7   sing N N 406 
Y0G C8  H9   sing N N 407 
Y0G C8  H10  sing N N 408 
Y0G C13 H14  sing N N 409 
Y0G C15 H16  sing N N 410 
Y0G N   H4   sing N N 411 
Y0G C   H    sing N N 412 
Y0G C   H1   sing N N 413 
Y0G C   H2   sing N N 414 
Y0G C12 H13  sing N N 415 
Y0G C14 H15  sing N N 416 
Y0G C16 H17  sing N N 417 
Y0G C2  H3   sing N N 418 
Y0G C9  H12  sing N N 419 
Y0G C9  H11  sing N N 420 
# 
_pdbx_deposit_group.group_id            G_1002190 
_pdbx_deposit_group.group_description   
;XDomainX of XOrganismX PHIP screened against crude reaction mixtures by X-ray Crystallography at the XChem facility of Diamond Light Source beamline I04-1
;
_pdbx_deposit_group.group_title         'PanDDA analysis group deposition' 
_pdbx_deposit_group.group_type          'changed state' 
# 
_atom_sites.entry_id                    5S8S 
_atom_sites.fract_transf_matrix[1][1]   0.00657911 
_atom_sites.fract_transf_matrix[1][2]   0.00056915 
_atom_sites.fract_transf_matrix[1][3]   0.01052526 
_atom_sites.fract_transf_matrix[2][1]   0.03075274 
_atom_sites.fract_transf_matrix[2][2]   0.00579269 
_atom_sites.fract_transf_matrix[2][3]   -0.01953611 
_atom_sites.fract_transf_matrix[3][1]   -0.00114011 
_atom_sites.fract_transf_matrix[3][2]   0.01778707 
_atom_sites.fract_transf_matrix[3][3]   0.00347937 
_atom_sites.fract_transf_vector[1]      -0.145526 
_atom_sites.fract_transf_vector[2]      0.454860 
_atom_sites.fract_transf_vector[3]      0.231135 
# 
loop_
_atom_type.symbol 
C 
F 
N 
O 
S 
# 
loop_
_atom_site.group_PDB 
_atom_site.id 
_atom_site.type_symbol 
_atom_site.label_atom_id 
_atom_site.label_alt_id 
_atom_site.label_comp_id 
_atom_site.label_asym_id 
_atom_site.label_entity_id 
_atom_site.label_seq_id 
_atom_site.pdbx_PDB_ins_code 
_atom_site.Cartn_x 
_atom_site.Cartn_y 
_atom_site.Cartn_z 
_atom_site.occupancy 
_atom_site.B_iso_or_equiv 
_atom_site.pdbx_formal_charge 
_atom_site.auth_seq_id 
_atom_site.auth_comp_id 
_atom_site.auth_asym_id 
_atom_site.auth_atom_id 
_atom_site.pdbx_PDB_model_num 
ATOM   1    N N   . TYR A 1 25  ? 4.646   -23.712 0.560   1.00 17.81 ? 1316 TYR A N   1 
ATOM   2    C CA  . TYR A 1 25  ? 4.077   -23.623 1.941   1.00 17.36 ? 1316 TYR A CA  1 
ATOM   3    C C   . TYR A 1 25  ? 5.051   -22.865 2.847   1.00 14.98 ? 1316 TYR A C   1 
ATOM   4    O O   . TYR A 1 25  ? 4.991   -23.042 4.045   1.00 13.76 ? 1316 TYR A O   1 
ATOM   5    C CB  . TYR A 1 25  ? 3.733   -24.988 2.517   1.00 20.06 ? 1316 TYR A CB  1 
ATOM   6    C CG  . TYR A 1 25  ? 2.720   -25.781 1.732   1.00 19.47 ? 1316 TYR A CG  1 
ATOM   7    C CD1 . TYR A 1 25  ? 1.484   -25.259 1.372   1.00 19.72 ? 1316 TYR A CD1 1 
ATOM   8    C CD2 . TYR A 1 25  ? 2.985   -27.102 1.435   1.00 19.75 ? 1316 TYR A CD2 1 
ATOM   9    C CE1 . TYR A 1 25  ? 0.561   -26.026 0.666   1.00 18.39 ? 1316 TYR A CE1 1 
ATOM   10   C CE2 . TYR A 1 25  ? 2.071   -27.879 0.740   1.00 19.56 ? 1316 TYR A CE2 1 
ATOM   11   C CZ  . TYR A 1 25  ? 0.847   -27.347 0.374   1.00 19.62 ? 1316 TYR A CZ  1 
ATOM   12   O OH  . TYR A 1 25  ? -0.044  -28.138 -0.318  1.00 19.87 ? 1316 TYR A OH  1 
ATOM   13   N N   . ASP A 1 26  ? 5.847   -21.967 2.263   1.00 13.26 ? 1317 ASP A N   1 
ATOM   14   C CA  . ASP A 1 26  ? 6.802   -21.093 3.007   1.00 12.58 ? 1317 ASP A CA  1 
ATOM   15   C C   . ASP A 1 26  ? 6.021   -19.953 3.654   1.00 11.38 ? 1317 ASP A C   1 
ATOM   16   O O   . ASP A 1 26  ? 5.581   -19.041 2.937   1.00 12.19 ? 1317 ASP A O   1 
ATOM   17   C CB  . ASP A 1 26  ? 7.908   -20.599 2.089   1.00 12.57 ? 1317 ASP A CB  1 
ATOM   18   C CG  . ASP A 1 26  ? 8.959   -19.749 2.783   1.00 12.27 ? 1317 ASP A CG  1 
ATOM   19   O OD1 . ASP A 1 26  ? 8.686   -19.253 3.873   1.00 13.58 ? 1317 ASP A OD1 1 
ATOM   20   O OD2 . ASP A 1 26  ? 10.077  -19.707 2.234   1.00 16.82 ? 1317 ASP A OD2 1 
ATOM   21   N N   . ILE A 1 27  ? 5.884   -19.989 4.972   1.00 10.19 ? 1318 ILE A N   1 
ATOM   22   C CA  . ILE A 1 27  ? 5.103   -19.036 5.791   1.00 11.75 ? 1318 ILE A CA  1 
ATOM   23   C C   . ILE A 1 27  ? 5.816   -17.688 5.797   1.00 11.55 ? 1318 ILE A C   1 
ATOM   24   O O   . ILE A 1 27  ? 5.111   -16.704 6.038   1.00 11.93 ? 1318 ILE A O   1 
ATOM   25   C CB  . ILE A 1 27  ? 4.966   -19.580 7.230   1.00 13.61 ? 1318 ILE A CB  1 
ATOM   26   C CG1 . ILE A 1 27  ? 4.134   -20.856 7.309   1.00 15.94 ? 1318 ILE A CG1 1 
ATOM   27   C CG2 . ILE A 1 27  ? 4.454   -18.534 8.201   1.00 16.39 ? 1318 ILE A CG2 1 
ATOM   28   C CD1 . ILE A 1 27  ? 4.334   -21.558 8.650   1.00 17.73 ? 1318 ILE A CD1 1 
ATOM   29   N N   . GLN A 1 28  ? 7.113   -17.629 5.512   1.00 10.68 ? 1319 GLN A N   1 
ATOM   30   C CA  . GLN A 1 28  ? 7.880   -16.344 5.536   1.00 10.49 ? 1319 GLN A CA  1 
ATOM   31   C C   . GLN A 1 28  ? 7.975   -15.684 4.158   1.00 10.58 ? 1319 GLN A C   1 
ATOM   32   O O   . GLN A 1 28  ? 8.435   -14.508 4.083   1.00 11.40 ? 1319 GLN A O   1 
ATOM   33   C CB  . GLN A 1 28  ? 9.281   -16.551 6.128   1.00 10.54 ? 1319 GLN A CB  1 
ATOM   34   C CG  . GLN A 1 28  ? 9.262   -16.650 7.646   1.00 11.04 ? 1319 GLN A CG  1 
ATOM   35   C CD  . GLN A 1 28  ? 9.165   -18.073 8.143   1.00 10.37 ? 1319 GLN A CD  1 
ATOM   36   O OE1 . GLN A 1 28  ? 9.898   -18.956 7.703   1.00 12.21 ? 1319 GLN A OE1 1 
ATOM   37   N NE2 . GLN A 1 28  ? 8.253   -18.305 9.058   1.00 10.73 ? 1319 GLN A NE2 1 
ATOM   38   N N   . ALA A 1 29  ? 7.577   -16.368 3.055   1.00 10.79 ? 1320 ALA A N   1 
ATOM   39   C CA  . ALA A 1 29  ? 7.974   -15.915 1.700   1.00 10.53 ? 1320 ALA A CA  1 
ATOM   40   C C   . ALA A 1 29  ? 7.290   -14.574 1.344   1.00 10.14 ? 1320 ALA A C   1 
ATOM   41   O O   . ALA A 1 29  ? 7.824   -13.864 0.551   1.00 10.52 ? 1320 ALA A O   1 
ATOM   42   C CB  . ALA A 1 29  ? 7.651   -16.950 0.637   1.00 11.09 ? 1320 ALA A CB  1 
ATOM   43   N N   . TRP A 1 30  ? 6.175   -14.245 1.987   1.00 9.14  ? 1321 TRP A N   1 
ATOM   44   C CA  . TRP A 1 30  ? 5.429   -12.993 1.694   1.00 9.40  ? 1321 TRP A CA  1 
ATOM   45   C C   . TRP A 1 30  ? 6.350   -11.790 1.829   1.00 10.03 ? 1321 TRP A C   1 
ATOM   46   O O   . TRP A 1 30  ? 6.107   -10.796 1.162   1.00 9.90  ? 1321 TRP A O   1 
ATOM   47   C CB  . TRP A 1 30  ? 4.162   -12.883 2.564   1.00 9.59  ? 1321 TRP A CB  1 
ATOM   48   C CG  . TRP A 1 30  ? 4.525   -12.750 4.006   1.00 10.07 ? 1321 TRP A CG  1 
ATOM   49   C CD1 . TRP A 1 30  ? 4.773   -13.758 4.876   1.00 10.44 ? 1321 TRP A CD1 1 
ATOM   50   C CD2 . TRP A 1 30  ? 4.735   -11.526 4.731   1.00 9.85  ? 1321 TRP A CD2 1 
ATOM   51   N NE1 . TRP A 1 30  ? 5.173   -13.264 6.087   1.00 11.09 ? 1321 TRP A NE1 1 
ATOM   52   C CE2 . TRP A 1 30  ? 5.112   -11.911 6.029   1.00 10.05 ? 1321 TRP A CE2 1 
ATOM   53   C CE3 . TRP A 1 30  ? 4.602   -10.169 4.454   1.00 10.85 ? 1321 TRP A CE3 1 
ATOM   54   C CZ2 . TRP A 1 30  ? 5.388   -10.986 7.039   1.00 10.99 ? 1321 TRP A CZ2 1 
ATOM   55   C CZ3 . TRP A 1 30  ? 4.861   -9.254  5.448   1.00 10.46 ? 1321 TRP A CZ3 1 
ATOM   56   C CH2 . TRP A 1 30  ? 5.259   -9.665  6.719   1.00 11.28 ? 1321 TRP A CH2 1 
ATOM   57   N N   . LYS A 1 31  ? 7.315   -11.841 2.743   1.00 10.25 ? 1322 LYS A N   1 
ATOM   58   C CA  . LYS A 1 31  ? 8.022   -10.601 3.088   1.00 9.84  ? 1322 LYS A CA  1 
ATOM   59   C C   . LYS A 1 31  ? 8.883   -10.111 1.911   1.00 10.09 ? 1322 LYS A C   1 
ATOM   60   O O   . LYS A 1 31  ? 8.746   -8.964  1.486   1.00 11.33 ? 1322 LYS A O   1 
ATOM   61   C CB  . LYS A 1 31  ? 8.812   -10.796 4.380   1.00 10.39 ? 1322 LYS A CB  1 
ATOM   62   C CG  . LYS A 1 31  ? 9.564   -9.536  4.808   1.00 11.03 ? 1322 LYS A CG  1 
ATOM   63   C CD  . LYS A 1 31  ? 10.201  -9.703  6.133   1.00 11.16 ? 1322 LYS A CD  1 
ATOM   64   C CE  . LYS A 1 31  ? 10.902  -8.466  6.649   1.00 11.39 ? 1322 LYS A CE  1 
ATOM   65   N NZ  . LYS A 1 31  ? 11.393  -8.740  8.018   1.00 12.44 ? 1322 LYS A NZ  1 
ATOM   66   N N   . LYS A 1 32  ? 9.724   -10.988 1.365   1.00 12.16 ? 1323 LYS A N   1 
ATOM   67   C CA  . LYS A 1 32  ? 10.499  -10.632 0.165   1.00 12.20 ? 1323 LYS A CA  1 
ATOM   68   C C   . LYS A 1 32  ? 9.568   -10.369 -1.017  1.00 11.39 ? 1323 LYS A C   1 
ATOM   69   O O   . LYS A 1 32  ? 9.851   -9.488  -1.776  1.00 11.79 ? 1323 LYS A O   1 
ATOM   70   C CB  . LYS A 1 32  ? 11.485  -11.745 -0.192  1.00 14.97 ? 1323 LYS A CB  1 
ATOM   71   C CG  . LYS A 1 32  ? 12.610  -11.278 -1.074  1.00 20.69 ? 1323 LYS A CG  1 
ATOM   72   C CD  . LYS A 1 32  ? 13.627  -12.385 -1.385  1.00 23.45 ? 1323 LYS A CD  1 
ATOM   73   N N   . GLN A 1 33  ? 8.464   -11.110 -1.139  1.00 11.90 ? 1324 GLN A N   1 
ATOM   74   C CA  . GLN A 1 33  ? 7.468   -10.833 -2.211  1.00 11.45 ? 1324 GLN A CA  1 
ATOM   75   C C   . GLN A 1 33  ? 6.953   -9.390  -2.079  1.00 11.53 ? 1324 GLN A C   1 
ATOM   76   O O   . GLN A 1 33  ? 6.808   -8.672  -3.065  1.00 11.23 ? 1324 GLN A O   1 
ATOM   77   C CB  . GLN A 1 33  ? 6.326   -11.842 -2.141  1.00 11.35 ? 1324 GLN A CB  1 
ATOM   78   C CG  . GLN A 1 33  ? 6.750   -13.215 -2.637  1.00 12.68 ? 1324 GLN A CG  1 
ATOM   79   C CD  . GLN A 1 33  ? 5.837   -14.323 -2.212  1.00 13.33 ? 1324 GLN A CD  1 
ATOM   80   O OE1 . GLN A 1 33  ? 4.770   -14.127 -1.664  1.00 14.90 ? 1324 GLN A OE1 1 
ATOM   81   N NE2 . GLN A 1 33  ? 6.275   -15.559 -2.436  1.00 14.73 ? 1324 GLN A NE2 1 
ATOM   82   N N   . CYS A 1 34  ? 6.693   -8.949  -0.861  1.00 10.69 ? 1325 CYS A N   1 
ATOM   83   C CA  . CYS A 1 34  ? 6.202   -7.582  -0.618  1.00 10.90 ? 1325 CYS A CA  1 
ATOM   84   C C   . CYS A 1 34  ? 7.300   -6.562  -0.901  1.00 11.79 ? 1325 CYS A C   1 
ATOM   85   O O   . CYS A 1 34  ? 7.039   -5.513  -1.468  1.00 10.39 ? 1325 CYS A O   1 
ATOM   86   C CB  . CYS A 1 34  ? 5.619   -7.456  0.778   1.00 11.28 ? 1325 CYS A CB  1 
ATOM   87   S SG  . CYS A 1 34  ? 3.997   -8.240  0.923   1.00 11.43 ? 1325 CYS A SG  1 
ATOM   88   N N   . GLU A 1 35  ? 8.534   -6.866  -0.508  0.50 12.42 ? 1326 GLU A N   1 
ATOM   89   C CA  . GLU A 1 35  ? 9.701   -5.993  -0.794  0.50 13.65 ? 1326 GLU A CA  1 
ATOM   90   C C   . GLU A 1 35  ? 9.819   -5.778  -2.308  0.50 13.57 ? 1326 GLU A C   1 
ATOM   91   O O   . GLU A 1 35  ? 10.018  -4.620  -2.732  0.50 13.58 ? 1326 GLU A O   1 
ATOM   92   C CB  . GLU A 1 35  ? 10.974  -6.614  -0.224  0.50 15.64 ? 1326 GLU A CB  1 
ATOM   93   C CG  . GLU A 1 35  ? 11.050  -6.532  1.284   0.50 17.43 ? 1326 GLU A CG  1 
ATOM   94   C CD  . GLU A 1 35  ? 12.182  -7.329  1.915   0.50 19.87 ? 1326 GLU A CD  1 
ATOM   95   O OE1 . GLU A 1 35  ? 12.835  -8.114  1.189   0.50 22.08 ? 1326 GLU A OE1 1 
ATOM   96   O OE2 . GLU A 1 35  ? 12.402  -7.158  3.140   0.50 22.79 ? 1326 GLU A OE2 1 
ATOM   97   N N   . GLU A 1 36  ? 9.693   -6.849  -3.092  1.00 13.94 ? 1327 GLU A N   1 
ATOM   98   C CA  . GLU A 1 36  ? 9.844   -6.768  -4.548  1.00 14.64 ? 1327 GLU A CA  1 
ATOM   99   C C   . GLU A 1 36  ? 8.666   -5.976  -5.105  1.00 13.41 ? 1327 GLU A C   1 
ATOM   100  O O   . GLU A 1 36  ? 8.907   -5.151  -5.984  1.00 13.68 ? 1327 GLU A O   1 
ATOM   101  C CB  . GLU A 1 36  ? 9.978   -8.169  -5.139  1.00 19.30 ? 1327 GLU A CB  1 
ATOM   102  C CG  . GLU A 1 36  ? 11.173  -8.936  -4.585  1.00 28.72 ? 1327 GLU A CG  1 
ATOM   103  C CD  . GLU A 1 36  ? 12.525  -8.266  -4.760  1.00 36.27 ? 1327 GLU A CD  1 
ATOM   104  O OE1 . GLU A 1 36  ? 12.784  -7.737  -5.873  1.00 44.93 ? 1327 GLU A OE1 1 
ATOM   105  O OE2 . GLU A 1 36  ? 13.325  -8.287  -3.797  1.00 45.29 ? 1327 GLU A OE2 1 
ATOM   106  N N   . LEU A 1 37  ? 7.441   -6.205  -4.600  1.00 11.99 ? 1328 LEU A N   1 
ATOM   107  C CA  . LEU A 1 37  ? 6.286   -5.451  -5.114  1.00 11.03 ? 1328 LEU A CA  1 
ATOM   108  C C   . LEU A 1 37  ? 6.467   -3.972  -4.766  1.00 10.37 ? 1328 LEU A C   1 
ATOM   109  O O   . LEU A 1 37  ? 6.128   -3.122  -5.614  1.00 10.77 ? 1328 LEU A O   1 
ATOM   110  C CB  . LEU A 1 37  ? 4.995   -6.043  -4.552  1.00 12.11 ? 1328 LEU A CB  1 
ATOM   111  C CG  . LEU A 1 37  ? 3.722   -5.310  -4.942  1.00 12.71 ? 1328 LEU A CG  1 
ATOM   112  C CD1 . LEU A 1 37  ? 3.621   -5.097  -6.452  1.00 13.17 ? 1328 LEU A CD1 1 
ATOM   113  C CD2 . LEU A 1 37  ? 2.515   -6.062  -4.478  1.00 12.73 ? 1328 LEU A CD2 1 
ATOM   114  N N   . LEU A 1 38  ? 6.997   -3.625  -3.598  1.00 10.58 ? 1329 LEU A N   1 
ATOM   115  C CA  . LEU A 1 38  ? 7.200   -2.193  -3.263  1.00 11.07 ? 1329 LEU A CA  1 
ATOM   116  C C   . LEU A 1 38  ? 8.251   -1.586  -4.192  1.00 12.69 ? 1329 LEU A C   1 
ATOM   117  O O   . LEU A 1 38  ? 8.097   -0.455  -4.583  1.00 13.30 ? 1329 LEU A O   1 
ATOM   118  C CB  . LEU A 1 38  ? 7.584   -2.092  -1.788  1.00 11.58 ? 1329 LEU A CB  1 
ATOM   119  C CG  . LEU A 1 38  ? 6.428   -2.302  -0.799  1.00 11.10 ? 1329 LEU A CG  1 
ATOM   120  C CD1 . LEU A 1 38  ? 6.964   -2.438  0.601   1.00 11.75 ? 1329 LEU A CD1 1 
ATOM   121  C CD2 . LEU A 1 38  ? 5.378   -1.199  -0.856  1.00 12.21 ? 1329 LEU A CD2 1 
ATOM   122  N N   . ASN A 1 39  ? 9.302   -2.321  -4.520  1.00 13.74 ? 1330 ASN A N   1 
ATOM   123  C CA  . ASN A 1 39  ? 10.307  -1.888  -5.524  1.00 15.93 ? 1330 ASN A CA  1 
ATOM   124  C C   . ASN A 1 39  ? 9.586   -1.579  -6.836  1.00 13.74 ? 1330 ASN A C   1 
ATOM   125  O O   . ASN A 1 39  ? 9.818   -0.478  -7.399  1.00 15.57 ? 1330 ASN A O   1 
ATOM   126  C CB  . ASN A 1 39  ? 11.406  -2.942  -5.642  1.00 17.29 ? 1330 ASN A CB  1 
ATOM   127  C CG  . ASN A 1 39  ? 12.308  -2.987  -4.426  1.00 20.20 ? 1330 ASN A CG  1 
ATOM   128  O OD1 . ASN A 1 39  ? 12.413  -2.035  -3.671  1.00 23.79 ? 1330 ASN A OD1 1 
ATOM   129  N ND2 . ASN A 1 39  ? 12.973  -4.108  -4.227  1.00 22.52 ? 1330 ASN A ND2 1 
ATOM   130  N N   . LEU A 1 40  ? 8.725   -2.464  -7.316  1.00 12.52 ? 1331 LEU A N   1 
ATOM   131  C CA  . LEU A 1 40  ? 7.999   -2.198  -8.581  1.00 14.93 ? 1331 LEU A CA  1 
ATOM   132  C C   . LEU A 1 40  ? 7.174   -0.925  -8.419  1.00 13.89 ? 1331 LEU A C   1 
ATOM   133  O O   . LEU A 1 40  ? 7.144   -0.100  -9.342  1.00 14.61 ? 1331 LEU A O   1 
ATOM   134  C CB  . LEU A 1 40  ? 7.105   -3.373  -8.956  1.00 15.07 ? 1331 LEU A CB  1 
ATOM   135  C CG  . LEU A 1 40  ? 7.846   -4.638  -9.359  1.00 15.92 ? 1331 LEU A CG  1 
ATOM   136  C CD1 . LEU A 1 40  ? 6.880   -5.778  -9.623  1.00 16.24 ? 1331 LEU A CD1 1 
ATOM   137  C CD2 . LEU A 1 40  ? 8.757   -4.360  -10.567 1.00 17.42 ? 1331 LEU A CD2 1 
ATOM   138  N N   . ILE A 1 41  ? 6.540   -0.752  -7.269  1.00 12.54 ? 1332 ILE A N   1 
ATOM   139  C CA  . ILE A 1 41  ? 5.613   0.397   -7.065  1.00 11.85 ? 1332 ILE A CA  1 
ATOM   140  C C   . ILE A 1 41  ? 6.442   1.687   -7.083  1.00 13.06 ? 1332 ILE A C   1 
ATOM   141  O O   . ILE A 1 41  ? 6.019   2.655   -7.726  1.00 11.75 ? 1332 ILE A O   1 
ATOM   142  C CB  . ILE A 1 41  ? 4.766   0.218   -5.784  1.00 11.96 ? 1332 ILE A CB  1 
ATOM   143  C CG1 . ILE A 1 41  ? 3.648   -0.796  -6.058  1.00 12.48 ? 1332 ILE A CG1 1 
ATOM   144  C CG2 . ILE A 1 41  ? 4.231   1.544   -5.284  1.00 11.65 ? 1332 ILE A CG2 1 
ATOM   145  C CD1 . ILE A 1 41  ? 3.056   -1.310  -4.826  1.00 13.12 ? 1332 ILE A CD1 1 
ATOM   146  N N   . PHE A 1 42  ? 7.621   1.674   -6.470  1.00 13.61 ? 1333 PHE A N   1 
ATOM   147  C CA  . PHE A 1 42  ? 8.541   2.833   -6.440  1.00 15.78 ? 1333 PHE A CA  1 
ATOM   148  C C   . PHE A 1 42  ? 9.054   3.131   -7.861  1.00 16.40 ? 1333 PHE A C   1 
ATOM   149  O O   . PHE A 1 42  ? 9.257   4.311   -8.173  1.00 20.67 ? 1333 PHE A O   1 
ATOM   150  C CB  . PHE A 1 42  ? 9.611   2.586   -5.384  1.00 15.74 ? 1333 PHE A CB  1 
ATOM   151  C CG  . PHE A 1 42  ? 9.270   3.079   -3.998  1.00 15.31 ? 1333 PHE A CG  1 
ATOM   152  C CD1 . PHE A 1 42  ? 8.675   2.239   -3.067  1.00 16.95 ? 1333 PHE A CD1 1 
ATOM   153  C CD2 . PHE A 1 42  ? 9.535   4.387   -3.622  1.00 17.55 ? 1333 PHE A CD2 1 
ATOM   154  C CE1 . PHE A 1 42  ? 8.383   2.696   -1.785  1.00 16.96 ? 1333 PHE A CE1 1 
ATOM   155  C CE2 . PHE A 1 42  ? 9.225   4.845   -2.342  1.00 18.26 ? 1333 PHE A CE2 1 
ATOM   156  C CZ  . PHE A 1 42  ? 8.631   4.001   -1.438  1.00 17.42 ? 1333 PHE A CZ  1 
ATOM   157  N N   . GLN A 1 43  ? 9.109   2.151   -8.757  1.00 17.10 ? 1334 GLN A N   1 
ATOM   158  C CA  . GLN A 1 43  ? 9.506   2.403   -10.178 1.00 18.64 ? 1334 GLN A CA  1 
ATOM   159  C C   . GLN A 1 43  ? 8.360   2.970   -11.018 1.00 18.89 ? 1334 GLN A C   1 
ATOM   160  O O   . GLN A 1 43  ? 8.623   3.573   -12.052 1.00 19.97 ? 1334 GLN A O   1 
ATOM   161  C CB  . GLN A 1 43  ? 10.054  1.120   -10.811 1.00 20.47 ? 1334 GLN A CB  1 
ATOM   162  C CG  . GLN A 1 43  ? 11.464  0.781   -10.327 1.00 23.18 ? 1334 GLN A CG  1 
ATOM   163  C CD  . GLN A 1 43  ? 12.515  1.814   -10.729 1.00 26.88 ? 1334 GLN A CD  1 
ATOM   164  O OE1 . GLN A 1 43  ? 12.581  2.257   -11.906 1.00 25.09 ? 1334 GLN A OE1 1 
ATOM   165  N NE2 . GLN A 1 43  ? 13.377  2.189   -9.769  1.00 24.73 ? 1334 GLN A NE2 1 
ATOM   166  N N   A CYS A 1 44  ? 7.108   2.735   -10.609 0.25 17.35 ? 1335 CYS A N   1 
ATOM   167  N N   B CYS A 1 44  ? 7.116   2.749   -10.596 0.25 17.96 ? 1335 CYS A N   1 
ATOM   168  C CA  A CYS A 1 44  ? 5.897   3.250   -11.302 0.25 16.46 ? 1335 CYS A CA  1 
ATOM   169  C CA  B CYS A 1 44  ? 5.905   3.226   -11.304 0.25 17.38 ? 1335 CYS A CA  1 
ATOM   170  C C   A CYS A 1 44  ? 5.827   4.768   -11.141 0.25 15.84 ? 1335 CYS A C   1 
ATOM   171  C C   B CYS A 1 44  ? 5.795   4.750   -11.143 0.25 16.31 ? 1335 CYS A C   1 
ATOM   172  O O   A CYS A 1 44  ? 5.867   5.250   -9.993  0.25 14.26 ? 1335 CYS A O   1 
ATOM   173  O O   B CYS A 1 44  ? 5.804   5.223   -9.991  0.25 14.61 ? 1335 CYS A O   1 
ATOM   174  C CB  A CYS A 1 44  ? 4.619   2.639   -10.745 0.25 16.75 ? 1335 CYS A CB  1 
ATOM   175  C CB  B CYS A 1 44  ? 4.673   2.518   -10.756 0.25 18.32 ? 1335 CYS A CB  1 
ATOM   176  S SG  A CYS A 1 44  ? 4.480   0.868   -11.074 0.25 17.13 ? 1335 CYS A SG  1 
ATOM   177  S SG  B CYS A 1 44  ? 3.213   2.738   -11.799 0.25 20.53 ? 1335 CYS A SG  1 
ATOM   178  N N   . GLU A 1 45  ? 5.702   5.498   -12.251 1.00 15.56 ? 1336 GLU A N   1 
ATOM   179  C CA  . GLU A 1 45  ? 5.530   6.976   -12.177 1.00 15.95 ? 1336 GLU A CA  1 
ATOM   180  C C   . GLU A 1 45  ? 4.265   7.343   -11.382 1.00 13.49 ? 1336 GLU A C   1 
ATOM   181  O O   . GLU A 1 45  ? 4.278   8.347   -10.643 1.00 14.67 ? 1336 GLU A O   1 
ATOM   182  C CB  . GLU A 1 45  ? 5.469   7.555   -13.576 1.00 17.05 ? 1336 GLU A CB  1 
ATOM   183  C CG  . GLU A 1 45  ? 6.831   7.591   -14.233 1.00 20.77 ? 1336 GLU A CG  1 
ATOM   184  C CD  . GLU A 1 45  ? 6.820   8.067   -15.670 1.00 24.30 ? 1336 GLU A CD  1 
ATOM   185  O OE1 . GLU A 1 45  ? 5.721   8.461   -16.170 1.00 26.85 ? 1336 GLU A OE1 1 
ATOM   186  O OE2 . GLU A 1 45  ? 7.905   8.031   -16.286 1.00 27.15 ? 1336 GLU A OE2 1 
ATOM   187  N N   . ASP A 1 46  ? 3.255   6.494   -11.466 1.00 12.71 ? 1337 ASP A N   1 
ATOM   188  C CA  . ASP A 1 46  ? 1.982   6.705   -10.741 1.00 11.99 ? 1337 ASP A CA  1 
ATOM   189  C C   . ASP A 1 46  ? 2.166   6.712   -9.214  1.00 12.02 ? 1337 ASP A C   1 
ATOM   190  O O   . ASP A 1 46  ? 1.239   7.134   -8.501  1.00 11.83 ? 1337 ASP A O   1 
ATOM   191  C CB  . ASP A 1 46  ? 0.933   5.689   -11.160 1.00 11.80 ? 1337 ASP A CB  1 
ATOM   192  C CG  . ASP A 1 46  ? 0.302   5.950   -12.523 1.00 12.09 ? 1337 ASP A CG  1 
ATOM   193  O OD1 . ASP A 1 46  ? 0.404   7.109   -12.996 1.00 14.11 ? 1337 ASP A OD1 1 
ATOM   194  O OD2 . ASP A 1 46  ? -0.306  5.026   -13.073 1.00 14.09 ? 1337 ASP A OD2 1 
ATOM   195  N N   . SER A 1 47  ? 3.243   6.156   -8.667  1.00 11.28 ? 1338 SER A N   1 
ATOM   196  C CA  . SER A 1 47  ? 3.447   6.191   -7.202  1.00 11.99 ? 1338 SER A CA  1 
ATOM   197  C C   . SER A 1 47  ? 4.018   7.513   -6.688  1.00 11.69 ? 1338 SER A C   1 
ATOM   198  O O   . SER A 1 47  ? 4.028   7.706   -5.462  1.00 10.57 ? 1338 SER A O   1 
ATOM   199  C CB  . SER A 1 47  ? 4.264   5.045   -6.746  1.00 11.83 ? 1338 SER A CB  1 
ATOM   200  O OG  . SER A 1 47  ? 5.623   5.209   -7.065  1.00 13.16 ? 1338 SER A OG  1 
ATOM   201  N N   . GLU A 1 48  ? 4.421   8.425   -7.561  1.00 12.24 ? 1339 GLU A N   1 
ATOM   202  C CA  . GLU A 1 48  ? 5.181   9.613   -7.105  1.00 15.37 ? 1339 GLU A CA  1 
ATOM   203  C C   . GLU A 1 48  ? 4.445   10.379  -6.008  1.00 12.63 ? 1339 GLU A C   1 
ATOM   204  O O   . GLU A 1 48  ? 5.057   10.698  -4.987  1.00 12.81 ? 1339 GLU A O   1 
ATOM   205  C CB  . GLU A 1 48  ? 5.534   10.541  -8.269  1.00 19.26 ? 1339 GLU A CB  1 
ATOM   206  C CG  . GLU A 1 48  ? 6.684   11.448  -7.866  1.00 25.85 ? 1339 GLU A CG  1 
ATOM   207  C CD  . GLU A 1 48  ? 6.248   12.676  -7.099  1.00 28.90 ? 1339 GLU A CD  1 
ATOM   208  O OE1 . GLU A 1 48  ? 5.291   13.275  -7.563  1.00 36.67 ? 1339 GLU A OE1 1 
ATOM   209  O OE2 . GLU A 1 48  ? 6.879   13.019  -6.045  1.00 38.29 ? 1339 GLU A OE2 1 
ATOM   210  N N   . PRO A 1 49  ? 3.119   10.645  -6.109  1.00 12.60 ? 1340 PRO A N   1 
ATOM   211  C CA  . PRO A 1 49  ? 2.432   11.402  -5.054  1.00 11.96 ? 1340 PRO A CA  1 
ATOM   212  C C   . PRO A 1 49  ? 2.362   10.675  -3.712  1.00 11.86 ? 1340 PRO A C   1 
ATOM   213  O O   . PRO A 1 49  ? 2.015   11.324  -2.710  1.00 11.58 ? 1340 PRO A O   1 
ATOM   214  C CB  . PRO A 1 49  ? 1.026   11.632  -5.641  1.00 11.99 ? 1340 PRO A CB  1 
ATOM   215  C CG  . PRO A 1 49  ? 1.168   11.406  -7.106  1.00 12.44 ? 1340 PRO A CG  1 
ATOM   216  C CD  . PRO A 1 49  ? 2.199   10.306  -7.198  1.00 12.23 ? 1340 PRO A CD  1 
ATOM   217  N N   . PHE A 1 50  ? 2.665   9.389   -3.694  1.00 10.62 ? 1341 PHE A N   1 
ATOM   218  C CA  . PHE A 1 50  ? 2.352   8.502   -2.544  1.00 10.58 ? 1341 PHE A CA  1 
ATOM   219  C C   . PHE A 1 50  ? 3.625   7.937   -1.921  1.00 12.06 ? 1341 PHE A C   1 
ATOM   220  O O   . PHE A 1 50  ? 3.520   7.059   -1.072  1.00 12.88 ? 1341 PHE A O   1 
ATOM   221  C CB  . PHE A 1 50  ? 1.431   7.377   -3.019  1.00 9.22  ? 1341 PHE A CB  1 
ATOM   222  C CG  . PHE A 1 50  ? 0.240   7.890   -3.790  1.00 8.99  ? 1341 PHE A CG  1 
ATOM   223  C CD1 . PHE A 1 50  ? -0.745  8.636   -3.137  1.00 10.69 ? 1341 PHE A CD1 1 
ATOM   224  C CD2 . PHE A 1 50  ? 0.115   7.690   -5.152  1.00 9.74  ? 1341 PHE A CD2 1 
ATOM   225  C CE1 . PHE A 1 50  ? -1.813  9.175   -3.838  1.00 10.37 ? 1341 PHE A CE1 1 
ATOM   226  C CE2 . PHE A 1 50  ? -0.974  8.210   -5.837  1.00 9.57  ? 1341 PHE A CE2 1 
ATOM   227  C CZ  . PHE A 1 50  ? -1.926  8.946   -5.176  1.00 10.01 ? 1341 PHE A CZ  1 
ATOM   228  N N   . ARG A 1 51  ? 4.794   8.395   -2.316  1.00 13.46 ? 1342 ARG A N   1 
ATOM   229  C CA  . ARG A 1 51  ? 6.082   7.798   -1.892  1.00 13.43 ? 1342 ARG A CA  1 
ATOM   230  C C   . ARG A 1 51  ? 6.449   8.308   -0.528  1.00 14.80 ? 1342 ARG A C   1 
ATOM   231  O O   . ARG A 1 51  ? 7.198   7.597   0.149   1.00 18.67 ? 1342 ARG A O   1 
ATOM   232  C CB  . ARG A 1 51  ? 7.181   8.121   -2.906  1.00 14.16 ? 1342 ARG A CB  1 
ATOM   233  C CG  . ARG A 1 51  ? 6.992   7.357   -4.210  1.00 14.80 ? 1342 ARG A CG  1 
ATOM   234  C CD  . ARG A 1 51  ? 8.019   7.773   -5.232  1.00 16.29 ? 1342 ARG A CD  1 
ATOM   235  N NE  . ARG A 1 51  ? 7.697   7.213   -6.523  1.00 17.86 ? 1342 ARG A NE  1 
ATOM   236  C CZ  . ARG A 1 51  ? 8.154   7.665   -7.704  1.00 20.23 ? 1342 ARG A CZ  1 
ATOM   237  N NH1 . ARG A 1 51  ? 9.021   8.660   -7.732  1.00 21.70 ? 1342 ARG A NH1 1 
ATOM   238  N NH2 . ARG A 1 51  ? 7.793   7.086   -8.837  1.00 19.33 ? 1342 ARG A NH2 1 
ATOM   239  N N   . GLN A 1 52  ? 5.993   9.509   -0.165  1.00 15.38 ? 1343 GLN A N   1 
ATOM   240  C CA  . GLN A 1 52  ? 6.348   10.134  1.122   1.00 17.64 ? 1343 GLN A CA  1 
ATOM   241  C C   . GLN A 1 52  ? 5.080   10.689  1.741   1.00 17.41 ? 1343 GLN A C   1 
ATOM   242  O O   . GLN A 1 52  ? 4.093   10.904  1.029   1.00 17.33 ? 1343 GLN A O   1 
ATOM   243  C CB  . GLN A 1 52  ? 7.416   11.217  0.917   1.00 20.40 ? 1343 GLN A CB  1 
ATOM   244  C CG  . GLN A 1 52  ? 8.673   10.729  0.193   1.00 27.37 ? 1343 GLN A CG  1 
ATOM   245  C CD  . GLN A 1 52  ? 9.597   9.841   1.003   1.00 32.85 ? 1343 GLN A CD  1 
ATOM   246  O OE1 . GLN A 1 52  ? 9.733   9.983   2.222   1.00 38.59 ? 1343 GLN A OE1 1 
ATOM   247  N NE2 . GLN A 1 52  ? 10.243  8.901   0.319   1.00 35.69 ? 1343 GLN A NE2 1 
ATOM   248  N N   . PRO A 1 53  ? 5.063   10.847  3.089   0.42 17.91 ? 1344 PRO A N   1 
ATOM   249  C CA  . PRO A 1 53  ? 3.899   11.370  3.803   0.42 18.56 ? 1344 PRO A CA  1 
ATOM   250  C C   . PRO A 1 53  ? 3.556   12.758  3.259   0.42 19.31 ? 1344 PRO A C   1 
ATOM   251  O O   . PRO A 1 53  ? 4.472   13.529  3.051   0.42 20.77 ? 1344 PRO A O   1 
ATOM   252  C CB  . PRO A 1 53  ? 4.339   11.470  5.272   0.42 18.00 ? 1344 PRO A CB  1 
ATOM   253  C CG  . PRO A 1 53  ? 5.541   10.557  5.382   0.42 18.23 ? 1344 PRO A CG  1 
ATOM   254  C CD  . PRO A 1 53  ? 6.174   10.538  4.006   0.42 17.86 ? 1344 PRO A CD  1 
ATOM   255  N N   . VAL A 1 54  ? 2.270   13.033  3.037   0.42 20.14 ? 1345 VAL A N   1 
ATOM   256  C CA  . VAL A 1 54  ? 1.806   14.336  2.482   0.42 19.93 ? 1345 VAL A CA  1 
ATOM   257  C C   . VAL A 1 54  ? 2.404   15.452  3.345   0.42 21.21 ? 1345 VAL A C   1 
ATOM   258  O O   . VAL A 1 54  ? 2.418   15.299  4.588   0.42 20.84 ? 1345 VAL A O   1 
ATOM   259  C CB  . VAL A 1 54  ? 0.271   14.429  2.412   0.42 19.48 ? 1345 VAL A CB  1 
ATOM   260  C CG1 . VAL A 1 54  ? -0.193  15.847  2.114   0.42 18.97 ? 1345 VAL A CG1 1 
ATOM   261  C CG2 . VAL A 1 54  ? -0.298  13.452  1.395   0.42 19.60 ? 1345 VAL A CG2 1 
ATOM   262  N N   . ASP A 1 55  ? 2.917   16.497  2.690   0.42 21.95 ? 1346 ASP A N   1 
ATOM   263  C CA  . ASP A 1 55  ? 3.403   17.743  3.332   0.42 23.73 ? 1346 ASP A CA  1 
ATOM   264  C C   . ASP A 1 55  ? 2.188   18.634  3.597   0.42 25.01 ? 1346 ASP A C   1 
ATOM   265  O O   . ASP A 1 55  ? 1.497   19.012  2.626   0.42 25.03 ? 1346 ASP A O   1 
ATOM   266  C CB  . ASP A 1 55  ? 4.444   18.447  2.458   0.42 24.22 ? 1346 ASP A CB  1 
ATOM   267  C CG  . ASP A 1 55  ? 5.193   19.562  3.166   0.42 24.38 ? 1346 ASP A CG  1 
ATOM   268  O OD1 . ASP A 1 55  ? 4.762   19.963  4.266   0.42 23.62 ? 1346 ASP A OD1 1 
ATOM   269  O OD2 . ASP A 1 55  ? 6.209   20.019  2.611   0.42 26.04 ? 1346 ASP A OD2 1 
ATOM   270  N N   . LEU A 1 56  ? 1.944   18.965  4.865   0.42 27.40 ? 1347 LEU A N   1 
ATOM   271  C CA  . LEU A 1 56  ? 0.785   19.797  5.277   0.42 28.58 ? 1347 LEU A CA  1 
ATOM   272  C C   . LEU A 1 56  ? 1.011   21.249  4.834   0.42 29.09 ? 1347 LEU A C   1 
ATOM   273  O O   . LEU A 1 56  ? 0.034   22.011  4.842   0.42 30.29 ? 1347 LEU A O   1 
ATOM   274  C CB  . LEU A 1 56  ? 0.575   19.695  6.793   0.42 29.43 ? 1347 LEU A CB  1 
ATOM   275  C CG  . LEU A 1 56  ? 0.541   18.280  7.378   0.42 30.44 ? 1347 LEU A CG  1 
ATOM   276  C CD1 . LEU A 1 56  ? -0.093  18.285  8.761   0.42 30.37 ? 1347 LEU A CD1 1 
ATOM   277  C CD2 . LEU A 1 56  ? -0.190  17.301  6.464   0.42 30.43 ? 1347 LEU A CD2 1 
ATOM   278  N N   . LEU A 1 57  ? 2.233   21.625  4.431   1.00 29.46 ? 1348 LEU A N   1 
ATOM   279  C CA  . LEU A 1 57  ? 2.475   23.012  3.968   1.00 29.55 ? 1348 LEU A CA  1 
ATOM   280  C C   . LEU A 1 57  ? 1.833   23.179  2.582   1.00 30.75 ? 1348 LEU A C   1 
ATOM   281  O O   . LEU A 1 57  ? 1.238   24.262  2.327   1.00 28.80 ? 1348 LEU A O   1 
ATOM   282  C CB  . LEU A 1 57  ? 3.980   23.299  3.962   1.00 38.07 ? 1348 LEU A CB  1 
ATOM   283  C CG  . LEU A 1 57  ? 4.677   23.107  5.311   1.00 43.12 ? 1348 LEU A CG  1 
ATOM   284  C CD1 . LEU A 1 57  ? 6.179   23.338  5.196   1.00 47.59 ? 1348 LEU A CD1 1 
ATOM   285  C CD2 . LEU A 1 57  ? 4.069   24.019  6.360   1.00 45.46 ? 1348 LEU A CD2 1 
ATOM   286  N N   . GLU A 1 58  ? 1.912   22.142  1.739   1.00 26.19 ? 1349 GLU A N   1 
ATOM   287  C CA  . GLU A 1 58  ? 1.289   22.107  0.382   1.00 27.07 ? 1349 GLU A CA  1 
ATOM   288  C C   . GLU A 1 58  ? -0.243  21.958  0.497   1.00 24.45 ? 1349 GLU A C   1 
ATOM   289  O O   . GLU A 1 58  ? -0.972  22.530  -0.320  1.00 24.67 ? 1349 GLU A O   1 
ATOM   290  C CB  . GLU A 1 58  ? 1.821   20.945  -0.467  1.00 32.57 ? 1349 GLU A CB  1 
ATOM   291  C CG  . GLU A 1 58  ? 3.302   21.029  -0.850  1.00 35.72 ? 1349 GLU A CG  1 
ATOM   292  C CD  . GLU A 1 58  ? 3.897   19.822  -1.594  1.00 43.75 ? 1349 GLU A CD  1 
ATOM   293  O OE1 . GLU A 1 58  ? 3.113   18.927  -2.052  1.00 45.20 ? 1349 GLU A OE1 1 
ATOM   294  O OE2 . GLU A 1 58  ? 5.157   19.767  -1.740  1.00 48.33 ? 1349 GLU A OE2 1 
ATOM   295  N N   . TYR A 1 59  ? -0.701  21.195  1.493   0.42 24.07 ? 1350 TYR A N   1 
ATOM   296  C CA  . TYR A 1 59  ? -2.123  20.798  1.668   0.42 24.07 ? 1350 TYR A CA  1 
ATOM   297  C C   . TYR A 1 59  ? -2.530  21.027  3.121   0.42 23.70 ? 1350 TYR A C   1 
ATOM   298  O O   . TYR A 1 59  ? -2.675  20.084  3.894   0.42 22.37 ? 1350 TYR A O   1 
ATOM   299  C CB  . TYR A 1 59  ? -2.294  19.349  1.204   0.42 23.80 ? 1350 TYR A CB  1 
ATOM   300  C CG  . TYR A 1 59  ? -2.171  19.163  -0.287  0.42 23.72 ? 1350 TYR A CG  1 
ATOM   301  C CD1 . TYR A 1 59  ? -3.280  19.279  -1.103  0.42 24.07 ? 1350 TYR A CD1 1 
ATOM   302  C CD2 . TYR A 1 59  ? -0.952  18.891  -0.890  0.42 24.56 ? 1350 TYR A CD2 1 
ATOM   303  C CE1 . TYR A 1 59  ? -3.196  19.108  -2.473  0.42 24.91 ? 1350 TYR A CE1 1 
ATOM   304  C CE2 . TYR A 1 59  ? -0.847  18.725  -2.263  0.42 24.47 ? 1350 TYR A CE2 1 
ATOM   305  C CZ  . TYR A 1 59  ? -1.978  18.824  -3.057  0.42 24.31 ? 1350 TYR A CZ  1 
ATOM   306  O OH  . TYR A 1 59  ? -1.916  18.654  -4.409  0.42 24.51 ? 1350 TYR A OH  1 
ATOM   307  N N   . PRO A 1 60  ? -2.709  22.300  3.539   1.00 23.41 ? 1351 PRO A N   1 
ATOM   308  C CA  . PRO A 1 60  ? -2.892  22.603  4.960   1.00 21.63 ? 1351 PRO A CA  1 
ATOM   309  C C   . PRO A 1 60  ? -4.188  22.095  5.633   1.00 19.94 ? 1351 PRO A C   1 
ATOM   310  O O   . PRO A 1 60  ? -4.240  22.036  6.836   1.00 20.15 ? 1351 PRO A O   1 
ATOM   311  C CB  . PRO A 1 60  ? -2.756  24.145  4.953   1.00 24.20 ? 1351 PRO A CB  1 
ATOM   312  C CG  . PRO A 1 60  ? -3.233  24.574  3.608   1.00 24.35 ? 1351 PRO A CG  1 
ATOM   313  C CD  . PRO A 1 60  ? -2.725  23.487  2.666   1.00 25.85 ? 1351 PRO A CD  1 
ATOM   314  N N   . ASP A 1 61  ? -5.177  21.661  4.852   1.00 19.39 ? 1352 ASP A N   1 
ATOM   315  C CA  . ASP A 1 61  ? -6.420  21.106  5.433   1.00 19.34 ? 1352 ASP A CA  1 
ATOM   316  C C   . ASP A 1 61  ? -6.335  19.570  5.436   1.00 17.47 ? 1352 ASP A C   1 
ATOM   317  O O   . ASP A 1 61  ? -7.316  18.912  5.823   1.00 16.76 ? 1352 ASP A O   1 
ATOM   318  C CB  . ASP A 1 61  ? -7.636  21.568  4.635   1.00 19.90 ? 1352 ASP A CB  1 
ATOM   319  C CG  . ASP A 1 61  ? -7.626  21.027  3.233   1.00 20.86 ? 1352 ASP A CG  1 
ATOM   320  O OD1 . ASP A 1 61  ? -6.507  20.689  2.739   1.00 22.65 ? 1352 ASP A OD1 1 
ATOM   321  O OD2 . ASP A 1 61  ? -8.717  20.889  2.677   1.00 27.44 ? 1352 ASP A OD2 1 
ATOM   322  N N   . TYR A 1 62  ? -5.187  18.997  5.070   1.00 16.77 ? 1353 TYR A N   1 
ATOM   323  C CA  . TYR A 1 62  ? -5.137  17.521  4.893   1.00 15.73 ? 1353 TYR A CA  1 
ATOM   324  C C   . TYR A 1 62  ? -5.647  16.791  6.136   1.00 15.29 ? 1353 TYR A C   1 
ATOM   325  O O   . TYR A 1 62  ? -6.441  15.856  5.993   1.00 14.64 ? 1353 TYR A O   1 
ATOM   326  C CB  . TYR A 1 62  ? -3.740  17.064  4.490   1.00 14.57 ? 1353 TYR A CB  1 
ATOM   327  C CG  . TYR A 1 62  ? -3.679  15.625  4.023   1.00 14.66 ? 1353 TYR A CG  1 
ATOM   328  C CD1 . TYR A 1 62  ? -4.204  15.311  2.795   1.00 13.24 ? 1353 TYR A CD1 1 
ATOM   329  C CD2 . TYR A 1 62  ? -3.191  14.600  4.823   1.00 13.73 ? 1353 TYR A CD2 1 
ATOM   330  C CE1 . TYR A 1 62  ? -4.177  14.012  2.319   1.00 13.29 ? 1353 TYR A CE1 1 
ATOM   331  C CE2 . TYR A 1 62  ? -3.123  13.297  4.345   1.00 13.47 ? 1353 TYR A CE2 1 
ATOM   332  C CZ  . TYR A 1 62  ? -3.668  13.003  3.110   1.00 13.29 ? 1353 TYR A CZ  1 
ATOM   333  O OH  . TYR A 1 62  ? -3.644  11.722  2.626   1.00 11.99 ? 1353 TYR A OH  1 
ATOM   334  N N   . ARG A 1 63  ? -5.138  17.088  7.333   1.00 14.83 ? 1354 ARG A N   1 
ATOM   335  C CA  . ARG A 1 63  ? -5.466  16.350  8.571   1.00 18.09 ? 1354 ARG A CA  1 
ATOM   336  C C   . ARG A 1 63  ? -6.861  16.693  9.096   1.00 16.17 ? 1354 ARG A C   1 
ATOM   337  O O   . ARG A 1 63  ? -7.343  16.025  9.990   1.00 19.19 ? 1354 ARG A O   1 
ATOM   338  C CB  . ARG A 1 63  ? -4.404  16.607  9.638   1.00 19.19 ? 1354 ARG A CB  1 
ATOM   339  C CG  . ARG A 1 63  ? -3.021  16.080  9.293   1.00 22.30 ? 1354 ARG A CG  1 
ATOM   340  C CD  . ARG A 1 63  ? -3.012  14.596  8.954   1.00 25.58 ? 1354 ARG A CD  1 
ATOM   341  N NE  . ARG A 1 63  ? -3.597  13.876  10.077  1.00 28.76 ? 1354 ARG A NE  1 
ATOM   342  C CZ  . ARG A 1 63  ? -2.923  13.511  11.167  1.00 32.90 ? 1354 ARG A CZ  1 
ATOM   343  N NH1 . ARG A 1 63  ? -1.618  13.728  11.259  1.00 34.12 ? 1354 ARG A NH1 1 
ATOM   344  N NH2 . ARG A 1 63  ? -3.548  12.896  12.146  1.00 32.98 ? 1354 ARG A NH2 1 
ATOM   345  N N   . ASP A 1 64  ? -7.535  17.671  8.501   1.00 17.09 ? 1355 ASP A N   1 
ATOM   346  C CA  . ASP A 1 64  ? -8.962  17.942  8.806   1.00 17.37 ? 1355 ASP A CA  1 
ATOM   347  C C   . ASP A 1 64  ? -9.841  16.884  8.131   1.00 17.19 ? 1355 ASP A C   1 
ATOM   348  O O   . ASP A 1 64  ? -10.972 16.639  8.590   1.00 21.81 ? 1355 ASP A O   1 
ATOM   349  C CB  . ASP A 1 64  ? -9.387  19.294  8.222   1.00 18.44 ? 1355 ASP A CB  1 
ATOM   350  C CG  . ASP A 1 64  ? -8.654  20.521  8.744   1.00 20.26 ? 1355 ASP A CG  1 
ATOM   351  O OD1 . ASP A 1 64  ? -8.047  20.448  9.835   1.00 23.57 ? 1355 ASP A OD1 1 
ATOM   352  O OD2 . ASP A 1 64  ? -8.751  21.558  8.063   1.00 24.16 ? 1355 ASP A OD2 1 
ATOM   353  N N   A ILE A 1 65  ? -9.339  16.285  7.047   0.25 17.12 ? 1356 ILE A N   1 
ATOM   354  N N   B ILE A 1 65  ? -9.328  16.305  7.036   0.25 16.25 ? 1356 ILE A N   1 
ATOM   355  C CA  A ILE A 1 65  ? -10.078 15.270  6.248   0.25 16.74 ? 1356 ILE A CA  1 
ATOM   356  C CA  B ILE A 1 65  ? -10.035 15.317  6.173   0.25 15.37 ? 1356 ILE A CA  1 
ATOM   357  C C   A ILE A 1 65  ? -9.538  13.870  6.556   0.25 16.30 ? 1356 ILE A C   1 
ATOM   358  C C   B ILE A 1 65  ? -9.533  13.897  6.481   0.25 15.51 ? 1356 ILE A C   1 
ATOM   359  O O   A ILE A 1 65  ? -10.366 12.959  6.736   0.25 17.21 ? 1356 ILE A O   1 
ATOM   360  O O   B ILE A 1 65  ? -10.388 12.990  6.558   0.25 16.27 ? 1356 ILE A O   1 
ATOM   361  C CB  A ILE A 1 65  ? -9.983  15.636  4.758   0.25 17.15 ? 1356 ILE A CB  1 
ATOM   362  C CB  B ILE A 1 65  ? -9.838  15.698  4.694   0.25 14.82 ? 1356 ILE A CB  1 
ATOM   363  C CG1 A ILE A 1 65  ? -10.668 16.983  4.497   0.25 17.72 ? 1356 ILE A CG1 1 
ATOM   364  C CG1 B ILE A 1 65  ? -10.148 17.179  4.435   0.25 14.12 ? 1356 ILE A CG1 1 
ATOM   365  C CG2 A ILE A 1 65  ? -10.542 14.520  3.891   0.25 17.31 ? 1356 ILE A CG2 1 
ATOM   366  C CG2 B ILE A 1 65  ? -10.634 14.773  3.786   0.25 14.99 ? 1356 ILE A CG2 1 
ATOM   367  C CD1 A ILE A 1 65  ? -10.006 17.822  3.443   0.25 18.40 ? 1356 ILE A CD1 1 
ATOM   368  C CD1 B ILE A 1 65  ? -11.593 17.585  4.674   0.25 13.99 ? 1356 ILE A CD1 1 
ATOM   369  N N   . ILE A 1 66  ? -8.213  13.718  6.634   1.00 15.45 ? 1357 ILE A N   1 
ATOM   370  C CA  . ILE A 1 66  ? -7.550  12.388  6.746   1.00 15.21 ? 1357 ILE A CA  1 
ATOM   371  C C   . ILE A 1 66  ? -7.089  12.167  8.183   1.00 15.57 ? 1357 ILE A C   1 
ATOM   372  O O   . ILE A 1 66  ? -6.203  12.872  8.609   1.00 17.21 ? 1357 ILE A O   1 
ATOM   373  C CB  . ILE A 1 66  ? -6.392  12.339  5.724   1.00 15.00 ? 1357 ILE A CB  1 
ATOM   374  C CG1 . ILE A 1 66  ? -6.910  12.544  4.289   1.00 15.19 ? 1357 ILE A CG1 1 
ATOM   375  C CG2 . ILE A 1 66  ? -5.558  11.070  5.875   1.00 16.10 ? 1357 ILE A CG2 1 
ATOM   376  C CD1 . ILE A 1 66  ? -7.974  11.565  3.873   1.00 15.40 ? 1357 ILE A CD1 1 
ATOM   377  N N   . ASP A 1 67  ? -7.642  11.163  8.853   1.00 19.37 ? 1358 ASP A N   1 
ATOM   378  C CA  . ASP A 1 67  ? -7.294  10.831  10.254  1.00 21.24 ? 1358 ASP A CA  1 
ATOM   379  C C   . ASP A 1 67  ? -5.970  10.092  10.326  1.00 19.31 ? 1358 ASP A C   1 
ATOM   380  O O   . ASP A 1 67  ? -5.282  10.210  11.340  1.00 21.09 ? 1358 ASP A O   1 
ATOM   381  C CB  . ASP A 1 67  ? -8.308  9.886   10.892  1.00 25.99 ? 1358 ASP A CB  1 
ATOM   382  C CG  . ASP A 1 67  ? -9.718  10.428  10.945  1.00 33.11 ? 1358 ASP A CG  1 
ATOM   383  O OD1 . ASP A 1 67  ? -9.858  11.646  11.144  1.00 36.48 ? 1358 ASP A OD1 1 
ATOM   384  O OD2 . ASP A 1 67  ? -10.662 9.628   10.740  1.00 42.93 ? 1358 ASP A OD2 1 
ATOM   385  N N   . THR A 1 68  ? -5.678  9.232   9.342   1.00 18.28 ? 1359 THR A N   1 
ATOM   386  C CA  . THR A 1 68  ? -4.470  8.365   9.396   1.00 17.30 ? 1359 THR A CA  1 
ATOM   387  C C   . THR A 1 68  ? -3.742  8.436   8.069   1.00 16.12 ? 1359 THR A C   1 
ATOM   388  O O   . THR A 1 68  ? -4.051  7.650   7.165   1.00 16.31 ? 1359 THR A O   1 
ATOM   389  C CB  . THR A 1 68  ? -4.759  6.883   9.681   1.00 17.37 ? 1359 THR A CB  1 
ATOM   390  O OG1 . THR A 1 68  ? -5.592  6.791   10.838  1.00 21.58 ? 1359 THR A OG1 1 
ATOM   391  C CG2 . THR A 1 68  ? -3.468  6.106   9.896   1.00 19.52 ? 1359 THR A CG2 1 
ATOM   392  N N   . PRO A 1 69  ? -2.740  9.322   7.970   1.00 15.22 ? 1360 PRO A N   1 
ATOM   393  C CA  . PRO A 1 69  ? -1.880  9.410   6.793   1.00 15.84 ? 1360 PRO A CA  1 
ATOM   394  C C   . PRO A 1 69  ? -1.139  8.085   6.630   1.00 13.42 ? 1360 PRO A C   1 
ATOM   395  O O   . PRO A 1 69  ? -0.829  7.397   7.583   1.00 13.79 ? 1360 PRO A O   1 
ATOM   396  C CB  . PRO A 1 69  ? -0.875  10.532  7.072   1.00 16.10 ? 1360 PRO A CB  1 
ATOM   397  C CG  . PRO A 1 69  ? -1.500  11.308  8.203   1.00 19.20 ? 1360 PRO A CG  1 
ATOM   398  C CD  . PRO A 1 69  ? -2.366  10.336  8.984   1.00 17.07 ? 1360 PRO A CD  1 
ATOM   399  N N   . MET A 1 70  ? -0.870  7.769   5.374   1.00 11.79 ? 1361 MET A N   1 
ATOM   400  C CA  . MET A 1 70  ? -0.075  6.593   5.018   1.00 11.28 ? 1361 MET A CA  1 
ATOM   401  C C   . MET A 1 70  ? 0.575   6.849   3.661   1.00 10.15 ? 1361 MET A C   1 
ATOM   402  O O   . MET A 1 70  ? 0.019   7.543   2.838   1.00 9.41  ? 1361 MET A O   1 
ATOM   403  C CB  . MET A 1 70  ? -0.948  5.332   4.970   1.00 11.84 ? 1361 MET A CB  1 
ATOM   404  C CG  . MET A 1 70  ? -0.191  4.014   4.885   1.00 12.19 ? 1361 MET A CG  1 
ATOM   405  S SD  . MET A 1 70  ? 1.185   3.797   6.037   1.00 12.01 ? 1361 MET A SD  1 
ATOM   406  C CE  . MET A 1 70  ? 0.360   3.893   7.625   1.00 14.45 ? 1361 MET A CE  1 
ATOM   407  N N   . ASP A 1 71  ? 1.736   6.279   3.472   1.00 10.10 ? 1362 ASP A N   1 
ATOM   408  C CA  . ASP A 1 71  ? 2.525   6.449   2.247   1.00 10.33 ? 1362 ASP A CA  1 
ATOM   409  C C   . ASP A 1 71  ? 3.412   5.227   2.066   1.00 10.27 ? 1362 ASP A C   1 
ATOM   410  O O   . ASP A 1 71  ? 3.598   4.460   3.014   1.00 9.27  ? 1362 ASP A O   1 
ATOM   411  C CB  . ASP A 1 71  ? 3.302   7.749   2.357   1.00 11.45 ? 1362 ASP A CB  1 
ATOM   412  C CG  . ASP A 1 71  ? 4.390   7.631   3.406   1.00 13.06 ? 1362 ASP A CG  1 
ATOM   413  O OD1 . ASP A 1 71  ? 4.047   7.843   4.585   1.00 15.37 ? 1362 ASP A OD1 1 
ATOM   414  O OD2 . ASP A 1 71  ? 5.479   7.147   3.070   1.00 13.24 ? 1362 ASP A OD2 1 
ATOM   415  N N   . PHE A 1 72  ? 3.987   5.061   0.891   1.00 9.87  ? 1363 PHE A N   1 
ATOM   416  C CA  . PHE A 1 72  ? 4.732   3.824   0.594   1.00 10.00 ? 1363 PHE A CA  1 
ATOM   417  C C   . PHE A 1 72  ? 6.062   3.751   1.319   1.00 10.51 ? 1363 PHE A C   1 
ATOM   418  O O   . PHE A 1 72  ? 6.511   2.641   1.600   1.00 10.81 ? 1363 PHE A O   1 
ATOM   419  C CB  . PHE A 1 72  ? 4.932   3.648   -0.907  1.00 9.26  ? 1363 PHE A CB  1 
ATOM   420  C CG  . PHE A 1 72  ? 3.686   3.193   -1.595  1.00 9.01  ? 1363 PHE A CG  1 
ATOM   421  C CD1 . PHE A 1 72  ? 3.263   1.899   -1.444  1.00 9.16  ? 1363 PHE A CD1 1 
ATOM   422  C CD2 . PHE A 1 72  ? 2.948   4.057   -2.361  1.00 9.20  ? 1363 PHE A CD2 1 
ATOM   423  C CE1 . PHE A 1 72  ? 2.112   1.473   -2.061  1.00 10.01 ? 1363 PHE A CE1 1 
ATOM   424  C CE2 . PHE A 1 72  ? 1.836   3.614   -3.029  1.00 9.22  ? 1363 PHE A CE2 1 
ATOM   425  C CZ  . PHE A 1 72  ? 1.381   2.334   -2.826  1.00 9.42  ? 1363 PHE A CZ  1 
ATOM   426  N N   . ALA A 1 73  ? 6.674   4.890   1.629   1.00 10.05 ? 1364 ALA A N   1 
ATOM   427  C CA  . ALA A 1 73  ? 7.915   4.828   2.421   1.00 11.16 ? 1364 ALA A CA  1 
ATOM   428  C C   . ALA A 1 73  ? 7.615   4.316   3.834   1.00 10.46 ? 1364 ALA A C   1 
ATOM   429  O O   . ALA A 1 73  ? 8.358   3.501   4.363   1.00 11.58 ? 1364 ALA A O   1 
ATOM   430  C CB  . ALA A 1 73  ? 8.596   6.173   2.470   1.00 11.80 ? 1364 ALA A CB  1 
ATOM   431  N N   . THR A 1 74  ? 6.521   4.739   4.418   1.00 10.93 ? 1365 THR A N   1 
ATOM   432  C CA  . THR A 1 74  ? 6.101   4.269   5.756   1.00 10.72 ? 1365 THR A CA  1 
ATOM   433  C C   . THR A 1 74  ? 5.837   2.777   5.656   1.00 9.06  ? 1365 THR A C   1 
ATOM   434  O O   . THR A 1 74  ? 6.326   2.028   6.505   1.00 10.20 ? 1365 THR A O   1 
ATOM   435  C CB  . THR A 1 74  ? 4.922   5.044   6.290   1.00 11.81 ? 1365 THR A CB  1 
ATOM   436  O OG1 . THR A 1 74  ? 5.398   6.395   6.418   1.00 12.96 ? 1365 THR A OG1 1 
ATOM   437  C CG2 . THR A 1 74  ? 4.421   4.494   7.604   1.00 11.28 ? 1365 THR A CG2 1 
ATOM   438  N N   . VAL A 1 75  ? 5.158   2.328   4.600   1.00 9.09  ? 1366 VAL A N   1 
ATOM   439  C CA  . VAL A 1 75  ? 4.893   0.873   4.471   1.00 9.32  ? 1366 VAL A CA  1 
ATOM   440  C C   . VAL A 1 75  ? 6.204   0.103   4.360   1.00 10.15 ? 1366 VAL A C   1 
ATOM   441  O O   . VAL A 1 75  ? 6.383   -0.932  5.077   1.00 9.69  ? 1366 VAL A O   1 
ATOM   442  C CB  . VAL A 1 75  ? 3.943   0.580   3.296   1.00 9.66  ? 1366 VAL A CB  1 
ATOM   443  C CG1 . VAL A 1 75  ? 3.817   -0.909  3.069   1.00 9.88  ? 1366 VAL A CG1 1 
ATOM   444  C CG2 . VAL A 1 75  ? 2.591   1.191   3.546   1.00 9.53  ? 1366 VAL A CG2 1 
ATOM   445  N N   . ARG A 1 76  ? 7.129   0.544   3.503   1.00 9.85  ? 1367 ARG A N   1 
ATOM   446  C CA  . ARG A 1 76  ? 8.429   -0.140  3.342   1.00 11.72 ? 1367 ARG A CA  1 
ATOM   447  C C   . ARG A 1 76  ? 9.183   -0.168  4.672   1.00 10.84 ? 1367 ARG A C   1 
ATOM   448  O O   . ARG A 1 76  ? 9.754   -1.195  5.005   1.00 11.58 ? 1367 ARG A O   1 
ATOM   449  C CB  . ARG A 1 76  ? 9.250   0.555   2.261   1.00 13.99 ? 1367 ARG A CB  1 
ATOM   450  C CG  . ARG A 1 76  ? 10.558  -0.154  1.967   1.00 15.68 ? 1367 ARG A CG  1 
ATOM   451  C CD  . ARG A 1 76  ? 11.267  0.750   0.962   1.00 18.70 ? 1367 ARG A CD  1 
ATOM   452  N NE  . ARG A 1 76  ? 11.133  0.214   -0.356  1.00 21.41 ? 1367 ARG A NE  1 
ATOM   453  C CZ  . ARG A 1 76  ? 11.422  0.877   -1.479  1.00 22.83 ? 1367 ARG A CZ  1 
ATOM   454  N NH1 . ARG A 1 76  ? 11.784  2.146   -1.443  1.00 22.81 ? 1367 ARG A NH1 1 
ATOM   455  N NH2 . ARG A 1 76  ? 11.336  0.243   -2.629  1.00 25.17 ? 1367 ARG A NH2 1 
ATOM   456  N N   . GLU A 1 77  ? 9.252   0.949   5.375   1.00 12.03 ? 1368 GLU A N   1 
ATOM   457  C CA  . GLU A 1 77  ? 9.971   1.020   6.647   1.00 13.37 ? 1368 GLU A CA  1 
ATOM   458  C C   . GLU A 1 77  ? 9.343   0.086   7.662   1.00 11.93 ? 1368 GLU A C   1 
ATOM   459  O O   . GLU A 1 77  ? 10.065  -0.535  8.458   1.00 11.96 ? 1368 GLU A O   1 
ATOM   460  C CB  . GLU A 1 77  ? 9.948   2.459   7.108   1.00 16.02 ? 1368 GLU A CB  1 
ATOM   461  C CG  . GLU A 1 77  ? 10.956  3.322   6.381   1.00 21.35 ? 1368 GLU A CG  1 
ATOM   462  C CD  . GLU A 1 77  ? 10.616  4.806   6.289   1.00 28.13 ? 1368 GLU A CD  1 
ATOM   463  O OE1 . GLU A 1 77  ? 9.742   5.277   7.095   1.00 30.61 ? 1368 GLU A OE1 1 
ATOM   464  O OE2 . GLU A 1 77  ? 11.227  5.496   5.384   1.00 32.78 ? 1368 GLU A OE2 1 
ATOM   465  N N   . THR A 1 78  ? 8.022   0.018   7.711   1.00 10.64 ? 1369 THR A N   1 
ATOM   466  C CA  . THR A 1 78  ? 7.325   -0.874  8.671   1.00 9.88  ? 1369 THR A CA  1 
ATOM   467  C C   . THR A 1 78  ? 7.720   -2.318  8.364   1.00 10.87 ? 1369 THR A C   1 
ATOM   468  O O   . THR A 1 78  ? 8.033   -3.107  9.287   1.00 10.72 ? 1369 THR A O   1 
ATOM   469  C CB  . THR A 1 78  ? 5.818   -0.626  8.593   1.00 10.19 ? 1369 THR A CB  1 
ATOM   470  O OG1 . THR A 1 78  ? 5.501   0.734   8.875   1.00 11.04 ? 1369 THR A OG1 1 
ATOM   471  C CG2 . THR A 1 78  ? 5.059   -1.497  9.565   1.00 10.68 ? 1369 THR A CG2 1 
ATOM   472  N N   . LEU A 1 79  ? 7.691   -2.680  7.084   1.00 10.42 ? 1370 LEU A N   1 
ATOM   473  C CA  . LEU A 1 79  ? 8.079   -4.027  6.644   1.00 10.64 ? 1370 LEU A CA  1 
ATOM   474  C C   . LEU A 1 79  ? 9.523   -4.326  7.048   1.00 11.73 ? 1370 LEU A C   1 
ATOM   475  O O   . LEU A 1 79  ? 9.793   -5.410  7.672   1.00 11.17 ? 1370 LEU A O   1 
ATOM   476  C CB  . LEU A 1 79  ? 7.878   -4.100  5.129   1.00 10.32 ? 1370 LEU A CB  1 
ATOM   477  C CG  . LEU A 1 79  ? 8.082   -5.488  4.515   1.00 10.81 ? 1370 LEU A CG  1 
ATOM   478  C CD1 . LEU A 1 79  ? 7.052   -6.469  5.037   1.00 10.42 ? 1370 LEU A CD1 1 
ATOM   479  C CD2 . LEU A 1 79  ? 8.037   -5.372  2.988   1.00 12.13 ? 1370 LEU A CD2 1 
ATOM   480  N N   . GLU A 1 80  ? 10.440  -3.414  6.707   0.50 12.31 ? 1371 GLU A N   1 
ATOM   481  C CA  . GLU A 1 80  ? 11.902  -3.613  6.896   0.50 13.92 ? 1371 GLU A CA  1 
ATOM   482  C C   . GLU A 1 80  ? 12.238  -3.653  8.393   0.50 13.70 ? 1371 GLU A C   1 
ATOM   483  O O   . GLU A 1 80  ? 13.214  -4.333  8.746   0.50 14.51 ? 1371 GLU A O   1 
ATOM   484  C CB  . GLU A 1 80  ? 12.682  -2.533  6.151   0.50 15.26 ? 1371 GLU A CB  1 
ATOM   485  C CG  . GLU A 1 80  ? 12.674  -2.740  4.646   0.50 16.98 ? 1371 GLU A CG  1 
ATOM   486  C CD  . GLU A 1 80  ? 12.830  -4.202  4.249   0.50 19.46 ? 1371 GLU A CD  1 
ATOM   487  O OE1 . GLU A 1 80  ? 13.608  -4.925  4.933   0.50 20.55 ? 1371 GLU A OE1 1 
ATOM   488  O OE2 . GLU A 1 80  ? 12.163  -4.630  3.268   0.50 21.26 ? 1371 GLU A OE2 1 
ATOM   489  N N   . ALA A 1 81  ? 11.440  -2.990  9.232   1.00 12.57 ? 1372 ALA A N   1 
ATOM   490  C CA  . ALA A 1 81  ? 11.593  -3.005  10.707  1.00 13.05 ? 1372 ALA A CA  1 
ATOM   491  C C   . ALA A 1 81  ? 11.108  -4.323  11.303  1.00 13.41 ? 1372 ALA A C   1 
ATOM   492  O O   . ALA A 1 81  ? 11.316  -4.582  12.491  1.00 14.51 ? 1372 ALA A O   1 
ATOM   493  C CB  . ALA A 1 81  ? 10.843  -1.855  11.293  1.00 13.36 ? 1372 ALA A CB  1 
ATOM   494  N N   . GLY A 1 82  ? 10.424  -5.156  10.524  1.00 12.42 ? 1373 GLY A N   1 
ATOM   495  C CA  . GLY A 1 82  ? 9.885   -6.367  11.113  1.00 10.85 ? 1373 GLY A CA  1 
ATOM   496  C C   . GLY A 1 82  ? 8.637   -6.059  11.896  1.00 11.15 ? 1373 GLY A C   1 
ATOM   497  O O   . GLY A 1 82  ? 8.402   -6.675  12.908  1.00 12.13 ? 1373 GLY A O   1 
ATOM   498  N N   . ASN A 1 83  ? 7.842   -5.072  11.481  1.00 10.27 ? 1374 ASN A N   1 
ATOM   499  C CA  . ASN A 1 83  ? 6.645   -4.654  12.239  1.00 10.24 ? 1374 ASN A CA  1 
ATOM   500  C C   . ASN A 1 83  ? 5.335   -4.977  11.490  1.00 10.16 ? 1374 ASN A C   1 
ATOM   501  O O   . ASN A 1 83  ? 4.247   -4.533  11.913  1.00 11.32 ? 1374 ASN A O   1 
ATOM   502  C CB  . ASN A 1 83  ? 6.764   -3.179  12.570  1.00 11.11 ? 1374 ASN A CB  1 
ATOM   503  C CG  . ASN A 1 83  ? 7.740   -2.884  13.684  1.00 12.28 ? 1374 ASN A CG  1 
ATOM   504  O OD1 . ASN A 1 83  ? 8.368   -3.767  14.336  1.00 13.86 ? 1374 ASN A OD1 1 
ATOM   505  N ND2 . ASN A 1 83  ? 7.858   -1.602  13.916  1.00 14.05 ? 1374 ASN A ND2 1 
ATOM   506  N N   . TYR A 1 84  ? 5.444   -5.765  10.432  1.00 11.16 ? 1375 TYR A N   1 
ATOM   507  C CA  . TYR A 1 84  ? 4.251   -6.463  9.912   1.00 10.61 ? 1375 TYR A CA  1 
ATOM   508  C C   . TYR A 1 84  ? 4.352   -7.936  10.310  1.00 11.57 ? 1375 TYR A C   1 
ATOM   509  O O   . TYR A 1 84  ? 5.377   -8.524  10.092  1.00 11.78 ? 1375 TYR A O   1 
ATOM   510  C CB  . TYR A 1 84  ? 4.149   -6.303  8.389   1.00 10.08 ? 1375 TYR A CB  1 
ATOM   511  C CG  . TYR A 1 84  ? 3.711   -4.938  7.924   1.00 8.65  ? 1375 TYR A CG  1 
ATOM   512  C CD1 . TYR A 1 84  ? 2.568   -4.319  8.421   1.00 8.87  ? 1375 TYR A CD1 1 
ATOM   513  C CD2 . TYR A 1 84  ? 4.445   -4.294  6.961   1.00 8.97  ? 1375 TYR A CD2 1 
ATOM   514  C CE1 . TYR A 1 84  ? 2.200   -3.075  7.942   1.00 8.94  ? 1375 TYR A CE1 1 
ATOM   515  C CE2 . TYR A 1 84  ? 4.085   -3.050  6.483   1.00 9.10  ? 1375 TYR A CE2 1 
ATOM   516  C CZ  . TYR A 1 84  ? 2.979   -2.421  7.010   1.00 8.52  ? 1375 TYR A CZ  1 
ATOM   517  O OH  . TYR A 1 84  ? 2.654   -1.180  6.545   1.00 10.31 ? 1375 TYR A OH  1 
ATOM   518  N N   . GLU A 1 85  ? 3.258   -8.503  10.812  1.00 12.24 ? 1376 GLU A N   1 
ATOM   519  C CA  . GLU A 1 85  ? 3.221   -9.947  11.082  1.00 12.86 ? 1376 GLU A CA  1 
ATOM   520  C C   . GLU A 1 85  ? 2.789   -10.739 9.833   1.00 13.49 ? 1376 GLU A C   1 
ATOM   521  O O   . GLU A 1 85  ? 3.198   -11.929 9.675   1.00 16.26 ? 1376 GLU A O   1 
ATOM   522  C CB  . GLU A 1 85  ? 2.281   -10.277 12.215  1.00 15.87 ? 1376 GLU A CB  1 
ATOM   523  C CG  . GLU A 1 85  ? 2.464   -11.744 12.576  1.00 19.92 ? 1376 GLU A CG  1 
ATOM   524  C CD  . GLU A 1 85  ? 1.762   -12.143 13.844  1.00 24.52 ? 1376 GLU A CD  1 
ATOM   525  O OE1 . GLU A 1 85  ? 0.999   -11.283 14.389  1.00 28.93 ? 1376 GLU A OE1 1 
ATOM   526  O OE2 . GLU A 1 85  ? 2.028   -13.309 14.300  1.00 25.02 ? 1376 GLU A OE2 1 
ATOM   527  N N   . SER A 1 86  ? 2.019   -10.130 8.929   1.00 12.58 ? 1377 SER A N   1 
ATOM   528  C CA  . SER A 1 86  ? 1.376   -10.845 7.807   1.00 11.77 ? 1377 SER A CA  1 
ATOM   529  C C   . SER A 1 86  ? 1.273   -9.894  6.633   1.00 10.42 ? 1377 SER A C   1 
ATOM   530  O O   . SER A 1 86  ? 1.281   -8.681  6.810   1.00 10.13 ? 1377 SER A O   1 
ATOM   531  C CB  . SER A 1 86  ? 0.030   -11.315 8.198   1.00 11.93 ? 1377 SER A CB  1 
ATOM   532  O OG  . SER A 1 86  ? -0.870  -10.242 8.293   1.00 12.56 ? 1377 SER A OG  1 
ATOM   533  N N   . PRO A 1 87  ? 1.091   -10.406 5.406   1.00 10.35 ? 1378 PRO A N   1 
ATOM   534  C CA  . PRO A 1 87  ? 0.878   -9.539  4.258   1.00 10.08 ? 1378 PRO A CA  1 
ATOM   535  C C   . PRO A 1 87  ? -0.495  -8.881  4.294   1.00 9.19  ? 1378 PRO A C   1 
ATOM   536  O O   . PRO A 1 87  ? -0.672  -7.860  3.695   1.00 8.14  ? 1378 PRO A O   1 
ATOM   537  C CB  . PRO A 1 87  ? 0.982   -10.506 3.073   1.00 10.63 ? 1378 PRO A CB  1 
ATOM   538  C CG  . PRO A 1 87  ? 0.598   -11.888 3.663   1.00 9.87  ? 1378 PRO A CG  1 
ATOM   539  C CD  . PRO A 1 87  ? 1.178   -11.830 5.065   1.00 10.94 ? 1378 PRO A CD  1 
ATOM   540  N N   . MET A 1 88  ? -1.444  -9.422  5.049   1.00 8.63  ? 1379 MET A N   1 
ATOM   541  C CA  . MET A 1 88  ? -2.750  -8.775  5.234   1.00 9.21  ? 1379 MET A CA  1 
ATOM   542  C C   . MET A 1 88  ? -2.565  -7.424  5.916   1.00 8.73  ? 1379 MET A C   1 
ATOM   543  O O   . MET A 1 88  ? -3.220  -6.469  5.547   1.00 8.50  ? 1379 MET A O   1 
ATOM   544  C CB  . MET A 1 88  ? -3.722  -9.646  6.037   1.00 10.26 ? 1379 MET A CB  1 
ATOM   545  C CG  . MET A 1 88  ? -4.076  -10.938 5.302   1.00 10.76 ? 1379 MET A CG  1 
ATOM   546  S SD  . MET A 1 88  ? -2.912  -12.313 5.504   1.00 13.43 ? 1379 MET A SD  1 
ATOM   547  C CE  . MET A 1 88  ? -3.383  -12.842 7.149   1.00 14.65 ? 1379 MET A CE  1 
ATOM   548  N N   . GLU A 1 89  ? -1.663  -7.349  6.890   1.00 9.12  ? 1380 GLU A N   1 
ATOM   549  C CA  . GLU A 1 89  ? -1.467  -6.059  7.567   1.00 9.66  ? 1380 GLU A CA  1 
ATOM   550  C C   . GLU A 1 89  ? -0.853  -5.056  6.586   1.00 9.23  ? 1380 GLU A C   1 
ATOM   551  O O   . GLU A 1 89  ? -1.217  -3.874  6.651   1.00 9.06  ? 1380 GLU A O   1 
ATOM   552  C CB  . GLU A 1 89  ? -0.527  -6.243  8.737   1.00 10.31 ? 1380 GLU A CB  1 
ATOM   553  C CG  . GLU A 1 89  ? -1.115  -7.037  9.862   1.00 11.83 ? 1380 GLU A CG  1 
ATOM   554  C CD  . GLU A 1 89  ? -0.122  -7.221  11.005  1.00 12.87 ? 1380 GLU A CD  1 
ATOM   555  O OE1 . GLU A 1 89  ? 1.073   -6.908  10.817  1.00 13.34 ? 1380 GLU A OE1 1 
ATOM   556  O OE2 . GLU A 1 89  ? -0.562  -7.748  12.062  1.00 16.20 ? 1380 GLU A OE2 1 
ATOM   557  N N   . LEU A 1 90  ? 0.144   -5.471  5.803   1.00 8.86  ? 1381 LEU A N   1 
ATOM   558  C CA  . LEU A 1 90  ? 0.744   -4.580  4.785   1.00 9.12  ? 1381 LEU A CA  1 
ATOM   559  C C   . LEU A 1 90  ? -0.337  -4.106  3.814   1.00 9.50  ? 1381 LEU A C   1 
ATOM   560  O O   . LEU A 1 90  ? -0.412  -2.927  3.471   1.00 8.73  ? 1381 LEU A O   1 
ATOM   561  C CB  . LEU A 1 90  ? 1.871   -5.303  4.047   1.00 9.13  ? 1381 LEU A CB  1 
ATOM   562  C CG  . LEU A 1 90  ? 2.599   -4.504  2.967   1.00 9.31  ? 1381 LEU A CG  1 
ATOM   563  C CD1 . LEU A 1 90  ? 4.076   -4.774  2.995   1.00 8.99  ? 1381 LEU A CD1 1 
ATOM   564  C CD2 . LEU A 1 90  ? 1.991   -4.764  1.597   1.00 9.64  ? 1381 LEU A CD2 1 
ATOM   565  N N   A CYS A 1 91  ? -1.174  -5.040  3.370   0.25 9.17  ? 1382 CYS A N   1 
ATOM   566  N N   B CYS A 1 91  ? -1.177  -5.025  3.334   0.25 10.36 ? 1382 CYS A N   1 
ATOM   567  C CA  A CYS A 1 91  ? -2.243  -4.766  2.390   0.25 9.06  ? 1382 CYS A CA  1 
ATOM   568  C CA  B CYS A 1 91  ? -2.282  -4.683  2.408   0.25 11.04 ? 1382 CYS A CA  1 
ATOM   569  C C   A CYS A 1 91  ? -3.213  -3.713  2.967   0.25 9.29  ? 1382 CYS A C   1 
ATOM   570  C C   B CYS A 1 91  ? -3.171  -3.603  3.002   0.25 10.35 ? 1382 CYS A C   1 
ATOM   571  O O   A CYS A 1 91  ? -3.620  -2.826  2.206   0.25 9.24  ? 1382 CYS A O   1 
ATOM   572  O O   B CYS A 1 91  ? -3.552  -2.682  2.271   0.25 10.20 ? 1382 CYS A O   1 
ATOM   573  C CB  A CYS A 1 91  ? -2.882  -6.088  1.989   0.25 8.77  ? 1382 CYS A CB  1 
ATOM   574  C CB  B CYS A 1 91  ? -3.183  -5.867  2.145   0.25 12.30 ? 1382 CYS A CB  1 
ATOM   575  S SG  A CYS A 1 91  ? -4.094  -5.911  0.659   0.25 8.22  ? 1382 CYS A SG  1 
ATOM   576  S SG  B CYS A 1 91  ? -2.439  -6.939  0.914   0.25 15.02 ? 1382 CYS A SG  1 
ATOM   577  N N   . LYS A 1 92  ? -3.554  -3.778  4.262   1.00 9.68  ? 1383 LYS A N   1 
ATOM   578  C CA  . LYS A 1 92  ? -4.472  -2.819  4.895   1.00 10.35 ? 1383 LYS A CA  1 
ATOM   579  C C   . LYS A 1 92  ? -3.843  -1.426  4.833   1.00 9.83  ? 1383 LYS A C   1 
ATOM   580  O O   . LYS A 1 92  ? -4.521  -0.471  4.484   1.00 9.48  ? 1383 LYS A O   1 
ATOM   581  C CB  . LYS A 1 92  ? -4.763  -3.288  6.323   1.00 12.66 ? 1383 LYS A CB  1 
ATOM   582  C CG  . LYS A 1 92  ? -5.686  -2.365  7.086   1.00 15.79 ? 1383 LYS A CG  1 
ATOM   583  C CD  . LYS A 1 92  ? -6.158  -2.936  8.410   1.00 19.27 ? 1383 LYS A CD  1 
ATOM   584  C CE  . LYS A 1 92  ? -6.239  -1.839  9.467   1.00 26.09 ? 1383 LYS A CE  1 
ATOM   585  N NZ  . LYS A 1 92  ? -6.952  -2.237  10.723  1.00 30.03 ? 1383 LYS A NZ  1 
ATOM   586  N N   . ASP A 1 93  ? -2.556  -1.321  5.126   1.00 9.84  ? 1384 ASP A N   1 
ATOM   587  C CA  . ASP A 1 93  ? -1.876  0.002   5.062   1.00 9.44  ? 1384 ASP A CA  1 
ATOM   588  C C   . ASP A 1 93  ? -1.791  0.507   3.604   1.00 8.08  ? 1384 ASP A C   1 
ATOM   589  O O   . ASP A 1 93  ? -2.035  1.683   3.370   1.00 8.46  ? 1384 ASP A O   1 
ATOM   590  C CB  . ASP A 1 93  ? -0.493  -0.051  5.691   1.00 10.46 ? 1384 ASP A CB  1 
ATOM   591  C CG  . ASP A 1 93  ? -0.481  0.012   7.209   1.00 12.36 ? 1384 ASP A CG  1 
ATOM   592  O OD1 . ASP A 1 93  ? -1.573  0.186   7.783   1.00 16.14 ? 1384 ASP A OD1 1 
ATOM   593  O OD2 . ASP A 1 93  ? 0.583   -0.183  7.810   1.00 12.60 ? 1384 ASP A OD2 1 
ATOM   594  N N   . VAL A 1 94  ? -1.478  -0.342  2.631   1.00 8.25  ? 1385 VAL A N   1 
ATOM   595  C CA  . VAL A 1 94  ? -1.445  0.107   1.220   1.00 8.09  ? 1385 VAL A CA  1 
ATOM   596  C C   . VAL A 1 94  ? -2.858  0.562   0.826   1.00 8.73  ? 1385 VAL A C   1 
ATOM   597  O O   . VAL A 1 94  ? -3.012  1.623   0.216   1.00 8.77  ? 1385 VAL A O   1 
ATOM   598  C CB  . VAL A 1 94  ? -0.895  -0.989  0.304   1.00 8.85  ? 1385 VAL A CB  1 
ATOM   599  C CG1 . VAL A 1 94  ? -1.120  -0.609  -1.141  1.00 8.84  ? 1385 VAL A CG1 1 
ATOM   600  C CG2 . VAL A 1 94  ? 0.589   -1.214  0.612   1.00 8.93  ? 1385 VAL A CG2 1 
ATOM   601  N N   . ARG A 1 95  ? -3.905  -0.172  1.201   1.00 8.40  ? 1386 ARG A N   1 
ATOM   602  C CA  . ARG A 1 95  ? -5.263  0.227   0.823   1.00 8.65  ? 1386 ARG A CA  1 
ATOM   603  C C   . ARG A 1 95  ? -5.599  1.566   1.440   1.00 8.13  ? 1386 ARG A C   1 
ATOM   604  O O   . ARG A 1 95  ? -6.321  2.329   0.815   1.00 8.37  ? 1386 ARG A O   1 
ATOM   605  C CB  . ARG A 1 95  ? -6.242  -0.888  1.145   1.00 9.74  ? 1386 ARG A CB  1 
ATOM   606  C CG  . ARG A 1 95  ? -6.070  -2.063  0.201   1.00 11.38 ? 1386 ARG A CG  1 
ATOM   607  C CD  . ARG A 1 95  ? -6.833  -3.243  0.697   1.00 12.91 ? 1386 ARG A CD  1 
ATOM   608  N NE  . ARG A 1 95  ? -6.785  -4.325  -0.276  1.00 13.51 ? 1386 ARG A NE  1 
ATOM   609  C CZ  . ARG A 1 95  ? -7.283  -5.548  -0.092  1.00 17.08 ? 1386 ARG A CZ  1 
ATOM   610  N NH1 . ARG A 1 95  ? -7.825  -5.891  1.067   1.00 18.10 ? 1386 ARG A NH1 1 
ATOM   611  N NH2 . ARG A 1 95  ? -7.232  -6.437  -1.078  1.00 18.14 ? 1386 ARG A NH2 1 
ATOM   612  N N   . LEU A 1 96  ? -5.061  1.869   2.611   1.00 8.52  ? 1387 LEU A N   1 
ATOM   613  C CA  . LEU A 1 96  ? -5.288  3.167   3.308   1.00 8.92  ? 1387 LEU A CA  1 
ATOM   614  C C   . LEU A 1 96  ? -4.711  4.303   2.490   1.00 8.44  ? 1387 LEU A C   1 
ATOM   615  O O   . LEU A 1 96  ? -5.335  5.368   2.409   1.00 8.53  ? 1387 LEU A O   1 
ATOM   616  C CB  . LEU A 1 96  ? -4.634  3.136   4.678   1.00 9.96  ? 1387 LEU A CB  1 
ATOM   617  C CG  . LEU A 1 96  ? -4.781  4.366   5.557   1.00 11.35 ? 1387 LEU A CG  1 
ATOM   618  C CD1 . LEU A 1 96  ? -6.236  4.695   5.785   1.00 12.00 ? 1387 LEU A CD1 1 
ATOM   619  C CD2 . LEU A 1 96  ? -4.074  4.139   6.875   1.00 11.17 ? 1387 LEU A CD2 1 
ATOM   620  N N   . ILE A 1 97  ? -3.551  4.082   1.856   1.00 8.71  ? 1388 ILE A N   1 
ATOM   621  C CA  . ILE A 1 97  ? -3.008  5.100   0.924   1.00 8.39  ? 1388 ILE A CA  1 
ATOM   622  C C   . ILE A 1 97  ? -4.082  5.441   -0.096  1.00 7.70  ? 1388 ILE A C   1 
ATOM   623  O O   . ILE A 1 97  ? -4.328  6.610   -0.403  1.00 8.53  ? 1388 ILE A O   1 
ATOM   624  C CB  . ILE A 1 97  ? -1.707  4.629   0.234   1.00 8.41  ? 1388 ILE A CB  1 
ATOM   625  C CG1 . ILE A 1 97  ? -0.631  4.322   1.270   1.00 7.83  ? 1388 ILE A CG1 1 
ATOM   626  C CG2 . ILE A 1 97  ? -1.249  5.612   -0.799  1.00 8.98  ? 1388 ILE A CG2 1 
ATOM   627  C CD1 . ILE A 1 97  ? 0.594   3.558   0.759   1.00 8.34  ? 1388 ILE A CD1 1 
ATOM   628  N N   . PHE A 1 98  ? -4.707  4.439   -0.674  1.00 8.12  ? 1389 PHE A N   1 
ATOM   629  C CA  . PHE A 1 98  ? -5.626  4.682   -1.794  1.00 8.81  ? 1389 PHE A CA  1 
ATOM   630  C C   . PHE A 1 98  ? -6.926  5.260   -1.242  1.00 9.18  ? 1389 PHE A C   1 
ATOM   631  O O   . PHE A 1 98  ? -7.515  6.163   -1.859  1.00 8.97  ? 1389 PHE A O   1 
ATOM   632  C CB  . PHE A 1 98  ? -5.825  3.406   -2.612  1.00 9.01  ? 1389 PHE A CB  1 
ATOM   633  C CG  . PHE A 1 98  ? -4.542  2.879   -3.200  1.00 9.82  ? 1389 PHE A CG  1 
ATOM   634  C CD1 . PHE A 1 98  ? -3.676  3.707   -3.887  1.00 11.47 ? 1389 PHE A CD1 1 
ATOM   635  C CD2 . PHE A 1 98  ? -4.226  1.535   -3.080  1.00 10.00 ? 1389 PHE A CD2 1 
ATOM   636  C CE1 . PHE A 1 98  ? -2.494  3.221   -4.439  1.00 12.24 ? 1389 PHE A CE1 1 
ATOM   637  C CE2 . PHE A 1 98  ? -3.048  1.056   -3.637  1.00 9.99  ? 1389 PHE A CE2 1 
ATOM   638  C CZ  . PHE A 1 98  ? -2.210  1.896   -4.320  1.00 11.33 ? 1389 PHE A CZ  1 
ATOM   639  N N   . SER A 1 99  ? -7.403  4.799   -0.092  1.00 9.34  ? 1390 SER A N   1 
ATOM   640  C CA  . SER A 1 99  ? -8.673  5.371   0.441   1.00 9.39  ? 1390 SER A CA  1 
ATOM   641  C C   . SER A 1 99  ? -8.463  6.817   0.862   1.00 9.49  ? 1390 SER A C   1 
ATOM   642  O O   . SER A 1 99  ? -9.360  7.650   0.695   1.00 9.42  ? 1390 SER A O   1 
ATOM   643  C CB  . SER A 1 99  ? -9.276  4.557   1.549   1.00 9.92  ? 1390 SER A CB  1 
ATOM   644  O OG  . SER A 1 99  ? -8.394  4.382   2.610   1.00 10.93 ? 1390 SER A OG  1 
ATOM   645  N N   . ASN A 1 100 ? -7.299  7.153   1.406   0.42 9.27  ? 1391 ASN A N   1 
ATOM   646  C CA  . ASN A 1 100 ? -7.036  8.567   1.765   0.42 9.61  ? 1391 ASN A CA  1 
ATOM   647  C C   . ASN A 1 100 ? -7.137  9.394   0.481   0.42 9.77  ? 1391 ASN A C   1 
ATOM   648  O O   . ASN A 1 100 ? -7.885  10.382  0.459   0.42 9.75  ? 1391 ASN A O   1 
ATOM   649  C CB  . ASN A 1 100 ? -5.733  8.727   2.535   0.42 9.64  ? 1391 ASN A CB  1 
ATOM   650  C CG  . ASN A 1 100 ? -5.789  8.107   3.913   0.42 9.69  ? 1391 ASN A CG  1 
ATOM   651  O OD1 . ASN A 1 100 ? -6.874  7.911   4.466   0.42 9.91  ? 1391 ASN A OD1 1 
ATOM   652  N ND2 . ASN A 1 100 ? -4.632  7.786   4.466   0.42 10.20 ? 1391 ASN A ND2 1 
ATOM   653  N N   . SER A 1 101 ? -6.461  8.973   -0.588  0.42 10.09 ? 1392 SER A N   1 
ATOM   654  C CA  . SER A 1 101 ? -6.482  9.694   -1.885  0.42 10.44 ? 1392 SER A CA  1 
ATOM   655  C C   . SER A 1 101 ? -7.935  9.910   -2.338  0.42 10.57 ? 1392 SER A C   1 
ATOM   656  O O   . SER A 1 101 ? -8.282  11.030  -2.734  0.42 10.88 ? 1392 SER A O   1 
ATOM   657  C CB  . SER A 1 101 ? -5.656  8.961   -2.921  0.42 10.50 ? 1392 SER A CB  1 
ATOM   658  O OG  . SER A 1 101 ? -5.264  9.832   -3.970  0.42 10.68 ? 1392 SER A OG  1 
ATOM   659  N N   . LYS A 1 102 ? -8.770  8.873   -2.268  1.00 10.72 ? 1393 LYS A N   1 
ATOM   660  C CA  . LYS A 1 102 ? -10.194 8.978   -2.657  1.00 11.30 ? 1393 LYS A CA  1 
ATOM   661  C C   . LYS A 1 102 ? -10.909 9.974   -1.739  1.00 12.46 ? 1393 LYS A C   1 
ATOM   662  O O   . LYS A 1 102 ? -11.729 10.776  -2.232  1.00 12.76 ? 1393 LYS A O   1 
ATOM   663  C CB  . LYS A 1 102 ? -10.818 7.596   -2.578  1.00 11.68 ? 1393 LYS A CB  1 
ATOM   664  C CG  . LYS A 1 102 ? -12.230 7.572   -3.124  1.00 13.62 ? 1393 LYS A CG  1 
ATOM   665  C CD  . LYS A 1 102 ? -12.728 6.193   -3.301  1.00 15.31 ? 1393 LYS A CD  1 
ATOM   666  C CE  . LYS A 1 102 ? -14.079 6.138   -3.976  1.00 17.05 ? 1393 LYS A CE  1 
ATOM   667  N NZ  . LYS A 1 102 ? -14.422 4.742   -4.274  1.00 19.62 ? 1393 LYS A NZ  1 
ATOM   668  N N   . ALA A 1 103 ? -10.579 9.983   -0.457  1.00 12.12 ? 1394 ALA A N   1 
ATOM   669  C CA  . ALA A 1 103 ? -11.271 10.854  0.522   1.00 13.16 ? 1394 ALA A CA  1 
ATOM   670  C C   . ALA A 1 103 ? -10.826 12.306  0.315   1.00 13.60 ? 1394 ALA A C   1 
ATOM   671  O O   . ALA A 1 103 ? -11.677 13.231  0.484   1.00 14.31 ? 1394 ALA A O   1 
ATOM   672  C CB  . ALA A 1 103 ? -11.000 10.370  1.923   1.00 13.28 ? 1394 ALA A CB  1 
ATOM   673  N N   . TYR A 1 104 ? -9.564  12.555  -0.036  1.00 11.80 ? 1395 TYR A N   1 
ATOM   674  C CA  . TYR A 1 104 ? -8.993  13.927  -0.135  1.00 12.67 ? 1395 TYR A CA  1 
ATOM   675  C C   . TYR A 1 104 ? -9.264  14.559  -1.499  1.00 12.98 ? 1395 TYR A C   1 
ATOM   676  O O   . TYR A 1 104 ? -9.228  15.756  -1.612  1.00 11.71 ? 1395 TYR A O   1 
ATOM   677  C CB  . TYR A 1 104 ? -7.509  13.953  0.191   1.00 13.26 ? 1395 TYR A CB  1 
ATOM   678  C CG  . TYR A 1 104 ? -7.029  15.362  0.365   1.00 14.41 ? 1395 TYR A CG  1 
ATOM   679  C CD1 . TYR A 1 104 ? -7.449  16.153  1.429   1.00 14.82 ? 1395 TYR A CD1 1 
ATOM   680  C CD2 . TYR A 1 104 ? -6.221  15.920  -0.596  1.00 17.06 ? 1395 TYR A CD2 1 
ATOM   681  C CE1 . TYR A 1 104 ? -7.064  17.485  1.533   1.00 16.11 ? 1395 TYR A CE1 1 
ATOM   682  C CE2 . TYR A 1 104 ? -5.801  17.232  -0.498  1.00 17.68 ? 1395 TYR A CE2 1 
ATOM   683  C CZ  . TYR A 1 104 ? -6.201  18.005  0.585   1.00 16.08 ? 1395 TYR A CZ  1 
ATOM   684  O OH  . TYR A 1 104 ? -5.797  19.314  0.639   1.00 18.66 ? 1395 TYR A OH  1 
ATOM   685  N N   . THR A 1 105 ? -9.545  13.777  -2.535  1.00 12.78 ? 1396 THR A N   1 
ATOM   686  C CA  . THR A 1 105 ? -9.712  14.323  -3.873  1.00 13.20 ? 1396 THR A CA  1 
ATOM   687  C C   . THR A 1 105 ? -10.924 15.247  -3.934  1.00 14.56 ? 1396 THR A C   1 
ATOM   688  O O   . THR A 1 105 ? -12.018 14.876  -3.472  1.00 14.14 ? 1396 THR A O   1 
ATOM   689  C CB  . THR A 1 105 ? -9.712  13.231  -4.942  1.00 12.97 ? 1396 THR A CB  1 
ATOM   690  O OG1 . THR A 1 105 ? -9.452  13.884  -6.187  1.00 14.12 ? 1396 THR A OG1 1 
ATOM   691  C CG2 . THR A 1 105 ? -10.970 12.428  -5.041  1.00 13.42 ? 1396 THR A CG2 1 
ATOM   692  N N   . PRO A 1 106 ? -10.780 16.419  -4.595  1.00 16.92 ? 1397 PRO A N   1 
ATOM   693  C CA  . PRO A 1 106 ? -11.935 17.273  -4.812  1.00 17.05 ? 1397 PRO A CA  1 
ATOM   694  C C   . PRO A 1 106 ? -12.814 16.795  -5.968  1.00 17.64 ? 1397 PRO A C   1 
ATOM   695  O O   . PRO A 1 106 ? -13.955 17.212  -6.086  1.00 18.05 ? 1397 PRO A O   1 
ATOM   696  C CB  . PRO A 1 106 ? -11.313 18.639  -5.111  1.00 18.47 ? 1397 PRO A CB  1 
ATOM   697  C CG  . PRO A 1 106 ? -9.907  18.338  -5.717  1.00 18.69 ? 1397 PRO A CG  1 
ATOM   698  C CD  . PRO A 1 106 ? -9.530  16.976  -5.165  1.00 18.52 ? 1397 PRO A CD  1 
ATOM   699  N N   . SER A 1 107 ? -12.266 15.908  -6.803  0.42 16.74 ? 1398 SER A N   1 
ATOM   700  C CA  . SER A 1 107 ? -12.890 15.427  -8.058  0.42 17.26 ? 1398 SER A CA  1 
ATOM   701  C C   . SER A 1 107 ? -12.464 13.988  -8.345  0.42 17.13 ? 1398 SER A C   1 
ATOM   702  O O   . SER A 1 107 ? -11.309 13.650  -8.081  0.42 16.78 ? 1398 SER A O   1 
ATOM   703  C CB  . SER A 1 107 ? -12.521 16.323  -9.202  0.42 17.46 ? 1398 SER A CB  1 
ATOM   704  O OG  . SER A 1 107 ? -12.966 15.769  -10.422 0.42 17.76 ? 1398 SER A OG  1 
ATOM   705  N N   . LYS A 1 108 ? -13.358 13.202  -8.942  0.42 18.19 ? 1399 LYS A N   1 
ATOM   706  C CA  . LYS A 1 108 ? -13.034 11.856  -9.483  0.42 18.63 ? 1399 LYS A CA  1 
ATOM   707  C C   . LYS A 1 108 ? -12.076 11.993  -10.678 0.42 18.66 ? 1399 LYS A C   1 
ATOM   708  O O   . LYS A 1 108 ? -11.387 11.004  -10.976 0.42 17.93 ? 1399 LYS A O   1 
ATOM   709  C CB  . LYS A 1 108 ? -14.318 11.100  -9.846  0.42 19.85 ? 1399 LYS A CB  1 
ATOM   710  C CG  . LYS A 1 108 ? -14.831 10.134  -8.783  0.42 21.02 ? 1399 LYS A CG  1 
ATOM   711  C CD  . LYS A 1 108 ? -15.508 10.781  -7.589  0.42 21.94 ? 1399 LYS A CD  1 
ATOM   712  C CE  . LYS A 1 108 ? -16.159 9.777   -6.657  0.42 21.59 ? 1399 LYS A CE  1 
ATOM   713  N NZ  . LYS A 1 108 ? -15.202 8.772   -6.132  0.42 22.33 ? 1399 LYS A NZ  1 
ATOM   714  N N   . ARG A 1 109 ? -12.018 13.167  -11.323 0.42 18.73 ? 1400 ARG A N   1 
ATOM   715  C CA  . ARG A 1 109 ? -11.208 13.424  -12.546 0.42 19.31 ? 1400 ARG A CA  1 
ATOM   716  C C   . ARG A 1 109 ? -9.893  14.121  -12.174 0.42 17.98 ? 1400 ARG A C   1 
ATOM   717  O O   . ARG A 1 109 ? -9.315  14.804  -13.029 0.42 18.24 ? 1400 ARG A O   1 
ATOM   718  C CB  . ARG A 1 109 ? -12.007 14.265  -13.548 0.42 20.85 ? 1400 ARG A CB  1 
ATOM   719  C CG  . ARG A 1 109 ? -13.024 13.468  -14.352 0.42 22.52 ? 1400 ARG A CG  1 
ATOM   720  C CD  . ARG A 1 109 ? -13.866 14.357  -15.250 0.42 23.91 ? 1400 ARG A CD  1 
ATOM   721  N NE  . ARG A 1 109 ? -13.374 14.528  -16.615 0.42 25.97 ? 1400 ARG A NE  1 
ATOM   722  C CZ  . ARG A 1 109 ? -12.554 15.493  -17.036 0.42 26.68 ? 1400 ARG A CZ  1 
ATOM   723  N NH1 . ARG A 1 109 ? -12.064 16.399  -16.201 0.42 28.49 ? 1400 ARG A NH1 1 
ATOM   724  N NH2 . ARG A 1 109 ? -12.203 15.535  -18.308 0.42 27.42 ? 1400 ARG A NH2 1 
ATOM   725  N N   . SER A 1 110 ? -9.434  13.950  -10.938 0.42 16.35 ? 1401 SER A N   1 
ATOM   726  C CA  . SER A 1 110 ? -8.182  14.560  -10.437 0.42 14.81 ? 1401 SER A CA  1 
ATOM   727  C C   . SER A 1 110 ? -6.978  13.774  -10.976 0.42 13.93 ? 1401 SER A C   1 
ATOM   728  O O   . SER A 1 110 ? -7.064  12.540  -11.125 0.42 13.46 ? 1401 SER A O   1 
ATOM   729  C CB  . SER A 1 110 ? -8.212  14.665  -8.930  0.42 15.08 ? 1401 SER A CB  1 
ATOM   730  O OG  . SER A 1 110 ? -7.130  13.990  -8.320  0.42 14.88 ? 1401 SER A OG  1 
ATOM   731  N N   . ARG A 1 111 ? -5.900  14.478  -11.300 0.42 13.17 ? 1402 ARG A N   1 
ATOM   732  C CA  . ARG A 1 111 ? -4.631  13.875  -11.781 0.42 12.91 ? 1402 ARG A CA  1 
ATOM   733  C C   . ARG A 1 111 ? -4.123  12.860  -10.756 0.42 12.80 ? 1402 ARG A C   1 
ATOM   734  O O   . ARG A 1 111 ? -3.777  11.723  -11.138 0.42 12.72 ? 1402 ARG A O   1 
ATOM   735  C CB  . ARG A 1 111 ? -3.573  14.964  -11.970 0.42 13.02 ? 1402 ARG A CB  1 
ATOM   736  C CG  . ARG A 1 111 ? -2.160  14.432  -12.172 0.42 12.97 ? 1402 ARG A CG  1 
ATOM   737  C CD  . ARG A 1 111 ? -2.027  13.854  -13.564 0.42 13.17 ? 1402 ARG A CD  1 
ATOM   738  N NE  . ARG A 1 111 ? -0.867  12.984  -13.704 0.42 13.96 ? 1402 ARG A NE  1 
ATOM   739  C CZ  . ARG A 1 111 ? 0.339   13.349  -14.126 0.42 13.88 ? 1402 ARG A CZ  1 
ATOM   740  N NH1 . ARG A 1 111 ? 0.591   14.599  -14.483 0.42 14.68 ? 1402 ARG A NH1 1 
ATOM   741  N NH2 . ARG A 1 111 ? 1.295   12.441  -14.216 0.42 14.35 ? 1402 ARG A NH2 1 
ATOM   742  N N   . ILE A 1 112 ? -4.024  13.280  -9.500  0.42 12.26 ? 1403 ILE A N   1 
ATOM   743  C CA  . ILE A 1 112 ? -3.407  12.453  -8.422  0.42 12.10 ? 1403 ILE A CA  1 
ATOM   744  C C   . ILE A 1 112 ? -4.366  11.312  -8.072  0.42 11.93 ? 1403 ILE A C   1 
ATOM   745  O O   . ILE A 1 112 ? -3.889  10.187  -7.858  0.42 11.39 ? 1403 ILE A O   1 
ATOM   746  C CB  . ILE A 1 112 ? -2.992  13.346  -7.237  0.42 12.21 ? 1403 ILE A CB  1 
ATOM   747  C CG1 . ILE A 1 112 ? -1.795  14.210  -7.652  0.42 12.39 ? 1403 ILE A CG1 1 
ATOM   748  C CG2 . ILE A 1 112 ? -2.696  12.511  -5.999  0.42 12.43 ? 1403 ILE A CG2 1 
ATOM   749  C CD1 . ILE A 1 112 ? -1.511  15.386  -6.751  0.42 12.66 ? 1403 ILE A CD1 1 
ATOM   750  N N   . TYR A 1 113 ? -5.678  11.545  -8.097  0.42 11.64 ? 1404 TYR A N   1 
ATOM   751  C CA  . TYR A 1 113 ? -6.668  10.481  -7.806  0.42 11.51 ? 1404 TYR A CA  1 
ATOM   752  C C   . TYR A 1 113 ? -6.633  9.421   -8.915  0.42 11.52 ? 1404 TYR A C   1 
ATOM   753  O O   . TYR A 1 113 ? -6.650  8.227   -8.596  0.42 11.34 ? 1404 TYR A O   1 
ATOM   754  C CB  . TYR A 1 113 ? -8.074  11.049  -7.621  0.42 12.08 ? 1404 TYR A CB  1 
ATOM   755  C CG  . TYR A 1 113 ? -9.108  9.987   -7.356  0.42 12.34 ? 1404 TYR A CG  1 
ATOM   756  C CD1 . TYR A 1 113 ? -8.953  9.088   -6.312  0.42 13.06 ? 1404 TYR A CD1 1 
ATOM   757  C CD2 . TYR A 1 113 ? -10.229 9.868   -8.161  0.42 12.84 ? 1404 TYR A CD2 1 
ATOM   758  C CE1 . TYR A 1 113 ? -9.901  8.105   -6.064  0.42 13.03 ? 1404 TYR A CE1 1 
ATOM   759  C CE2 . TYR A 1 113 ? -11.186 8.897   -7.924  0.42 13.37 ? 1404 TYR A CE2 1 
ATOM   760  C CZ  . TYR A 1 113 ? -11.021 8.009   -6.875  0.42 12.89 ? 1404 TYR A CZ  1 
ATOM   761  O OH  . TYR A 1 113 ? -11.969 7.050   -6.651  0.42 14.41 ? 1404 TYR A OH  1 
ATOM   762  N N   . SER A 1 114 ? -6.560  9.822   -10.184 0.42 11.79 ? 1405 SER A N   1 
ATOM   763  C CA  . SER A 1 114 ? -6.475  8.871   -11.323 0.42 12.19 ? 1405 SER A CA  1 
ATOM   764  C C   . SER A 1 114 ? -5.193  8.035   -11.208 0.42 11.92 ? 1405 SER A C   1 
ATOM   765  O O   . SER A 1 114 ? -5.231  6.831   -11.537 0.42 11.59 ? 1405 SER A O   1 
ATOM   766  C CB  . SER A 1 114 ? -6.552  9.580   -12.643 0.42 12.57 ? 1405 SER A CB  1 
ATOM   767  O OG  . SER A 1 114 ? -7.852  10.117  -12.838 0.42 13.25 ? 1405 SER A OG  1 
ATOM   768  N N   . MET A 1 115 ? -4.089  8.647   -10.779 0.42 11.89 ? 1406 MET A N   1 
ATOM   769  C CA  . MET A 1 115 ? -2.813  7.928   -10.515 0.42 11.72 ? 1406 MET A CA  1 
ATOM   770  C C   . MET A 1 115 ? -3.061  6.865   -9.433  0.42 10.83 ? 1406 MET A C   1 
ATOM   771  O O   . MET A 1 115 ? -2.619  5.712   -9.607  0.42 10.38 ? 1406 MET A O   1 
ATOM   772  C CB  . MET A 1 115 ? -1.714  8.887   -10.052 0.42 12.17 ? 1406 MET A CB  1 
ATOM   773  C CG  . MET A 1 115 ? -1.045  9.643   -11.188 0.42 13.13 ? 1406 MET A CG  1 
ATOM   774  S SD  . MET A 1 115 ? -0.051  11.033  -10.597 0.42 14.25 ? 1406 MET A SD  1 
ATOM   775  C CE  . MET A 1 115 ? 1.619   10.438  -10.832 0.42 14.67 ? 1406 MET A CE  1 
ATOM   776  N N   . SER A 1 116 ? -3.762  7.232   -8.351  1.00 10.28 ? 1407 SER A N   1 
ATOM   777  C CA  . SER A 1 116 ? -4.090  6.287   -7.259  1.00 10.22 ? 1407 SER A CA  1 
ATOM   778  C C   . SER A 1 116 ? -4.873  5.101   -7.826  1.00 9.50  ? 1407 SER A C   1 
ATOM   779  O O   . SER A 1 116 ? -4.603  3.982   -7.415  1.00 10.22 ? 1407 SER A O   1 
ATOM   780  C CB  . SER A 1 116 ? -4.828  6.977   -6.120  1.00 10.57 ? 1407 SER A CB  1 
ATOM   781  O OG  . SER A 1 116 ? -6.222  6.975   -6.269  1.00 11.52 ? 1407 SER A OG  1 
ATOM   782  N N   . LEU A 1 117 ? -5.838  5.319   -8.712  1.00 10.37 ? 1408 LEU A N   1 
ATOM   783  C CA  . LEU A 1 117 ? -6.676  4.215   -9.192  1.00 10.42 ? 1408 LEU A CA  1 
ATOM   784  C C   . LEU A 1 117 ? -5.853  3.261   -10.035 1.00 9.76  ? 1408 LEU A C   1 
ATOM   785  O O   . LEU A 1 117 ? -6.076  2.047   -9.908  1.00 9.92  ? 1408 LEU A O   1 
ATOM   786  C CB  . LEU A 1 117 ? -7.852  4.760   -9.996  1.00 11.55 ? 1408 LEU A CB  1 
ATOM   787  C CG  . LEU A 1 117 ? -8.876  5.535   -9.186  1.00 11.75 ? 1408 LEU A CG  1 
ATOM   788  C CD1 . LEU A 1 117 ? -9.982  5.999   -10.081 1.00 12.77 ? 1408 LEU A CD1 1 
ATOM   789  C CD2 . LEU A 1 117 ? -9.437  4.723   -8.034  1.00 13.52 ? 1408 LEU A CD2 1 
ATOM   790  N N   . ARG A 1 118 ? -4.934  3.762   -10.871 1.00 9.61  ? 1409 ARG A N   1 
ATOM   791  C CA  . ARG A 1 118 ? -4.110  2.856   -11.700 1.00 9.88  ? 1409 ARG A CA  1 
ATOM   792  C C   . ARG A 1 118 ? -3.129  2.093   -10.815 1.00 9.83  ? 1409 ARG A C   1 
ATOM   793  O O   . ARG A 1 118 ? -2.953  0.870   -10.975 1.00 10.76 ? 1409 ARG A O   1 
ATOM   794  C CB  . ARG A 1 118 ? -3.329  3.661   -12.737 1.00 9.95  ? 1409 ARG A CB  1 
ATOM   795  C CG  . ARG A 1 118 ? -4.208  4.213   -13.862 1.00 10.34 ? 1409 ARG A CG  1 
ATOM   796  C CD  . ARG A 1 118 ? -3.338  4.761   -14.988 1.00 11.29 ? 1409 ARG A CD  1 
ATOM   797  N NE  . ARG A 1 118 ? -2.515  5.861   -14.609 1.00 11.67 ? 1409 ARG A NE  1 
ATOM   798  C CZ  . ARG A 1 118 ? -2.798  7.143   -14.764 1.00 13.08 ? 1409 ARG A CZ  1 
ATOM   799  N NH1 . ARG A 1 118 ? -3.932  7.522   -15.305 1.00 14.95 ? 1409 ARG A NH1 1 
ATOM   800  N NH2 . ARG A 1 118 ? -1.944  8.059   -14.322 1.00 13.87 ? 1409 ARG A NH2 1 
ATOM   801  N N   . LEU A 1 119 ? -2.527  2.785   -9.856  1.00 9.48  ? 1410 LEU A N   1 
ATOM   802  C CA  . LEU A 1 119 ? -1.595  2.113   -8.943  1.00 9.33  ? 1410 LEU A CA  1 
ATOM   803  C C   . LEU A 1 119 ? -2.319  1.075   -8.075  1.00 9.39  ? 1410 LEU A C   1 
ATOM   804  O O   . LEU A 1 119 ? -1.749  -0.012  -7.810  1.00 9.09  ? 1410 LEU A O   1 
ATOM   805  C CB  . LEU A 1 119 ? -0.938  3.170   -8.077  1.00 10.07 ? 1410 LEU A CB  1 
ATOM   806  C CG  . LEU A 1 119 ? 0.335   2.704   -7.394  1.00 11.44 ? 1410 LEU A CG  1 
ATOM   807  C CD1 . LEU A 1 119 ? 1.436   2.391   -8.416  1.00 11.81 ? 1410 LEU A CD1 1 
ATOM   808  C CD2 . LEU A 1 119 ? 0.831   3.781   -6.457  1.00 11.29 ? 1410 LEU A CD2 1 
ATOM   809  N N   . SER A 1 120 ? -3.541  1.356   -7.663  1.00 8.49  ? 1411 SER A N   1 
ATOM   810  C CA  . SER A 1 120 ? -4.344  0.412   -6.859  1.00 9.11  ? 1411 SER A CA  1 
ATOM   811  C C   . SER A 1 120 ? -4.607  -0.835  -7.703  1.00 9.51  ? 1411 SER A C   1 
ATOM   812  O O   . SER A 1 120 ? -4.481  -1.936  -7.182  1.00 10.07 ? 1411 SER A O   1 
ATOM   813  C CB  . SER A 1 120 ? -5.627  1.045   -6.393  1.00 9.75  ? 1411 SER A CB  1 
ATOM   814  O OG  . SER A 1 120 ? -6.503  0.082   -5.788  1.00 11.31 ? 1411 SER A OG  1 
ATOM   815  N N   . ALA A 1 121 ? -4.980  -0.691  -8.962  1.00 9.09  ? 1412 ALA A N   1 
ATOM   816  C CA  . ALA A 1 121 ? -5.250  -1.863  -9.816  1.00 10.01 ? 1412 ALA A CA  1 
ATOM   817  C C   . ALA A 1 121 ? -3.982  -2.697  -9.944  1.00 9.67  ? 1412 ALA A C   1 
ATOM   818  O O   . ALA A 1 121 ? -4.000  -3.942  -9.867  1.00 9.96  ? 1412 ALA A O   1 
ATOM   819  C CB  . ALA A 1 121 ? -5.716  -1.406  -11.164 1.00 10.81 ? 1412 ALA A CB  1 
ATOM   820  N N   . PHE A 1 122 ? -2.843  -2.036  -10.089 1.00 9.78  ? 1413 PHE A N   1 
ATOM   821  C CA  . PHE A 1 122 ? -1.527  -2.724  -10.236 1.00 9.99  ? 1413 PHE A CA  1 
ATOM   822  C C   . PHE A 1 122 ? -1.176  -3.484  -8.953  1.00 10.20 ? 1413 PHE A C   1 
ATOM   823  O O   . PHE A 1 122 ? -0.837  -4.680  -8.930  1.00 9.78  ? 1413 PHE A O   1 
ATOM   824  C CB  . PHE A 1 122 ? -0.456  -1.695  -10.560 1.00 11.41 ? 1413 PHE A CB  1 
ATOM   825  C CG  . PHE A 1 122 ? 0.933   -2.269  -10.630 1.00 12.42 ? 1413 PHE A CG  1 
ATOM   826  C CD1 . PHE A 1 122 ? 1.352   -2.996  -11.730 1.00 16.15 ? 1413 PHE A CD1 1 
ATOM   827  C CD2 . PHE A 1 122 ? 1.800   -2.172  -9.557  1.00 13.29 ? 1413 PHE A CD2 1 
ATOM   828  C CE1 . PHE A 1 122 ? 2.623   -3.561  -11.775 1.00 15.39 ? 1413 PHE A CE1 1 
ATOM   829  C CE2 . PHE A 1 122 ? 3.096   -2.692  -9.630  1.00 14.10 ? 1413 PHE A CE2 1 
ATOM   830  C CZ  . PHE A 1 122 ? 3.494   -3.405  -10.730 1.00 16.18 ? 1413 PHE A CZ  1 
ATOM   831  N N   . PHE A 1 123 ? -1.370  -2.807  -7.827  1.00 9.60  ? 1414 PHE A N   1 
ATOM   832  C CA  . PHE A 1 123 ? -1.111  -3.416  -6.518  1.00 9.36  ? 1414 PHE A CA  1 
ATOM   833  C C   . PHE A 1 123 ? -2.024  -4.617  -6.285  1.00 8.83  ? 1414 PHE A C   1 
ATOM   834  O O   . PHE A 1 123 ? -1.524  -5.709  -5.900  1.00 9.20  ? 1414 PHE A O   1 
ATOM   835  C CB  . PHE A 1 123 ? -1.306  -2.383  -5.401  1.00 8.96  ? 1414 PHE A CB  1 
ATOM   836  C CG  . PHE A 1 123 ? -1.228  -2.987  -4.014  1.00 9.46  ? 1414 PHE A CG  1 
ATOM   837  C CD1 . PHE A 1 123 ? -0.017  -3.354  -3.448  1.00 9.02  ? 1414 PHE A CD1 1 
ATOM   838  C CD2 . PHE A 1 123 ? -2.389  -3.263  -3.285  1.00 8.96  ? 1414 PHE A CD2 1 
ATOM   839  C CE1 . PHE A 1 123 ? 0.032   -3.956  -2.190  1.00 9.61  ? 1414 PHE A CE1 1 
ATOM   840  C CE2 . PHE A 1 123 ? -2.315  -3.833  -2.022  1.00 10.24 ? 1414 PHE A CE2 1 
ATOM   841  C CZ  . PHE A 1 123 ? -1.121  -4.203  -1.506  1.00 9.50  ? 1414 PHE A CZ  1 
ATOM   842  N N   . GLU A 1 124 ? -3.329  -4.498  -6.495  1.00 9.02  ? 1415 GLU A N   1 
ATOM   843  C CA  . GLU A 1 124 ? -4.291  -5.607  -6.261  1.00 10.47 ? 1415 GLU A CA  1 
ATOM   844  C C   . GLU A 1 124 ? -3.965  -6.805  -7.164  1.00 11.38 ? 1415 GLU A C   1 
ATOM   845  O O   . GLU A 1 124 ? -4.015  -7.943  -6.690  1.00 12.48 ? 1415 GLU A O   1 
ATOM   846  C CB  . GLU A 1 124 ? -5.716  -5.095  -6.471  1.00 11.33 ? 1415 GLU A CB  1 
ATOM   847  C CG  . GLU A 1 124 ? -6.165  -4.122  -5.379  1.00 12.59 ? 1415 GLU A CG  1 
ATOM   848  C CD  . GLU A 1 124 ? -6.167  -4.636  -3.939  1.00 13.69 ? 1415 GLU A CD  1 
ATOM   849  O OE1 . GLU A 1 124 ? -6.319  -5.851  -3.728  1.00 14.96 ? 1415 GLU A OE1 1 
ATOM   850  O OE2 . GLU A 1 124 ? -5.971  -3.822  -3.023  1.00 13.32 ? 1415 GLU A OE2 1 
ATOM   851  N N   . GLU A 1 125 ? -3.542  -6.533  -8.406  1.00 11.43 ? 1416 GLU A N   1 
ATOM   852  C CA  . GLU A 1 125 ? -3.182  -7.591  -9.389  1.00 12.09 ? 1416 GLU A CA  1 
ATOM   853  C C   . GLU A 1 125 ? -2.048  -8.433  -8.809  1.00 12.57 ? 1416 GLU A C   1 
ATOM   854  O O   . GLU A 1 125 ? -2.093  -9.646  -8.923  1.00 13.14 ? 1416 GLU A O   1 
ATOM   855  C CB  . GLU A 1 125 ? -2.833  -6.895  -10.704 1.00 13.30 ? 1416 GLU A CB  1 
ATOM   856  C CG  . GLU A 1 125 ? -2.376  -7.790  -11.825 1.00 14.94 ? 1416 GLU A CG  1 
ATOM   857  C CD  . GLU A 1 125 ? -2.135  -6.950  -13.060 1.00 16.22 ? 1416 GLU A CD  1 
ATOM   858  O OE1 . GLU A 1 125 ? -3.155  -6.464  -13.604 1.00 16.93 ? 1416 GLU A OE1 1 
ATOM   859  O OE2 . GLU A 1 125 ? -0.961  -6.702  -13.412 1.00 17.01 ? 1416 GLU A OE2 1 
ATOM   860  N N   . HIS A 1 126 ? -1.059  -7.786  -8.186  0.50 12.88 ? 1417 HIS A N   1 
ATOM   861  C CA  . HIS A 1 126 ? 0.199   -8.420  -7.710  0.50 13.73 ? 1417 HIS A CA  1 
ATOM   862  C C   . HIS A 1 126 ? 0.044   -8.976  -6.286  0.50 13.27 ? 1417 HIS A C   1 
ATOM   863  O O   . HIS A 1 126 ? 0.663   -10.020 -6.006  0.50 13.88 ? 1417 HIS A O   1 
ATOM   864  C CB  . HIS A 1 126 ? 1.369   -7.436  -7.830  0.50 14.91 ? 1417 HIS A CB  1 
ATOM   865  C CG  . HIS A 1 126 ? 1.816   -7.221  -9.239  0.50 16.97 ? 1417 HIS A CG  1 
ATOM   866  N ND1 . HIS A 1 126 ? 1.022   -6.603  -10.178 0.50 18.18 ? 1417 HIS A ND1 1 
ATOM   867  C CD2 . HIS A 1 126 ? 2.968   -7.541  -9.869  0.50 19.04 ? 1417 HIS A CD2 1 
ATOM   868  C CE1 . HIS A 1 126 ? 1.655   -6.571  -11.332 0.50 19.27 ? 1417 HIS A CE1 1 
ATOM   869  N NE2 . HIS A 1 126 ? 2.860   -7.114  -11.164 0.50 19.93 ? 1417 HIS A NE2 1 
ATOM   870  N N   . ILE A 1 127 ? -0.739  -8.330  -5.415  1.00 12.88 ? 1418 ILE A N   1 
ATOM   871  C CA  . ILE A 1 127 ? -0.834  -8.782  -3.996  1.00 12.18 ? 1418 ILE A CA  1 
ATOM   872  C C   . ILE A 1 127 ? -1.678  -10.047 -3.826  1.00 12.14 ? 1418 ILE A C   1 
ATOM   873  O O   . ILE A 1 127 ? -1.501  -10.774 -2.878  1.00 11.34 ? 1418 ILE A O   1 
ATOM   874  C CB  . ILE A 1 127 ? -1.354  -7.674  -3.068  1.00 11.58 ? 1418 ILE A CB  1 
ATOM   875  C CG1 . ILE A 1 127 ? -0.880  -7.885  -1.616  1.00 12.78 ? 1418 ILE A CG1 1 
ATOM   876  C CG2 . ILE A 1 127 ? -2.846  -7.559  -3.123  1.00 11.86 ? 1418 ILE A CG2 1 
ATOM   877  C CD1 . ILE A 1 127 ? 0.601   -7.939  -1.448  1.00 13.57 ? 1418 ILE A CD1 1 
ATOM   878  N N   A SER A 1 128 ? -2.580  -10.307 -4.764  0.25 11.78 ? 1419 SER A N   1 
ATOM   879  N N   B SER A 1 128 ? -2.584  -10.297 -4.770  0.25 11.99 ? 1419 SER A N   1 
ATOM   880  C CA  A SER A 1 128 ? -3.552  -11.421 -4.670  0.25 11.93 ? 1419 SER A CA  1 
ATOM   881  C CA  B SER A 1 128 ? -3.544  -11.430 -4.730  0.25 12.27 ? 1419 SER A CA  1 
ATOM   882  C C   A SER A 1 128 ? -2.822  -12.759 -4.441  0.25 11.78 ? 1419 SER A C   1 
ATOM   883  C C   B SER A 1 128 ? -2.810  -12.746 -4.437  0.25 11.96 ? 1419 SER A C   1 
ATOM   884  O O   A SER A 1 128 ? -3.222  -13.490 -3.517  0.25 11.53 ? 1419 SER A O   1 
ATOM   885  O O   B SER A 1 128 ? -3.202  -13.450 -3.488  0.25 11.65 ? 1419 SER A O   1 
ATOM   886  C CB  A SER A 1 128 ? -4.437  -11.428 -5.888  0.25 12.20 ? 1419 SER A CB  1 
ATOM   887  C CB  B SER A 1 128 ? -4.338  -11.501 -6.015  0.25 12.80 ? 1419 SER A CB  1 
ATOM   888  O OG  A SER A 1 128 ? -3.652  -11.468 -7.067  0.25 12.88 ? 1419 SER A OG  1 
ATOM   889  O OG  B SER A 1 128 ? -5.150  -12.671 -6.037  0.25 13.97 ? 1419 SER A OG  1 
ATOM   890  N N   . SER A 1 129 ? -1.782  -13.062 -5.221  1.00 11.39 ? 1420 SER A N   1 
ATOM   891  C CA  . SER A 1 129 ? -1.035  -14.342 -5.086  1.00 13.08 ? 1420 SER A CA  1 
ATOM   892  C C   . SER A 1 129 ? -0.241  -14.341 -3.773  1.00 12.26 ? 1420 SER A C   1 
ATOM   893  O O   . SER A 1 129 ? -0.086  -15.392 -3.171  1.00 12.61 ? 1420 SER A O   1 
ATOM   894  C CB  . SER A 1 129 ? -0.146  -14.617 -6.256  1.00 14.75 ? 1420 SER A CB  1 
ATOM   895  O OG  . SER A 1 129 ? 0.884   -13.662 -6.393  1.00 19.66 ? 1420 SER A OG  1 
ATOM   896  N N   . VAL A 1 130 ? 0.294   -13.186 -3.377  1.00 11.34 ? 1421 VAL A N   1 
ATOM   897  C CA  . VAL A 1 130 ? 1.031   -13.117 -2.094  1.00 10.91 ? 1421 VAL A CA  1 
ATOM   898  C C   . VAL A 1 130 ? 0.104   -13.535 -0.952  1.00 10.35 ? 1421 VAL A C   1 
ATOM   899  O O   . VAL A 1 130 ? 0.483   -14.359 -0.048  1.00 10.70 ? 1421 VAL A O   1 
ATOM   900  C CB  . VAL A 1 130 ? 1.590   -11.718 -1.902  1.00 9.68  ? 1421 VAL A CB  1 
ATOM   901  C CG1 . VAL A 1 130 ? 2.299   -11.630 -0.559  1.00 10.33 ? 1421 VAL A CG1 1 
ATOM   902  C CG2 . VAL A 1 130 ? 2.554   -11.361 -3.014  1.00 10.76 ? 1421 VAL A CG2 1 
ATOM   903  N N   . LEU A 1 131 ? -1.103  -12.989 -0.905  1.00 10.03 ? 1422 LEU A N   1 
ATOM   904  C CA  . LEU A 1 131 ? -2.092  -13.270 0.146   1.00 10.49 ? 1422 LEU A CA  1 
ATOM   905  C C   . LEU A 1 131 ? -2.500  -14.729 0.056   1.00 10.68 ? 1422 LEU A C   1 
ATOM   906  O O   . LEU A 1 131 ? -2.504  -15.373 1.038   1.00 11.02 ? 1422 LEU A O   1 
ATOM   907  C CB  . LEU A 1 131 ? -3.277  -12.327 -0.043  1.00 11.42 ? 1422 LEU A CB  1 
ATOM   908  C CG  . LEU A 1 131 ? -2.985  -10.852 0.197   1.00 11.06 ? 1422 LEU A CG  1 
ATOM   909  C CD1 . LEU A 1 131 ? -4.184  -10.025 -0.229  1.00 12.95 ? 1422 LEU A CD1 1 
ATOM   910  C CD2 . LEU A 1 131 ? -2.589  -10.606 1.640   1.00 13.10 ? 1422 LEU A CD2 1 
ATOM   911  N N   . SER A 1 132 ? -2.779  -15.196 -1.144  1.00 11.63 ? 1423 SER A N   1 
ATOM   912  C CA  . SER A 1 132 ? -3.254  -16.572 -1.329  1.00 12.01 ? 1423 SER A CA  1 
ATOM   913  C C   . SER A 1 132 ? -2.176  -17.525 -0.825  1.00 12.07 ? 1423 SER A C   1 
ATOM   914  O O   . SER A 1 132 ? -2.516  -18.474 -0.138  1.00 12.18 ? 1423 SER A O   1 
ATOM   915  C CB  . SER A 1 132 ? -3.586  -16.832 -2.793  1.00 12.59 ? 1423 SER A CB  1 
ATOM   916  O OG  . SER A 1 132 ? -4.733  -16.128 -3.148  1.00 15.91 ? 1423 SER A OG  1 
ATOM   917  N N   . ASP A 1 133 ? -0.929  -17.321 -1.244  1.00 11.61 ? 1424 ASP A N   1 
ATOM   918  C CA  . ASP A 1 133 ? 0.165   -18.250 -0.908  1.00 12.27 ? 1424 ASP A CA  1 
ATOM   919  C C   . ASP A 1 133 ? 0.353   -18.231 0.597   1.00 11.37 ? 1424 ASP A C   1 
ATOM   920  O O   . ASP A 1 133 ? 0.557   -19.294 1.202   1.00 11.48 ? 1424 ASP A O   1 
ATOM   921  C CB  . ASP A 1 133 ? 1.458   -17.902 -1.635  1.00 13.47 ? 1424 ASP A CB  1 
ATOM   922  C CG  . ASP A 1 133 ? 1.513   -18.214 -3.114  1.00 17.04 ? 1424 ASP A CG  1 
ATOM   923  O OD1 . ASP A 1 133 ? 0.517   -18.748 -3.658  1.00 19.93 ? 1424 ASP A OD1 1 
ATOM   924  O OD2 . ASP A 1 133 ? 2.580   -17.913 -3.712  1.00 23.73 ? 1424 ASP A OD2 1 
ATOM   925  N N   . TYR A 1 134 ? 0.340   -17.063 1.216   1.00 10.90 ? 1425 TYR A N   1 
ATOM   926  C CA  . TYR A 1 134 ? 0.488   -16.970 2.681   1.00 10.00 ? 1425 TYR A CA  1 
ATOM   927  C C   . TYR A 1 134 ? -0.600  -17.748 3.414   1.00 10.88 ? 1425 TYR A C   1 
ATOM   928  O O   . TYR A 1 134 ? -0.283  -18.545 4.307   1.00 10.67 ? 1425 TYR A O   1 
ATOM   929  C CB  . TYR A 1 134 ? 0.542   -15.510 3.152   1.00 10.80 ? 1425 TYR A CB  1 
ATOM   930  C CG  . TYR A 1 134 ? 0.651   -15.361 4.643   1.00 10.33 ? 1425 TYR A CG  1 
ATOM   931  C CD1 . TYR A 1 134 ? 1.862   -15.549 5.282   1.00 11.47 ? 1425 TYR A CD1 1 
ATOM   932  C CD2 . TYR A 1 134 ? -0.471  -15.123 5.413   1.00 12.33 ? 1425 TYR A CD2 1 
ATOM   933  C CE1 . TYR A 1 134 ? 1.977   -15.417 6.658   1.00 12.88 ? 1425 TYR A CE1 1 
ATOM   934  C CE2 . TYR A 1 134 ? -0.375  -14.980 6.782   1.00 12.54 ? 1425 TYR A CE2 1 
ATOM   935  C CZ  . TYR A 1 134 ? 0.849   -15.164 7.415   1.00 12.77 ? 1425 TYR A CZ  1 
ATOM   936  O OH  . TYR A 1 134 ? 0.924   -15.005 8.771   1.00 15.66 ? 1425 TYR A OH  1 
ATOM   937  N N   . LYS A 1 135 ? -1.871  -17.521 3.070   1.00 10.69 ? 1426 LYS A N   1 
ATOM   938  C CA  . LYS A 1 135 ? -2.985  -18.108 3.845   1.00 11.21 ? 1426 LYS A CA  1 
ATOM   939  C C   . LYS A 1 135 ? -2.942  -19.620 3.622   1.00 10.95 ? 1426 LYS A C   1 
ATOM   940  O O   . LYS A 1 135 ? -3.220  -20.351 4.543   1.00 11.01 ? 1426 LYS A O   1 
ATOM   941  C CB  . LYS A 1 135 ? -4.291  -17.484 3.342   1.00 12.58 ? 1426 LYS A CB  1 
ATOM   942  C CG  . LYS A 1 135 ? -4.381  -15.998 3.695   1.00 13.92 ? 1426 LYS A CG  1 
ATOM   943  C CD  . LYS A 1 135 ? -5.657  -15.403 3.181   1.00 16.19 ? 1426 LYS A CD  1 
ATOM   944  C CE  . LYS A 1 135 ? -5.744  -13.921 3.450   1.00 19.07 ? 1426 LYS A CE  1 
ATOM   945  N NZ  . LYS A 1 135 ? -6.674  -13.298 2.488   1.00 21.87 ? 1426 LYS A NZ  1 
ATOM   946  N N   . SER A 1 136 ? -2.591  -20.045 2.424   1.00 11.12 ? 1427 SER A N   1 
ATOM   947  C CA  . SER A 1 136 ? -2.434  -21.499 2.114   1.00 12.34 ? 1427 SER A CA  1 
ATOM   948  C C   . SER A 1 136 ? -1.320  -22.106 2.974   1.00 13.08 ? 1427 SER A C   1 
ATOM   949  O O   . SER A 1 136 ? -1.485  -23.183 3.536   1.00 10.98 ? 1427 SER A O   1 
ATOM   950  C CB  . SER A 1 136 ? -2.137  -21.674 0.636   1.00 13.89 ? 1427 SER A CB  1 
ATOM   951  O OG  . SER A 1 136 ? -1.648  -22.990 0.388   1.00 19.82 ? 1427 SER A OG  1 
ATOM   952  N N   . ALA A 1 137 ? -0.176  -21.454 3.032   1.00 12.52 ? 1428 ALA A N   1 
ATOM   953  C CA  . ALA A 1 137 ? 0.980   -21.909 3.833   1.00 14.28 ? 1428 ALA A CA  1 
ATOM   954  C C   . ALA A 1 137 ? 0.593   -22.014 5.292   1.00 13.11 ? 1428 ALA A C   1 
ATOM   955  O O   . ALA A 1 137 ? 1.000   -22.959 5.963   1.00 14.14 ? 1428 ALA A O   1 
ATOM   956  C CB  . ALA A 1 137 ? 2.152   -20.950 3.684   1.00 15.81 ? 1428 ALA A CB  1 
ATOM   957  N N   . LEU A 1 138 ? -0.153  -21.039 5.812   0.50 13.47 ? 1429 LEU A N   1 
ATOM   958  C CA  . LEU A 1 138 ? -0.594  -21.053 7.226   0.50 14.23 ? 1429 LEU A CA  1 
ATOM   959  C C   . LEU A 1 138 ? -1.557  -22.223 7.437   0.50 13.37 ? 1429 LEU A C   1 
ATOM   960  O O   . LEU A 1 138 ? -1.433  -22.912 8.456   0.50 13.60 ? 1429 LEU A O   1 
ATOM   961  C CB  . LEU A 1 138 ? -1.252  -19.718 7.581   0.50 15.56 ? 1429 LEU A CB  1 
ATOM   962  C CG  . LEU A 1 138 ? -0.390  -18.740 8.374   0.50 16.33 ? 1429 LEU A CG  1 
ATOM   963  C CD1 . LEU A 1 138 ? -1.274  -17.878 9.256   0.50 16.85 ? 1429 LEU A CD1 1 
ATOM   964  C CD2 . LEU A 1 138 ? 0.655   -19.465 9.210   0.50 16.21 ? 1429 LEU A CD2 1 
ATOM   965  N N   . ARG A 1 139 ? -2.479  -22.447 6.496   1.00 12.66 ? 1430 ARG A N   1 
ATOM   966  C CA  . ARG A 1 139 ? -3.433  -23.575 6.630   1.00 12.22 ? 1430 ARG A CA  1 
ATOM   967  C C   . ARG A 1 139 ? -2.634  -24.890 6.659   1.00 11.48 ? 1430 ARG A C   1 
ATOM   968  O O   . ARG A 1 139 ? -2.936  -25.736 7.461   1.00 12.59 ? 1430 ARG A O   1 
ATOM   969  C CB  . ARG A 1 139 ? -4.490  -23.632 5.538   1.00 12.38 ? 1430 ARG A CB  1 
ATOM   970  C CG  . ARG A 1 139 ? -5.478  -22.485 5.611   1.00 12.36 ? 1430 ARG A CG  1 
ATOM   971  C CD  . ARG A 1 139 ? -6.612  -22.624 4.609   1.00 13.80 ? 1430 ARG A CD  1 
ATOM   972  N NE  . ARG A 1 139 ? -6.230  -22.486 3.235   1.00 14.00 ? 1430 ARG A NE  1 
ATOM   973  C CZ  . ARG A 1 139 ? -6.286  -21.388 2.486   1.00 13.25 ? 1430 ARG A CZ  1 
ATOM   974  N NH1 . ARG A 1 139 ? -6.640  -20.226 3.023   1.00 15.72 ? 1430 ARG A NH1 1 
ATOM   975  N NH2 . ARG A 1 139 ? -6.010  -21.468 1.205   1.00 13.90 ? 1430 ARG A NH2 1 
ATOM   976  N N   . PHE A 1 140 ? -1.630  -25.021 5.797   1.00 10.18 ? 1431 PHE A N   1 
ATOM   977  C CA  . PHE A 1 140 ? -0.814  -26.253 5.765   1.00 11.38 ? 1431 PHE A CA  1 
ATOM   978  C C   . PHE A 1 140 ? -0.139  -26.435 7.118   1.00 12.13 ? 1431 PHE A C   1 
ATOM   979  O O   . PHE A 1 140 ? -0.109  -27.508 7.671   1.00 12.20 ? 1431 PHE A O   1 
ATOM   980  C CB  . PHE A 1 140 ? 0.191   -26.200 4.622   1.00 10.32 ? 1431 PHE A CB  1 
ATOM   981  C CG  . PHE A 1 140 ? 0.924   -27.494 4.451   1.00 11.96 ? 1431 PHE A CG  1 
ATOM   982  C CD1 . PHE A 1 140 ? 0.310   -28.567 3.816   1.00 14.14 ? 1431 PHE A CD1 1 
ATOM   983  C CD2 . PHE A 1 140 ? 2.228   -27.624 4.880   1.00 12.89 ? 1431 PHE A CD2 1 
ATOM   984  C CE1 . PHE A 1 140 ? 0.997   -29.759 3.639   1.00 13.73 ? 1431 PHE A CE1 1 
ATOM   985  C CE2 . PHE A 1 140 ? 2.893   -28.836 4.736   1.00 14.38 ? 1431 PHE A CE2 1 
ATOM   986  C CZ  . PHE A 1 140 ? 2.281   -29.886 4.095   1.00 14.21 ? 1431 PHE A CZ  1 
ATOM   987  N N   . HIS A 1 141 ? 0.415   -25.347 7.649   0.50 13.25 ? 1432 HIS A N   1 
ATOM   988  C CA  . HIS A 1 141 ? 1.140   -25.354 8.944   0.50 14.66 ? 1432 HIS A CA  1 
ATOM   989  C C   . HIS A 1 141 ? 0.225   -25.864 10.063  0.50 16.25 ? 1432 HIS A C   1 
ATOM   990  O O   . HIS A 1 141 ? 0.703   -26.643 10.915  0.50 17.64 ? 1432 HIS A O   1 
ATOM   991  C CB  . HIS A 1 141 ? 1.667   -23.959 9.249   0.50 14.80 ? 1432 HIS A CB  1 
ATOM   992  C CG  . HIS A 1 141 ? 2.545   -23.956 10.447  0.50 14.98 ? 1432 HIS A CG  1 
ATOM   993  N ND1 . HIS A 1 141 ? 3.811   -24.494 10.415  0.50 14.77 ? 1432 HIS A ND1 1 
ATOM   994  C CD2 . HIS A 1 141 ? 2.343   -23.503 11.699  0.50 15.78 ? 1432 HIS A CD2 1 
ATOM   995  C CE1 . HIS A 1 141 ? 4.360   -24.369 11.604  0.50 15.24 ? 1432 HIS A CE1 1 
ATOM   996  N NE2 . HIS A 1 141 ? 3.482   -23.763 12.409  0.50 15.81 ? 1432 HIS A NE2 1 
ATOM   997  N N   . LYS A 1 142 ? -1.041  -25.442 10.063  1.00 16.83 ? 1433 LYS A N   1 
ATOM   998  C CA  . LYS A 1 142 ? -2.021  -25.807 11.111  1.00 20.19 ? 1433 LYS A CA  1 
ATOM   999  C C   . LYS A 1 142 ? -2.772  -27.097 10.776  1.00 24.11 ? 1433 LYS A C   1 
ATOM   1000 O O   . LYS A 1 142 ? -3.639  -27.460 11.571  1.00 32.19 ? 1433 LYS A O   1 
ATOM   1001 C CB  . LYS A 1 142 ? -2.944  -24.604 11.315  1.00 26.39 ? 1433 LYS A CB  1 
ATOM   1002 C CG  . LYS A 1 142 ? -2.256  -23.301 11.728  1.00 30.02 ? 1433 LYS A CG  1 
ATOM   1003 C CD  . LYS A 1 142 ? -3.226  -22.125 11.725  1.00 35.00 ? 1433 LYS A CD  1 
ATOM   1004 C CE  . LYS A 1 142 ? -2.606  -20.759 11.547  1.00 38.87 ? 1433 LYS A CE  1 
ATOM   1005 N NZ  . LYS A 1 142 ? -1.380  -20.588 12.360  1.00 43.28 ? 1433 LYS A NZ  1 
ATOM   1006 N N   . ARG A 1 143 ? -2.460  -27.799 9.683   1.00 22.86 ? 1434 ARG A N   1 
ATOM   1007 C CA  . ARG A 1 143 ? -3.265  -28.949 9.188   1.00 21.63 ? 1434 ARG A CA  1 
ATOM   1008 C C   . ARG A 1 143 ? -3.405  -30.045 10.256  1.00 23.12 ? 1434 ARG A C   1 
ATOM   1009 O O   . ARG A 1 143 ? -2.475  -30.266 10.996  1.00 30.86 ? 1434 ARG A O   1 
ATOM   1010 C CB  . ARG A 1 143 ? -2.667  -29.469 7.878   1.00 21.68 ? 1434 ARG A CB  1 
ATOM   1011 C CG  . ARG A 1 143 ? -1.321  -30.155 8.042   1.00 20.84 ? 1434 ARG A CG  1 
ATOM   1012 C CD  . ARG A 1 143 ? -0.669  -30.460 6.720   1.00 22.21 ? 1434 ARG A CD  1 
ATOM   1013 N NE  . ARG A 1 143 ? 0.510   -31.271 6.933   1.00 20.32 ? 1434 ARG A NE  1 
ATOM   1014 C CZ  . ARG A 1 143 ? 1.641   -30.867 7.455   1.00 21.41 ? 1434 ARG A CZ  1 
ATOM   1015 N NH1 . ARG A 1 143 ? 1.824   -29.597 7.779   1.00 19.21 ? 1434 ARG A NH1 1 
ATOM   1016 N NH2 . ARG A 1 143 ? 2.643   -31.732 7.565   1.00 25.03 ? 1434 ARG A NH2 1 
HETATM 1017 N N1  . Y0G B 2 .   ? -0.136  14.418  -2.397  0.42 19.21 ? 1501 Y0G A N1  1 
HETATM 1018 C C4  . Y0G B 2 .   ? 3.561   14.435  -2.006  0.42 26.91 ? 1501 Y0G A C4  1 
HETATM 1019 C C5  . Y0G B 2 .   ? 1.142   14.910  -1.898  0.42 21.85 ? 1501 Y0G A C5  1 
HETATM 1020 C C6  . Y0G B 2 .   ? -0.441  12.957  -2.256  0.42 18.11 ? 1501 Y0G A C6  1 
HETATM 1021 C C7  . Y0G B 2 .   ? -1.804  12.601  -1.668  0.42 17.61 ? 1501 Y0G A C7  1 
HETATM 1022 C C8  . Y0G B 2 .   ? -2.533  14.896  -1.700  0.42 17.60 ? 1501 Y0G A C8  1 
HETATM 1023 C C10 . Y0G B 2 .   ? -4.010  13.032  -2.720  0.42 15.56 ? 1501 Y0G A C10 1 
HETATM 1024 C C13 . Y0G B 2 .   ? -6.311  14.745  -4.998  0.42 14.21 ? 1501 Y0G A C13 1 
HETATM 1025 C C15 . Y0G B 2 .   ? 4.229   14.369  -0.776  0.42 28.22 ? 1501 Y0G A C15 1 
HETATM 1026 N N   . Y0G B 2 .   ? 2.224   14.043  -2.136  0.42 24.19 ? 1501 Y0G A N   1 
HETATM 1027 C C   . Y0G B 2 .   ? 8.135   16.265  -2.426  0.42 33.62 ? 1501 Y0G A C   1 
HETATM 1028 O O   . Y0G B 2 .   ? 7.648   15.104  -1.810  0.42 33.63 ? 1501 Y0G A O   1 
HETATM 1029 C C1  . Y0G B 2 .   ? 6.279   14.967  -1.866  0.42 30.73 ? 1501 Y0G A C1  1 
HETATM 1030 C C11 . Y0G B 2 .   ? -4.849  13.849  -3.581  0.42 15.18 ? 1501 Y0G A C11 1 
HETATM 1031 C C12 . Y0G B 2 .   ? -5.311  15.605  -4.767  0.42 14.53 ? 1501 Y0G A C12 1 
HETATM 1032 C C14 . Y0G B 2 .   ? -6.028  13.590  -4.224  0.42 14.87 ? 1501 Y0G A C14 1 
HETATM 1033 C C16 . Y0G B 2 .   ? 5.588   14.638  -0.706  0.42 29.82 ? 1501 Y0G A C16 1 
HETATM 1034 C C2  . Y0G B 2 .   ? 5.639   15.086  -3.123  0.42 30.86 ? 1501 Y0G A C2  1 
HETATM 1035 C C3  . Y0G B 2 .   ? 4.267   14.819  -3.173  0.42 29.41 ? 1501 Y0G A C3  1 
HETATM 1036 C C9  . Y0G B 2 .   ? -1.298  15.365  -2.495  0.42 18.02 ? 1501 Y0G A C9  1 
HETATM 1037 F F   . Y0G B 2 .   ? 3.619   14.935  -4.343  0.42 31.43 ? 1501 Y0G A F   1 
HETATM 1038 N N2  . Y0G B 2 .   ? -2.816  13.540  -2.161  0.42 16.69 ? 1501 Y0G A N2  1 
HETATM 1039 O O1  . Y0G B 2 .   ? -4.393  15.076  -3.890  0.42 14.23 ? 1501 Y0G A O1  1 
HETATM 1040 O O2  . Y0G B 2 .   ? -4.334  11.884  -2.549  0.42 15.41 ? 1501 Y0G A O2  1 
HETATM 1041 O O3  . Y0G B 2 .   ? 1.286   15.991  -1.318  0.42 23.26 ? 1501 Y0G A O3  1 
HETATM 1042 O O   . HOH C 3 .   ? -5.839  20.184  10.562  1.00 40.81 ? 1601 HOH A O   1 
HETATM 1043 O O   . HOH C 3 .   ? 9.615   9.166   4.464   1.00 35.40 ? 1602 HOH A O   1 
HETATM 1044 O O   . HOH C 3 .   ? -1.341  19.026  -6.742  1.00 63.35 ? 1603 HOH A O   1 
HETATM 1045 O O   . HOH C 3 .   ? 1.076   -0.175  10.197  1.00 31.26 ? 1604 HOH A O   1 
HETATM 1046 O O   . HOH C 3 .   ? -8.897  6.544   4.151   1.00 16.89 ? 1605 HOH A O   1 
HETATM 1047 O O   . HOH C 3 .   ? -5.476  -7.382  -13.402 1.00 26.71 ? 1606 HOH A O   1 
HETATM 1048 O O   . HOH C 3 .   ? -13.687 13.273  1.978   1.00 16.32 ? 1607 HOH A O   1 
HETATM 1049 O O   . HOH C 3 .   ? 0.281   14.562  9.850   1.00 72.32 ? 1608 HOH A O   1 
HETATM 1050 O O   . HOH C 3 .   ? 14.159  -8.022  -1.443  1.00 42.57 ? 1609 HOH A O   1 
HETATM 1051 O O   . HOH C 3 .   ? -10.883 21.332  3.909   1.00 24.48 ? 1610 HOH A O   1 
HETATM 1052 O O   . HOH C 3 .   ? 2.611   -11.175 -7.161  1.00 27.44 ? 1611 HOH A O   1 
HETATM 1053 O O   . HOH C 3 .   ? 6.681   14.739  2.692   1.00 41.47 ? 1612 HOH A O   1 
HETATM 1054 O O   . HOH C 3 .   ? 3.129   -15.155 10.055  1.00 32.95 ? 1613 HOH A O   1 
HETATM 1055 O O   . HOH C 3 .   ? 13.310  -6.868  9.116   1.00 17.70 ? 1614 HOH A O   1 
HETATM 1056 O O   . HOH C 3 .   ? -2.606  23.388  8.278   1.00 28.45 ? 1615 HOH A O   1 
HETATM 1057 O O   . HOH C 3 .   ? -0.097  7.410   10.046  1.00 24.55 ? 1616 HOH A O   1 
HETATM 1058 O O   . HOH C 3 .   ? -1.083  -14.503 10.347  1.00 24.78 ? 1617 HOH A O   1 
HETATM 1059 O O   . HOH C 3 .   ? -4.198  11.271  0.119   1.00 14.80 ? 1618 HOH A O   1 
HETATM 1060 O O   . HOH C 3 .   ? 1.282   -14.557 16.466  1.00 34.06 ? 1619 HOH A O   1 
HETATM 1061 O O   . HOH C 3 .   ? -5.398  -26.131 8.235   1.00 32.78 ? 1620 HOH A O   1 
HETATM 1062 O O   . HOH C 3 .   ? -10.716 22.174  6.442   1.00 28.87 ? 1621 HOH A O   1 
HETATM 1063 O O   . HOH C 3 .   ? -2.604  -10.877 10.158  1.00 28.91 ? 1622 HOH A O   1 
HETATM 1064 O O   . HOH C 3 .   ? 1.669   10.801  0.022   1.00 15.63 ? 1623 HOH A O   1 
HETATM 1065 O O   . HOH C 3 .   ? 6.953   21.683  -1.687  1.00 48.86 ? 1624 HOH A O   1 
HETATM 1066 O O   . HOH C 3 .   ? -10.246 17.238  -13.399 1.00 48.84 ? 1625 HOH A O   1 
HETATM 1067 O O   . HOH C 3 .   ? 10.808  8.133   -2.145  1.00 49.94 ? 1626 HOH A O   1 
HETATM 1068 O O   . HOH C 3 .   ? -13.774 10.335  -4.548  1.00 30.73 ? 1627 HOH A O   1 
HETATM 1069 O O   . HOH C 3 .   ? 6.199   22.314  1.292   1.00 42.04 ? 1628 HOH A O   1 
HETATM 1070 O O   . HOH C 3 .   ? -6.657  14.127  11.704  1.00 28.55 ? 1629 HOH A O   1 
HETATM 1071 O O   . HOH C 3 .   ? -7.844  5.701   -4.593  1.00 13.44 ? 1630 HOH A O   1 
HETATM 1072 O O   . HOH C 3 .   ? 1.969   9.177   5.571   1.00 16.99 ? 1631 HOH A O   1 
HETATM 1073 O O   . HOH C 3 .   ? -8.767  22.470  0.535   1.00 28.90 ? 1632 HOH A O   1 
HETATM 1074 O O   . HOH C 3 .   ? -13.645 13.244  -2.115  1.00 16.53 ? 1633 HOH A O   1 
HETATM 1075 O O   . HOH C 3 .   ? 3.338   -24.264 5.889   1.00 13.85 ? 1634 HOH A O   1 
HETATM 1076 O O   . HOH C 3 .   ? 9.846   5.808   -12.884 1.00 23.63 ? 1635 HOH A O   1 
HETATM 1077 O O   . HOH C 3 .   ? 12.555  4.837   -12.651 1.00 17.06 ? 1636 HOH A O   1 
HETATM 1078 O O   . HOH C 3 .   ? -1.885  9.788   3.268   1.00 14.74 ? 1637 HOH A O   1 
HETATM 1079 O O   . HOH C 3 .   ? 3.021   -15.298 12.765  0.50 33.39 ? 1638 HOH A O   1 
HETATM 1080 O O   . HOH C 3 .   ? -1.195  -12.098 -7.995  1.00 19.16 ? 1639 HOH A O   1 
HETATM 1081 O O   . HOH C 3 .   ? -2.206  0.076   -13.448 1.00 17.21 ? 1640 HOH A O   1 
HETATM 1082 O O   . HOH C 3 .   ? 3.722   11.363  -13.715 1.00 36.33 ? 1641 HOH A O   1 
HETATM 1083 O O   . HOH C 3 .   ? -5.966  -1.149  -3.427  1.00 15.02 ? 1642 HOH A O   1 
HETATM 1084 O O   . HOH C 3 .   ? 5.599   11.623  -2.501  1.00 25.06 ? 1643 HOH A O   1 
HETATM 1085 O O   . HOH C 3 .   ? -0.150  9.052   0.595   1.00 17.40 ? 1644 HOH A O   1 
HETATM 1086 O O   . HOH C 3 .   ? -5.969  -8.326  -4.777  1.00 17.40 ? 1645 HOH A O   1 
HETATM 1087 O O   . HOH C 3 .   ? 13.061  -3.137  13.983  1.00 24.67 ? 1646 HOH A O   1 
HETATM 1088 O O   . HOH C 3 .   ? -4.362  19.843  8.432   1.00 34.80 ? 1647 HOH A O   1 
HETATM 1089 O O   . HOH C 3 .   ? 2.891   1.480   8.697   1.00 31.89 ? 1648 HOH A O   1 
HETATM 1090 O O   . HOH C 3 .   ? 1.113   9.556   -13.953 1.00 28.81 ? 1649 HOH A O   1 
HETATM 1091 O O   . HOH C 3 .   ? -1.593  -26.665 -2.002  1.00 28.79 ? 1650 HOH A O   1 
HETATM 1092 O O   . HOH C 3 .   ? 10.582  -13.537 2.712   1.00 11.39 ? 1651 HOH A O   1 
HETATM 1093 O O   . HOH C 3 .   ? -4.700  -15.667 -5.837  1.00 18.45 ? 1652 HOH A O   1 
HETATM 1094 O O   . HOH C 3 .   ? 4.485   -25.532 7.982   1.00 13.83 ? 1653 HOH A O   1 
HETATM 1095 O O   . HOH C 3 .   ? 11.206  5.743   -6.905  1.00 26.84 ? 1654 HOH A O   1 
HETATM 1096 O O   . HOH C 3 .   ? -5.840  -13.246 -2.777  1.00 18.33 ? 1655 HOH A O   1 
HETATM 1097 O O   . HOH C 3 .   ? -7.172  0.040   4.909   1.00 12.96 ? 1656 HOH A O   1 
HETATM 1098 O O   . HOH C 3 .   ? 4.840   7.608   8.804   1.00 27.70 ? 1657 HOH A O   1 
HETATM 1099 O O   . HOH C 3 .   ? -8.439  0.814   -9.299  1.00 22.34 ? 1658 HOH A O   1 
HETATM 1100 O O   . HOH C 3 .   ? -5.768  -6.887  4.631   1.00 18.36 ? 1659 HOH A O   1 
HETATM 1101 O O   . HOH C 3 .   ? -5.771  22.276  0.627   1.00 72.56 ? 1660 HOH A O   1 
HETATM 1102 O O   . HOH C 3 .   ? -4.187  0.642   8.506   1.00 29.47 ? 1661 HOH A O   1 
HETATM 1103 O O   . HOH C 3 .   ? -8.736  1.908   3.768   1.00 16.50 ? 1662 HOH A O   1 
HETATM 1104 O O   . HOH C 3 .   ? -0.771  -4.173  -14.488 1.00 14.69 ? 1663 HOH A O   1 
HETATM 1105 O O   . HOH C 3 .   ? 0.100   -9.164  -14.074 1.00 27.25 ? 1664 HOH A O   1 
HETATM 1106 O O   . HOH C 3 .   ? -5.466  -24.971 2.301   1.00 17.71 ? 1665 HOH A O   1 
HETATM 1107 O O   . HOH C 3 .   ? -9.327  9.434   -15.073 0.42 27.03 ? 1666 HOH A O   1 
HETATM 1108 O O   . HOH C 3 .   ? 0.787   13.402  5.764   1.00 25.59 ? 1667 HOH A O   1 
HETATM 1109 O O   . HOH C 3 .   ? 6.547   -9.858  -5.550  1.00 22.78 ? 1668 HOH A O   1 
HETATM 1110 O O   . HOH C 3 .   ? 3.419   1.707   10.416  1.00 26.87 ? 1669 HOH A O   1 
HETATM 1111 O O   . HOH C 3 .   ? -7.954  -1.469  -7.568  1.00 19.41 ? 1670 HOH A O   1 
HETATM 1112 O O   . HOH C 3 .   ? 15.617  -3.361  9.729   1.00 39.16 ? 1671 HOH A O   1 
HETATM 1113 O O   . HOH C 3 .   ? -1.883  -2.604  9.027   1.00 18.89 ? 1672 HOH A O   1 
HETATM 1114 O O   . HOH C 3 .   ? 7.873   0.456   12.053  1.00 39.59 ? 1673 HOH A O   1 
HETATM 1115 O O   . HOH C 3 .   ? -11.589 8.633   -12.418 1.00 29.13 ? 1674 HOH A O   1 
HETATM 1116 O O   . HOH C 3 .   ? -3.665  22.841  -0.956  1.00 49.49 ? 1675 HOH A O   1 
HETATM 1117 O O   . HOH C 3 .   ? 9.927   -14.839 -1.000  1.00 24.86 ? 1676 HOH A O   1 
HETATM 1118 O O   . HOH C 3 .   ? 7.601   -6.827  8.657   1.00 11.09 ? 1677 HOH A O   1 
HETATM 1119 O O   . HOH C 3 .   ? 3.126   -15.381 0.209   1.00 10.07 ? 1678 HOH A O   1 
HETATM 1120 O O   . HOH C 3 .   ? -7.378  8.115   7.214   1.00 16.66 ? 1679 HOH A O   1 
HETATM 1121 O O   . HOH C 3 .   ? 2.138   -2.687  11.821  1.00 24.43 ? 1680 HOH A O   1 
HETATM 1122 O O   . HOH C 3 .   ? -4.611  -19.095 6.630   1.00 18.70 ? 1681 HOH A O   1 
HETATM 1123 O O   . HOH C 3 .   ? 3.191   -27.650 11.726  1.00 39.79 ? 1682 HOH A O   1 
HETATM 1124 O O   . HOH C 3 .   ? 1.109   -30.653 -0.782  1.00 48.24 ? 1683 HOH A O   1 
HETATM 1125 O O   . HOH C 3 .   ? -8.649  1.416   -0.456  1.00 11.97 ? 1684 HOH A O   1 
HETATM 1126 O O   . HOH C 3 .   ? 13.205  -10.878 7.898   1.00 18.10 ? 1685 HOH A O   1 
HETATM 1127 O O   . HOH C 3 .   ? -7.195  6.147   -13.422 1.00 15.61 ? 1686 HOH A O   1 
HETATM 1128 O O   . HOH C 3 .   ? 11.764  0.769   -14.147 1.00 31.50 ? 1687 HOH A O   1 
HETATM 1129 O O   . HOH C 3 .   ? 4.225   -19.240 0.482   1.00 16.09 ? 1688 HOH A O   1 
HETATM 1130 O O   . HOH C 3 .   ? 12.378  0.647   -7.061  1.00 22.96 ? 1689 HOH A O   1 
HETATM 1131 O O   . HOH C 3 .   ? -6.324  6.225   -16.036 1.00 15.01 ? 1690 HOH A O   1 
HETATM 1132 O O   . HOH C 3 .   ? 11.095  -2.539  -1.160  1.00 25.19 ? 1691 HOH A O   1 
HETATM 1133 O O   . HOH C 3 .   ? -6.517  -5.150  -10.283 1.00 19.39 ? 1692 HOH A O   1 
HETATM 1134 O O   . HOH C 3 .   ? -8.998  1.291   -5.226  1.00 26.10 ? 1693 HOH A O   1 
HETATM 1135 O O   . HOH C 3 .   ? -12.056 6.788   0.738   1.00 21.05 ? 1694 HOH A O   1 
HETATM 1136 O O   . HOH C 3 .   ? 7.991   15.620  -6.194  1.00 43.00 ? 1695 HOH A O   1 
HETATM 1137 O O   . HOH C 3 .   ? 14.916  -0.825  -3.118  1.00 35.25 ? 1696 HOH A O   1 
HETATM 1138 O O   . HOH C 3 .   ? -9.140  -0.484  11.196  1.00 28.09 ? 1697 HOH A O   1 
HETATM 1139 O O   . HOH C 3 .   ? -2.789  8.984   -0.112  1.00 15.03 ? 1698 HOH A O   1 
HETATM 1140 O O   . HOH C 3 .   ? 12.789  0.154   8.915   1.00 25.91 ? 1699 HOH A O   1 
HETATM 1141 O O   . HOH C 3 .   ? -7.111  -19.355 5.701   1.00 19.07 ? 1700 HOH A O   1 
HETATM 1142 O O   . HOH C 3 .   ? -9.551  -2.521  9.557   1.00 27.14 ? 1701 HOH A O   1 
HETATM 1143 O O   . HOH C 3 .   ? -13.731 6.351   -8.798  1.00 28.50 ? 1702 HOH A O   1 
HETATM 1144 O O   . HOH C 3 .   ? 8.205   7.524   6.160   1.00 32.22 ? 1703 HOH A O   1 
HETATM 1145 O O   . HOH C 3 .   ? 11.117  -5.486  -7.798  1.00 26.30 ? 1704 HOH A O   1 
HETATM 1146 O O   . HOH C 3 .   ? 4.792   11.026  -11.575 1.00 25.49 ? 1705 HOH A O   1 
HETATM 1147 O O   . HOH C 3 .   ? 4.045   18.293  6.722   1.00 45.56 ? 1706 HOH A O   1 
HETATM 1148 O O   . HOH C 3 .   ? 7.273   -0.934  -12.106 1.00 31.02 ? 1707 HOH A O   1 
HETATM 1149 O O   . HOH C 3 .   ? -2.898  -25.522 2.590   1.00 14.12 ? 1708 HOH A O   1 
HETATM 1150 O O   . HOH C 3 .   ? 3.049   -15.115 -4.297  1.00 27.38 ? 1709 HOH A O   1 
HETATM 1151 O O   . HOH C 3 .   ? 8.761   9.087   -10.697 1.00 58.96 ? 1710 HOH A O   1 
HETATM 1152 O O   . HOH C 3 .   ? 10.563  10.093  -5.739  1.00 27.17 ? 1711 HOH A O   1 
HETATM 1153 O O   . HOH C 3 .   ? 4.791   -18.093 -1.844  1.00 19.18 ? 1712 HOH A O   1 
HETATM 1154 O O   . HOH C 3 .   ? -0.037  2.270   -12.187 1.00 20.95 ? 1713 HOH A O   1 
HETATM 1155 O O   . HOH C 3 .   ? 6.400   -21.787 -0.737  1.00 26.71 ? 1714 HOH A O   1 
HETATM 1156 O O   . HOH C 3 .   ? -12.132 3.670   -5.725  1.00 25.57 ? 1715 HOH A O   1 
HETATM 1157 O O   . HOH C 3 .   ? 0.558   10.984  4.241   1.00 19.26 ? 1716 HOH A O   1 
HETATM 1158 O O   . HOH C 3 .   ? 11.338  3.491   3.244   1.00 29.85 ? 1717 HOH A O   1 
HETATM 1159 O O   . HOH C 3 .   ? -5.829  10.405  14.218  1.00 36.49 ? 1718 HOH A O   1 
HETATM 1160 O O   . HOH C 3 .   ? 9.650   7.296   -11.106 1.00 31.11 ? 1719 HOH A O   1 
HETATM 1161 O O   . HOH C 3 .   ? 4.271   -16.390 2.633   1.00 12.38 ? 1720 HOH A O   1 
HETATM 1162 O O   . HOH C 3 .   ? -3.896  -10.973 -10.835 1.00 28.53 ? 1721 HOH A O   1 
HETATM 1163 O O   . HOH C 3 .   ? -12.311 18.841  10.016  1.00 55.65 ? 1722 HOH A O   1 
HETATM 1164 O O   . HOH C 3 .   ? 10.722  -16.958 3.112   1.00 19.16 ? 1723 HOH A O   1 
HETATM 1165 O O   . HOH C 3 .   ? -3.626  -14.166 -8.278  1.00 29.45 ? 1724 HOH A O   1 
HETATM 1166 O O   . HOH C 3 .   ? 0.693   -22.319 -1.292  1.00 38.52 ? 1725 HOH A O   1 
HETATM 1167 O O   . HOH C 3 .   ? -11.460 20.966  1.547   1.00 31.35 ? 1726 HOH A O   1 
HETATM 1168 O O   . HOH C 3 .   ? -7.321  -4.699  3.745   1.00 13.40 ? 1727 HOH A O   1 
HETATM 1169 O O   . HOH C 3 .   ? 3.280   14.812  -15.738 1.00 26.83 ? 1728 HOH A O   1 
HETATM 1170 O O   . HOH C 3 .   ? -9.690  9.749   7.161   1.00 24.22 ? 1729 HOH A O   1 
HETATM 1171 O O   . HOH C 3 .   ? 6.517   -16.514 10.742  1.00 20.54 ? 1730 HOH A O   1 
HETATM 1172 O O   . HOH C 3 .   ? 10.315  8.298   -14.503 1.00 25.63 ? 1731 HOH A O   1 
HETATM 1173 O O   . HOH C 3 .   ? 6.880   -14.143 8.423   1.00 19.29 ? 1732 HOH A O   1 
HETATM 1174 O O   . HOH C 3 .   ? 12.945  -3.436  0.602   1.00 31.02 ? 1733 HOH A O   1 
HETATM 1175 O O   . HOH C 3 .   ? 11.480  4.276   0.691   1.00 30.76 ? 1734 HOH A O   1 
HETATM 1176 O O   . HOH C 3 .   ? 8.807   -13.262 6.828   1.00 14.52 ? 1735 HOH A O   1 
HETATM 1177 O O   . HOH C 3 .   ? -1.743  2.077   10.159  1.00 34.73 ? 1736 HOH A O   1 
HETATM 1178 O O   . HOH C 3 .   ? 5.828   3.991   -14.892 1.00 26.30 ? 1737 HOH A O   1 
HETATM 1179 O O   . HOH C 3 .   ? 13.391  -9.893  4.058   1.00 32.95 ? 1738 HOH A O   1 
HETATM 1180 O O   . HOH C 3 .   ? -4.714  16.134  -8.573  1.00 13.36 ? 1739 HOH A O   1 
HETATM 1181 O O   . HOH C 3 .   ? -8.090  -9.399  -0.926  1.00 26.31 ? 1740 HOH A O   1 
HETATM 1182 O O   . HOH C 3 .   ? -15.769 5.844   -7.164  1.00 29.95 ? 1741 HOH A O   1 
HETATM 1183 O O   . HOH C 3 .   ? 8.026   12.074  -3.216  1.00 32.00 ? 1742 HOH A O   1 
HETATM 1184 O O   . HOH C 3 .   ? -17.316 7.683   -3.994  1.00 34.13 ? 1743 HOH A O   1 
HETATM 1185 O O   . HOH C 3 .   ? -7.555  -11.080 4.621   1.00 31.72 ? 1744 HOH A O   1 
HETATM 1186 O O   . HOH C 3 .   ? -9.594  7.523   -13.547 1.00 22.60 ? 1745 HOH A O   1 
HETATM 1187 O O   . HOH C 3 .   ? 7.787   2.299   10.543  1.00 43.10 ? 1746 HOH A O   1 
HETATM 1188 O O   . HOH C 3 .   ? 2.812   8.854   -14.311 1.00 46.73 ? 1747 HOH A O   1 
HETATM 1189 O O   . HOH C 3 .   ? -5.541  21.447  -1.902  1.00 42.43 ? 1748 HOH A O   1 
HETATM 1190 O O   . HOH C 3 .   ? -7.686  -9.215  1.227   1.00 41.35 ? 1749 HOH A O   1 
HETATM 1191 O O   . HOH C 3 .   ? -7.039  17.255  -7.268  1.00 32.17 ? 1750 HOH A O   1 
HETATM 1192 O O   . HOH C 3 .   ? 11.958  7.187   -8.934  1.00 29.35 ? 1751 HOH A O   1 
HETATM 1193 O O   . HOH C 3 .   ? -3.294  -27.780 4.339   1.00 15.31 ? 1752 HOH A O   1 
HETATM 1194 O O   . HOH C 3 .   ? -4.773  -7.332  8.652   1.00 31.13 ? 1753 HOH A O   1 
HETATM 1195 O O   . HOH C 3 .   ? -4.282  -20.508 8.934   1.00 30.14 ? 1754 HOH A O   1 
HETATM 1196 O O   . HOH C 3 .   ? -10.213 3.320   -1.792  1.00 13.24 ? 1755 HOH A O   1 
HETATM 1197 O O   . HOH C 3 .   ? -9.046  18.201  -11.824 1.00 47.59 ? 1756 HOH A O   1 
HETATM 1198 O O   . HOH C 3 .   ? 10.107  10.153  -3.120  1.00 37.71 ? 1757 HOH A O   1 
HETATM 1199 O O   . HOH C 3 .   ? 12.628  9.339   -7.739  1.00 29.47 ? 1758 HOH A O   1 
HETATM 1200 O O   . HOH C 3 .   ? -5.663  -27.833 5.965   1.00 46.89 ? 1759 HOH A O   1 
HETATM 1201 O O   . HOH C 3 .   ? 2.628   5.651   -15.727 1.00 36.47 ? 1760 HOH A O   1 
HETATM 1202 O O   . HOH C 3 .   ? -7.102  -26.159 3.873   1.00 22.10 ? 1761 HOH A O   1 
HETATM 1203 O O   . HOH C 3 .   ? 9.627   11.958  -9.637  1.00 48.97 ? 1762 HOH A O   1 
HETATM 1204 O O   . HOH C 3 .   ? -8.394  -0.390  -2.430  1.00 20.17 ? 1763 HOH A O   1 
HETATM 1205 O O   . HOH C 3 .   ? -6.630  -10.515 -3.150  1.00 17.81 ? 1764 HOH A O   1 
HETATM 1206 O O   . HOH C 3 .   ? 1.830   13.171  7.811   1.00 40.11 ? 1765 HOH A O   1 
HETATM 1207 O O   . HOH C 3 .   ? -14.216 8.577   0.035   1.00 30.43 ? 1766 HOH A O   1 
HETATM 1208 O O   . HOH C 3 .   ? -8.215  3.431   -13.262 1.00 25.33 ? 1767 HOH A O   1 
HETATM 1209 O O   . HOH C 3 .   ? -6.065  -8.980  3.077   1.00 24.93 ? 1768 HOH A O   1 
HETATM 1210 O O   . HOH C 3 .   ? -9.680  0.157   8.830   1.00 32.03 ? 1769 HOH A O   1 
HETATM 1211 O O   . HOH C 3 .   ? 2.891   9.985   7.968   1.00 30.06 ? 1770 HOH A O   1 
HETATM 1212 O O   . HOH C 3 .   ? 12.492  -12.268 4.217   1.00 19.65 ? 1771 HOH A O   1 
HETATM 1213 O O   . HOH C 3 .   ? 11.688  -15.449 0.876   1.00 25.11 ? 1772 HOH A O   1 
HETATM 1214 O O   . HOH C 3 .   ? 7.077   11.430  -11.111 1.00 42.38 ? 1773 HOH A O   1 
HETATM 1215 O O   . HOH C 3 .   ? -7.097  -7.164  6.990   1.00 29.00 ? 1774 HOH A O   1 
HETATM 1216 O O   . HOH C 3 .   ? -9.704  3.715   -4.521  1.00 13.90 ? 1775 HOH A O   1 
HETATM 1217 O O   . HOH C 3 .   ? -12.285 21.618  10.424  1.00 33.45 ? 1776 HOH A O   1 
HETATM 1218 O O   . HOH C 3 .   ? -7.182  0.918   7.558   1.00 24.04 ? 1777 HOH A O   1 
HETATM 1219 O O   . HOH C 3 .   ? -13.400 7.101   -11.102 1.00 33.18 ? 1778 HOH A O   1 
HETATM 1220 O O   . HOH C 3 .   ? -5.885  -22.983 9.451   1.00 34.83 ? 1779 HOH A O   1 
HETATM 1221 O O   . HOH C 3 .   ? 6.588   15.450  -11.357 1.00 44.03 ? 1780 HOH A O   1 
HETATM 1222 O O   . HOH C 3 .   ? -9.129  -25.091 5.634   1.00 40.41 ? 1781 HOH A O   1 
HETATM 1223 O O   . HOH C 3 .   ? -12.885 2.816   -8.156  1.00 38.05 ? 1782 HOH A O   1 
HETATM 1224 O O   . HOH C 3 .   ? 11.781  -13.648 7.200   0.50 9.08  ? 1783 HOH A O   1 
HETATM 1225 O O   . HOH C 3 .   ? -8.574  -3.738  -8.498  1.00 27.49 ? 1784 HOH A O   1 
HETATM 1226 O O   . HOH C 3 .   ? 2.439   3.750   10.754  1.00 40.33 ? 1785 HOH A O   1 
HETATM 1227 O O   . HOH C 3 .   ? -8.416  -21.489 7.295   1.00 46.67 ? 1786 HOH A O   1 
HETATM 1228 O O   . HOH C 3 .   ? -3.667  -15.300 9.847   1.00 22.97 ? 1787 HOH A O   1 
HETATM 1229 O O   . HOH C 3 .   ? -10.632 0.916   -10.566 1.00 67.25 ? 1788 HOH A O   1 
HETATM 1230 O O   . HOH C 3 .   ? -4.102  -16.285 7.280   1.00 22.15 ? 1789 HOH A O   1 
# 
